data_3DUE
# 
_entry.id   3DUE 
# 
_audit_conform.dict_name       mmcif_pdbx.dic 
_audit_conform.dict_version    5.397 
_audit_conform.dict_location   http://mmcif.pdb.org/dictionaries/ascii/mmcif_pdbx.dic 
# 
loop_
_database_2.database_id 
_database_2.database_code 
_database_2.pdbx_database_accession 
_database_2.pdbx_DOI 
PDB   3DUE         pdb_00003due 10.2210/pdb3due/pdb 
RCSB  RCSB048500   ?            ?                   
WWPDB D_1000048500 ?            ?                   
# 
loop_
_pdbx_audit_revision_history.ordinal 
_pdbx_audit_revision_history.data_content_type 
_pdbx_audit_revision_history.major_revision 
_pdbx_audit_revision_history.minor_revision 
_pdbx_audit_revision_history.revision_date 
1 'Structure model' 1 0 2008-08-05 
2 'Structure model' 1 1 2011-07-13 
3 'Structure model' 1 2 2017-10-25 
4 'Structure model' 1 3 2019-07-24 
5 'Structure model' 1 4 2023-02-01 
6 'Structure model' 1 5 2024-10-09 
# 
_pdbx_audit_revision_details.ordinal             1 
_pdbx_audit_revision_details.revision_ordinal    1 
_pdbx_audit_revision_details.data_content_type   'Structure model' 
_pdbx_audit_revision_details.provider            repository 
_pdbx_audit_revision_details.type                'Initial release' 
_pdbx_audit_revision_details.description         ? 
_pdbx_audit_revision_details.details             ? 
# 
loop_
_pdbx_audit_revision_group.ordinal 
_pdbx_audit_revision_group.revision_ordinal 
_pdbx_audit_revision_group.data_content_type 
_pdbx_audit_revision_group.group 
1  2 'Structure model' Advisory                    
2  2 'Structure model' 'Version format compliance' 
3  3 'Structure model' 'Refinement description'    
4  4 'Structure model' 'Data collection'           
5  4 'Structure model' 'Derived calculations'      
6  4 'Structure model' 'Refinement description'    
7  5 'Structure model' 'Database references'       
8  5 'Structure model' 'Derived calculations'      
9  6 'Structure model' 'Data collection'           
10 6 'Structure model' 'Structure summary'         
# 
loop_
_pdbx_audit_revision_category.ordinal 
_pdbx_audit_revision_category.revision_ordinal 
_pdbx_audit_revision_category.data_content_type 
_pdbx_audit_revision_category.category 
1  3 'Structure model' software                  
2  4 'Structure model' software                  
3  4 'Structure model' struct_conn               
4  5 'Structure model' database_2                
5  5 'Structure model' struct_ref_seq_dif        
6  5 'Structure model' struct_site               
7  6 'Structure model' chem_comp_atom            
8  6 'Structure model' chem_comp_bond            
9  6 'Structure model' pdbx_entry_details        
10 6 'Structure model' pdbx_modification_feature 
# 
loop_
_pdbx_audit_revision_item.ordinal 
_pdbx_audit_revision_item.revision_ordinal 
_pdbx_audit_revision_item.data_content_type 
_pdbx_audit_revision_item.item 
1  3 'Structure model' '_software.classification'                     
2  3 'Structure model' '_software.name'                               
3  4 'Structure model' '_software.classification'                     
4  4 'Structure model' '_software.contact_author'                     
5  4 'Structure model' '_software.contact_author_email'               
6  4 'Structure model' '_software.language'                           
7  4 'Structure model' '_software.location'                           
8  4 'Structure model' '_software.name'                               
9  4 'Structure model' '_software.type'                               
10 4 'Structure model' '_software.version'                            
11 4 'Structure model' '_struct_conn.pdbx_leaving_atom_flag'          
12 5 'Structure model' '_database_2.pdbx_DOI'                         
13 5 'Structure model' '_database_2.pdbx_database_accession'          
14 5 'Structure model' '_struct_ref_seq_dif.details'                  
15 5 'Structure model' '_struct_site.pdbx_auth_asym_id'               
16 5 'Structure model' '_struct_site.pdbx_auth_comp_id'               
17 5 'Structure model' '_struct_site.pdbx_auth_seq_id'                
18 6 'Structure model' '_pdbx_entry_details.has_protein_modification' 
# 
_pdbx_database_status.SG_entry                        Y 
_pdbx_database_status.entry_id                        3DUE 
_pdbx_database_status.deposit_site                    RCSB 
_pdbx_database_status.process_site                    RCSB 
_pdbx_database_status.recvd_initial_deposition_date   2008-07-17 
_pdbx_database_status.status_code                     REL 
_pdbx_database_status.status_code_sf                  REL 
_pdbx_database_status.status_code_mr                  ? 
_pdbx_database_status.status_code_cs                  ? 
_pdbx_database_status.pdb_format_compatible           Y 
_pdbx_database_status.methods_development_category    ? 
_pdbx_database_status.status_code_nmr_data            ? 
# 
_pdbx_database_related.db_name        TargetDB 
_pdbx_database_related.db_id          390185 
_pdbx_database_related.details        . 
_pdbx_database_related.content_type   unspecified 
# 
_audit_author.name           'Joint Center for Structural Genomics (JCSG)' 
_audit_author.pdbx_ordinal   1 
# 
_citation.id                        primary 
_citation.title                     
;The structure of BVU2987 from Bacteroides vulgatus reveals a superfamily of bacterial periplasmic proteins with possible inhibitory function.
;
_citation.journal_abbrev            'Acta Crystallogr.,Sect.F' 
_citation.journal_volume            66 
_citation.page_first                1265 
_citation.page_last                 1273 
_citation.year                      2010 
_citation.journal_id_ASTM           ? 
_citation.country                   DK 
_citation.journal_id_ISSN           1744-3091 
_citation.journal_id_CSD            ? 
_citation.book_publisher            ? 
_citation.pdbx_database_id_PubMed   20944221 
_citation.pdbx_database_id_DOI      10.1107/S1744309109046788 
# 
loop_
_citation_author.citation_id 
_citation_author.name 
_citation_author.ordinal 
_citation_author.identifier_ORCID 
primary 'Das, D.'           1  ? 
primary 'Finn, R.D.'        2  ? 
primary 'Carlton, D.'       3  ? 
primary 'Miller, M.D.'      4  ? 
primary 'Abdubek, P.'       5  ? 
primary 'Astakhova, T.'     6  ? 
primary 'Axelrod, H.L.'     7  ? 
primary 'Bakolitsa, C.'     8  ? 
primary 'Chen, C.'          9  ? 
primary 'Chiu, H.J.'        10 ? 
primary 'Chiu, M.'          11 ? 
primary 'Clayton, T.'       12 ? 
primary 'Deller, M.C.'      13 ? 
primary 'Duan, L.'          14 ? 
primary 'Ellrott, K.'       15 ? 
primary 'Ernst, D.'         16 ? 
primary 'Farr, C.L.'        17 ? 
primary 'Feuerhelm, J.'     18 ? 
primary 'Grant, J.C.'       19 ? 
primary 'Grzechnik, A.'     20 ? 
primary 'Han, G.W.'         21 ? 
primary 'Jaroszewski, L.'   22 ? 
primary 'Jin, K.K.'         23 ? 
primary 'Klock, H.E.'       24 ? 
primary 'Knuth, M.W.'       25 ? 
primary 'Kozbial, P.'       26 ? 
primary 'Krishna, S.S.'     27 ? 
primary 'Kumar, A.'         28 ? 
primary 'Marciano, D.'      29 ? 
primary 'McMullan, D.'      30 ? 
primary 'Morse, A.T.'       31 ? 
primary 'Nigoghossian, E.'  32 ? 
primary 'Nopakun, A.'       33 ? 
primary 'Okach, L.'         34 ? 
primary 'Puckett, C.'       35 ? 
primary 'Reyes, R.'         36 ? 
primary 'Rife, C.L.'        37 ? 
primary 'Sefcovic, N.'      38 ? 
primary 'Tien, H.J.'        39 ? 
primary 'Trame, C.B.'       40 ? 
primary 'van den Bedem, H.' 41 ? 
primary 'Weekes, D.'        42 ? 
primary 'Wooten, T.'        43 ? 
primary 'Xu, Q.'            44 ? 
primary 'Hodgson, K.O.'     45 ? 
primary 'Wooley, J.'        46 ? 
primary 'Elsliger, M.A.'    47 ? 
primary 'Deacon, A.M.'      48 ? 
primary 'Godzik, A.'        49 ? 
primary 'Lesley, S.A.'      50 ? 
primary 'Wilson, I.A.'      51 ? 
# 
loop_
_entity.id 
_entity.type 
_entity.src_method 
_entity.pdbx_description 
_entity.formula_weight 
_entity.pdbx_number_of_molecules 
_entity.pdbx_ec 
_entity.pdbx_mutation 
_entity.pdbx_fragment 
_entity.details 
1 polymer     man 'Putative periplasmic protein' 14889.206 1   ? ? ? ? 
2 non-polymer syn 'CACODYLATE ION'               136.989   1   ? ? ? ? 
3 water       nat water                          18.015    133 ? ? ? ? 
# 
_entity_poly.entity_id                      1 
_entity_poly.type                           'polypeptide(L)' 
_entity_poly.nstd_linkage                   no 
_entity_poly.nstd_monomer                   yes 
_entity_poly.pdbx_seq_one_letter_code       
;GADDDKPIQVNQLPQTAQTFIKTHFPDNKVA(MSE)AK(MSE)ETDWFDKSYDVIFTNGDKLEFDKKGIWTEVNCKYSAV
PVAVVPDAIKKYVATNYPDAK(MSE)LKIERDKHDYEVKLSNGWEIKFD(MSE)QFNVIDIDN
;
_entity_poly.pdbx_seq_one_letter_code_can   
;GADDDKPIQVNQLPQTAQTFIKTHFPDNKVAMAKMETDWFDKSYDVIFTNGDKLEFDKKGIWTEVNCKYSAVPVAVVPDA
IKKYVATNYPDAKMLKIERDKHDYEVKLSNGWEIKFDMQFNVIDIDN
;
_entity_poly.pdbx_strand_id                 A 
_entity_poly.pdbx_target_identifier         390185 
# 
loop_
_pdbx_entity_nonpoly.entity_id 
_pdbx_entity_nonpoly.name 
_pdbx_entity_nonpoly.comp_id 
2 'CACODYLATE ION' CAC 
3 water            HOH 
# 
loop_
_entity_poly_seq.entity_id 
_entity_poly_seq.num 
_entity_poly_seq.mon_id 
_entity_poly_seq.hetero 
1 1   GLY n 
1 2   ALA n 
1 3   ASP n 
1 4   ASP n 
1 5   ASP n 
1 6   LYS n 
1 7   PRO n 
1 8   ILE n 
1 9   GLN n 
1 10  VAL n 
1 11  ASN n 
1 12  GLN n 
1 13  LEU n 
1 14  PRO n 
1 15  GLN n 
1 16  THR n 
1 17  ALA n 
1 18  GLN n 
1 19  THR n 
1 20  PHE n 
1 21  ILE n 
1 22  LYS n 
1 23  THR n 
1 24  HIS n 
1 25  PHE n 
1 26  PRO n 
1 27  ASP n 
1 28  ASN n 
1 29  LYS n 
1 30  VAL n 
1 31  ALA n 
1 32  MSE n 
1 33  ALA n 
1 34  LYS n 
1 35  MSE n 
1 36  GLU n 
1 37  THR n 
1 38  ASP n 
1 39  TRP n 
1 40  PHE n 
1 41  ASP n 
1 42  LYS n 
1 43  SER n 
1 44  TYR n 
1 45  ASP n 
1 46  VAL n 
1 47  ILE n 
1 48  PHE n 
1 49  THR n 
1 50  ASN n 
1 51  GLY n 
1 52  ASP n 
1 53  LYS n 
1 54  LEU n 
1 55  GLU n 
1 56  PHE n 
1 57  ASP n 
1 58  LYS n 
1 59  LYS n 
1 60  GLY n 
1 61  ILE n 
1 62  TRP n 
1 63  THR n 
1 64  GLU n 
1 65  VAL n 
1 66  ASN n 
1 67  CYS n 
1 68  LYS n 
1 69  TYR n 
1 70  SER n 
1 71  ALA n 
1 72  VAL n 
1 73  PRO n 
1 74  VAL n 
1 75  ALA n 
1 76  VAL n 
1 77  VAL n 
1 78  PRO n 
1 79  ASP n 
1 80  ALA n 
1 81  ILE n 
1 82  LYS n 
1 83  LYS n 
1 84  TYR n 
1 85  VAL n 
1 86  ALA n 
1 87  THR n 
1 88  ASN n 
1 89  TYR n 
1 90  PRO n 
1 91  ASP n 
1 92  ALA n 
1 93  LYS n 
1 94  MSE n 
1 95  LEU n 
1 96  LYS n 
1 97  ILE n 
1 98  GLU n 
1 99  ARG n 
1 100 ASP n 
1 101 LYS n 
1 102 HIS n 
1 103 ASP n 
1 104 TYR n 
1 105 GLU n 
1 106 VAL n 
1 107 LYS n 
1 108 LEU n 
1 109 SER n 
1 110 ASN n 
1 111 GLY n 
1 112 TRP n 
1 113 GLU n 
1 114 ILE n 
1 115 LYS n 
1 116 PHE n 
1 117 ASP n 
1 118 MSE n 
1 119 GLN n 
1 120 PHE n 
1 121 ASN n 
1 122 VAL n 
1 123 ILE n 
1 124 ASP n 
1 125 ILE n 
1 126 ASP n 
1 127 ASN n 
# 
_entity_src_gen.entity_id                          1 
_entity_src_gen.pdbx_src_id                        1 
_entity_src_gen.pdbx_alt_source_flag               sample 
_entity_src_gen.pdbx_seq_type                      ? 
_entity_src_gen.pdbx_beg_seq_num                   ? 
_entity_src_gen.pdbx_end_seq_num                   ? 
_entity_src_gen.gene_src_common_name               ? 
_entity_src_gen.gene_src_genus                     ? 
_entity_src_gen.pdbx_gene_src_gene                 'YP_001300247.1, BVU_2987' 
_entity_src_gen.gene_src_species                   ? 
_entity_src_gen.gene_src_strain                    ? 
_entity_src_gen.gene_src_tissue                    ? 
_entity_src_gen.gene_src_tissue_fraction           ? 
_entity_src_gen.gene_src_details                   ? 
_entity_src_gen.pdbx_gene_src_fragment             ? 
_entity_src_gen.pdbx_gene_src_scientific_name      'Bacteroides vulgatus ATCC 8482' 
_entity_src_gen.pdbx_gene_src_ncbi_taxonomy_id     435590 
_entity_src_gen.pdbx_gene_src_variant              ? 
_entity_src_gen.pdbx_gene_src_cell_line            ? 
_entity_src_gen.pdbx_gene_src_atcc                 8482 
_entity_src_gen.pdbx_gene_src_organ                ? 
_entity_src_gen.pdbx_gene_src_organelle            ? 
_entity_src_gen.pdbx_gene_src_cell                 ? 
_entity_src_gen.pdbx_gene_src_cellular_location    ? 
_entity_src_gen.host_org_common_name               ? 
_entity_src_gen.pdbx_host_org_scientific_name      'Escherichia coli' 
_entity_src_gen.pdbx_host_org_ncbi_taxonomy_id     562 
_entity_src_gen.host_org_genus                     ? 
_entity_src_gen.pdbx_host_org_gene                 ? 
_entity_src_gen.pdbx_host_org_organ                ? 
_entity_src_gen.host_org_species                   ? 
_entity_src_gen.pdbx_host_org_tissue               ? 
_entity_src_gen.pdbx_host_org_tissue_fraction      ? 
_entity_src_gen.pdbx_host_org_strain               HK100 
_entity_src_gen.pdbx_host_org_variant              ? 
_entity_src_gen.pdbx_host_org_cell_line            ? 
_entity_src_gen.pdbx_host_org_atcc                 ? 
_entity_src_gen.pdbx_host_org_culture_collection   ? 
_entity_src_gen.pdbx_host_org_cell                 ? 
_entity_src_gen.pdbx_host_org_organelle            ? 
_entity_src_gen.pdbx_host_org_cellular_location    ? 
_entity_src_gen.pdbx_host_org_vector_type          Plasmid 
_entity_src_gen.pdbx_host_org_vector               ? 
_entity_src_gen.host_org_details                   ? 
_entity_src_gen.expression_system_id               ? 
_entity_src_gen.plasmid_name                       SpeedET 
_entity_src_gen.plasmid_details                    ? 
_entity_src_gen.pdbx_description                   ? 
# 
loop_
_chem_comp.id 
_chem_comp.type 
_chem_comp.mon_nstd_flag 
_chem_comp.name 
_chem_comp.pdbx_synonyms 
_chem_comp.formula 
_chem_comp.formula_weight 
ALA 'L-peptide linking' y ALANINE          ?                'C3 H7 N O2'     89.093  
ARG 'L-peptide linking' y ARGININE         ?                'C6 H15 N4 O2 1' 175.209 
ASN 'L-peptide linking' y ASPARAGINE       ?                'C4 H8 N2 O3'    132.118 
ASP 'L-peptide linking' y 'ASPARTIC ACID'  ?                'C4 H7 N O4'     133.103 
CAC non-polymer         . 'CACODYLATE ION' dimethylarsinate 'C2 H6 As O2 -1' 136.989 
CYS 'L-peptide linking' y CYSTEINE         ?                'C3 H7 N O2 S'   121.158 
GLN 'L-peptide linking' y GLUTAMINE        ?                'C5 H10 N2 O3'   146.144 
GLU 'L-peptide linking' y 'GLUTAMIC ACID'  ?                'C5 H9 N O4'     147.129 
GLY 'peptide linking'   y GLYCINE          ?                'C2 H5 N O2'     75.067  
HIS 'L-peptide linking' y HISTIDINE        ?                'C6 H10 N3 O2 1' 156.162 
HOH non-polymer         . WATER            ?                'H2 O'           18.015  
ILE 'L-peptide linking' y ISOLEUCINE       ?                'C6 H13 N O2'    131.173 
LEU 'L-peptide linking' y LEUCINE          ?                'C6 H13 N O2'    131.173 
LYS 'L-peptide linking' y LYSINE           ?                'C6 H15 N2 O2 1' 147.195 
MSE 'L-peptide linking' n SELENOMETHIONINE ?                'C5 H11 N O2 Se' 196.106 
PHE 'L-peptide linking' y PHENYLALANINE    ?                'C9 H11 N O2'    165.189 
PRO 'L-peptide linking' y PROLINE          ?                'C5 H9 N O2'     115.130 
SER 'L-peptide linking' y SERINE           ?                'C3 H7 N O3'     105.093 
THR 'L-peptide linking' y THREONINE        ?                'C4 H9 N O3'     119.119 
TRP 'L-peptide linking' y TRYPTOPHAN       ?                'C11 H12 N2 O2'  204.225 
TYR 'L-peptide linking' y TYROSINE         ?                'C9 H11 N O3'    181.189 
VAL 'L-peptide linking' y VALINE           ?                'C5 H11 N O2'    117.146 
# 
loop_
_pdbx_poly_seq_scheme.asym_id 
_pdbx_poly_seq_scheme.entity_id 
_pdbx_poly_seq_scheme.seq_id 
_pdbx_poly_seq_scheme.mon_id 
_pdbx_poly_seq_scheme.ndb_seq_num 
_pdbx_poly_seq_scheme.pdb_seq_num 
_pdbx_poly_seq_scheme.auth_seq_num 
_pdbx_poly_seq_scheme.pdb_mon_id 
_pdbx_poly_seq_scheme.auth_mon_id 
_pdbx_poly_seq_scheme.pdb_strand_id 
_pdbx_poly_seq_scheme.pdb_ins_code 
_pdbx_poly_seq_scheme.hetero 
A 1 1   GLY 1   0   0   GLY GLY A . n 
A 1 2   ALA 2   20  20  ALA ALA A . n 
A 1 3   ASP 3   21  21  ASP ASP A . n 
A 1 4   ASP 4   22  22  ASP ASP A . n 
A 1 5   ASP 5   23  23  ASP ASP A . n 
A 1 6   LYS 6   24  24  LYS LYS A . n 
A 1 7   PRO 7   25  25  PRO PRO A . n 
A 1 8   ILE 8   26  26  ILE ILE A . n 
A 1 9   GLN 9   27  27  GLN GLN A . n 
A 1 10  VAL 10  28  28  VAL VAL A . n 
A 1 11  ASN 11  29  29  ASN ASN A . n 
A 1 12  GLN 12  30  30  GLN GLN A . n 
A 1 13  LEU 13  31  31  LEU LEU A . n 
A 1 14  PRO 14  32  32  PRO PRO A . n 
A 1 15  GLN 15  33  33  GLN GLN A . n 
A 1 16  THR 16  34  34  THR THR A . n 
A 1 17  ALA 17  35  35  ALA ALA A . n 
A 1 18  GLN 18  36  36  GLN GLN A . n 
A 1 19  THR 19  37  37  THR THR A . n 
A 1 20  PHE 20  38  38  PHE PHE A . n 
A 1 21  ILE 21  39  39  ILE ILE A . n 
A 1 22  LYS 22  40  40  LYS LYS A . n 
A 1 23  THR 23  41  41  THR THR A . n 
A 1 24  HIS 24  42  42  HIS HIS A . n 
A 1 25  PHE 25  43  43  PHE PHE A . n 
A 1 26  PRO 26  44  44  PRO PRO A . n 
A 1 27  ASP 27  45  45  ASP ASP A . n 
A 1 28  ASN 28  46  46  ASN ASN A . n 
A 1 29  LYS 29  47  47  LYS LYS A . n 
A 1 30  VAL 30  48  48  VAL VAL A . n 
A 1 31  ALA 31  49  49  ALA ALA A . n 
A 1 32  MSE 32  50  50  MSE MSE A . n 
A 1 33  ALA 33  51  51  ALA ALA A . n 
A 1 34  LYS 34  52  52  LYS LYS A . n 
A 1 35  MSE 35  53  53  MSE MSE A . n 
A 1 36  GLU 36  54  54  GLU GLU A . n 
A 1 37  THR 37  55  55  THR THR A . n 
A 1 38  ASP 38  56  56  ASP ASP A . n 
A 1 39  TRP 39  57  57  TRP TRP A . n 
A 1 40  PHE 40  58  58  PHE PHE A . n 
A 1 41  ASP 41  59  59  ASP ASP A . n 
A 1 42  LYS 42  60  60  LYS LYS A . n 
A 1 43  SER 43  61  61  SER SER A . n 
A 1 44  TYR 44  62  62  TYR TYR A . n 
A 1 45  ASP 45  63  63  ASP ASP A . n 
A 1 46  VAL 46  64  64  VAL VAL A . n 
A 1 47  ILE 47  65  65  ILE ILE A . n 
A 1 48  PHE 48  66  66  PHE PHE A . n 
A 1 49  THR 49  67  67  THR THR A . n 
A 1 50  ASN 50  68  68  ASN ASN A . n 
A 1 51  GLY 51  69  69  GLY GLY A . n 
A 1 52  ASP 52  70  70  ASP ASP A . n 
A 1 53  LYS 53  71  71  LYS LYS A . n 
A 1 54  LEU 54  72  72  LEU LEU A . n 
A 1 55  GLU 55  73  73  GLU GLU A . n 
A 1 56  PHE 56  74  74  PHE PHE A . n 
A 1 57  ASP 57  75  75  ASP ASP A . n 
A 1 58  LYS 58  76  76  LYS LYS A . n 
A 1 59  LYS 59  77  77  LYS LYS A . n 
A 1 60  GLY 60  78  78  GLY GLY A . n 
A 1 61  ILE 61  79  79  ILE ILE A . n 
A 1 62  TRP 62  80  80  TRP TRP A . n 
A 1 63  THR 63  81  81  THR THR A . n 
A 1 64  GLU 64  82  82  GLU GLU A . n 
A 1 65  VAL 65  83  83  VAL VAL A . n 
A 1 66  ASN 66  84  84  ASN ASN A . n 
A 1 67  CYS 67  85  85  CYS CYS A . n 
A 1 68  LYS 68  86  86  LYS LYS A . n 
A 1 69  TYR 69  87  87  TYR TYR A . n 
A 1 70  SER 70  88  88  SER SER A . n 
A 1 71  ALA 71  89  89  ALA ALA A . n 
A 1 72  VAL 72  90  90  VAL VAL A . n 
A 1 73  PRO 73  91  91  PRO PRO A . n 
A 1 74  VAL 74  92  92  VAL VAL A . n 
A 1 75  ALA 75  93  93  ALA ALA A . n 
A 1 76  VAL 76  94  94  VAL VAL A . n 
A 1 77  VAL 77  95  95  VAL VAL A . n 
A 1 78  PRO 78  96  96  PRO PRO A . n 
A 1 79  ASP 79  97  97  ASP ASP A . n 
A 1 80  ALA 80  98  98  ALA ALA A . n 
A 1 81  ILE 81  99  99  ILE ILE A . n 
A 1 82  LYS 82  100 100 LYS LYS A . n 
A 1 83  LYS 83  101 101 LYS LYS A . n 
A 1 84  TYR 84  102 102 TYR TYR A . n 
A 1 85  VAL 85  103 103 VAL VAL A . n 
A 1 86  ALA 86  104 104 ALA ALA A . n 
A 1 87  THR 87  105 105 THR THR A . n 
A 1 88  ASN 88  106 106 ASN ASN A . n 
A 1 89  TYR 89  107 107 TYR TYR A . n 
A 1 90  PRO 90  108 108 PRO PRO A . n 
A 1 91  ASP 91  109 109 ASP ASP A . n 
A 1 92  ALA 92  110 110 ALA ALA A . n 
A 1 93  LYS 93  111 111 LYS LYS A . n 
A 1 94  MSE 94  112 112 MSE MSE A . n 
A 1 95  LEU 95  113 113 LEU LEU A . n 
A 1 96  LYS 96  114 114 LYS LYS A . n 
A 1 97  ILE 97  115 115 ILE ILE A . n 
A 1 98  GLU 98  116 116 GLU GLU A . n 
A 1 99  ARG 99  117 117 ARG ARG A . n 
A 1 100 ASP 100 118 118 ASP ASP A . n 
A 1 101 LYS 101 119 119 LYS LYS A . n 
A 1 102 HIS 102 120 120 HIS HIS A . n 
A 1 103 ASP 103 121 121 ASP ASP A . n 
A 1 104 TYR 104 122 122 TYR TYR A . n 
A 1 105 GLU 105 123 123 GLU GLU A . n 
A 1 106 VAL 106 124 124 VAL VAL A . n 
A 1 107 LYS 107 125 125 LYS LYS A . n 
A 1 108 LEU 108 126 126 LEU LEU A . n 
A 1 109 SER 109 127 127 SER SER A . n 
A 1 110 ASN 110 128 128 ASN ASN A . n 
A 1 111 GLY 111 129 129 GLY GLY A . n 
A 1 112 TRP 112 130 130 TRP TRP A . n 
A 1 113 GLU 113 131 131 GLU GLU A . n 
A 1 114 ILE 114 132 132 ILE ILE A . n 
A 1 115 LYS 115 133 133 LYS LYS A . n 
A 1 116 PHE 116 134 134 PHE PHE A . n 
A 1 117 ASP 117 135 135 ASP ASP A . n 
A 1 118 MSE 118 136 136 MSE MSE A . n 
A 1 119 GLN 119 137 137 GLN GLN A . n 
A 1 120 PHE 120 138 138 PHE PHE A . n 
A 1 121 ASN 121 139 139 ASN ASN A . n 
A 1 122 VAL 122 140 140 VAL VAL A . n 
A 1 123 ILE 123 141 141 ILE ILE A . n 
A 1 124 ASP 124 142 142 ASP ASP A . n 
A 1 125 ILE 125 143 143 ILE ILE A . n 
A 1 126 ASP 126 144 144 ASP ASP A . n 
A 1 127 ASN 127 145 145 ASN ASN A . n 
# 
loop_
_pdbx_nonpoly_scheme.asym_id 
_pdbx_nonpoly_scheme.entity_id 
_pdbx_nonpoly_scheme.mon_id 
_pdbx_nonpoly_scheme.ndb_seq_num 
_pdbx_nonpoly_scheme.pdb_seq_num 
_pdbx_nonpoly_scheme.auth_seq_num 
_pdbx_nonpoly_scheme.pdb_mon_id 
_pdbx_nonpoly_scheme.auth_mon_id 
_pdbx_nonpoly_scheme.pdb_strand_id 
_pdbx_nonpoly_scheme.pdb_ins_code 
B 2 CAC 1   1   1   CAC CAC A . 
C 3 HOH 1   146 2   HOH HOH A . 
C 3 HOH 2   147 3   HOH HOH A . 
C 3 HOH 3   148 4   HOH HOH A . 
C 3 HOH 4   149 5   HOH HOH A . 
C 3 HOH 5   150 6   HOH HOH A . 
C 3 HOH 6   151 7   HOH HOH A . 
C 3 HOH 7   152 8   HOH HOH A . 
C 3 HOH 8   153 9   HOH HOH A . 
C 3 HOH 9   154 10  HOH HOH A . 
C 3 HOH 10  155 11  HOH HOH A . 
C 3 HOH 11  156 12  HOH HOH A . 
C 3 HOH 12  157 13  HOH HOH A . 
C 3 HOH 13  158 14  HOH HOH A . 
C 3 HOH 14  159 15  HOH HOH A . 
C 3 HOH 15  160 16  HOH HOH A . 
C 3 HOH 16  161 17  HOH HOH A . 
C 3 HOH 17  162 18  HOH HOH A . 
C 3 HOH 18  163 19  HOH HOH A . 
C 3 HOH 19  164 20  HOH HOH A . 
C 3 HOH 20  165 21  HOH HOH A . 
C 3 HOH 21  166 22  HOH HOH A . 
C 3 HOH 22  167 23  HOH HOH A . 
C 3 HOH 23  168 24  HOH HOH A . 
C 3 HOH 24  169 25  HOH HOH A . 
C 3 HOH 25  170 26  HOH HOH A . 
C 3 HOH 26  171 27  HOH HOH A . 
C 3 HOH 27  172 28  HOH HOH A . 
C 3 HOH 28  173 29  HOH HOH A . 
C 3 HOH 29  174 30  HOH HOH A . 
C 3 HOH 30  175 31  HOH HOH A . 
C 3 HOH 31  176 32  HOH HOH A . 
C 3 HOH 32  177 33  HOH HOH A . 
C 3 HOH 33  178 34  HOH HOH A . 
C 3 HOH 34  179 35  HOH HOH A . 
C 3 HOH 35  180 36  HOH HOH A . 
C 3 HOH 36  181 37  HOH HOH A . 
C 3 HOH 37  182 38  HOH HOH A . 
C 3 HOH 38  183 39  HOH HOH A . 
C 3 HOH 39  184 40  HOH HOH A . 
C 3 HOH 40  185 41  HOH HOH A . 
C 3 HOH 41  186 42  HOH HOH A . 
C 3 HOH 42  187 43  HOH HOH A . 
C 3 HOH 43  188 44  HOH HOH A . 
C 3 HOH 44  189 45  HOH HOH A . 
C 3 HOH 45  190 46  HOH HOH A . 
C 3 HOH 46  191 47  HOH HOH A . 
C 3 HOH 47  192 48  HOH HOH A . 
C 3 HOH 48  193 49  HOH HOH A . 
C 3 HOH 49  194 50  HOH HOH A . 
C 3 HOH 50  195 51  HOH HOH A . 
C 3 HOH 51  196 52  HOH HOH A . 
C 3 HOH 52  197 53  HOH HOH A . 
C 3 HOH 53  198 54  HOH HOH A . 
C 3 HOH 54  199 55  HOH HOH A . 
C 3 HOH 55  200 56  HOH HOH A . 
C 3 HOH 56  201 57  HOH HOH A . 
C 3 HOH 57  202 58  HOH HOH A . 
C 3 HOH 58  203 59  HOH HOH A . 
C 3 HOH 59  204 60  HOH HOH A . 
C 3 HOH 60  205 61  HOH HOH A . 
C 3 HOH 61  206 62  HOH HOH A . 
C 3 HOH 62  207 63  HOH HOH A . 
C 3 HOH 63  208 64  HOH HOH A . 
C 3 HOH 64  209 65  HOH HOH A . 
C 3 HOH 65  210 66  HOH HOH A . 
C 3 HOH 66  211 67  HOH HOH A . 
C 3 HOH 67  212 68  HOH HOH A . 
C 3 HOH 68  213 69  HOH HOH A . 
C 3 HOH 69  214 70  HOH HOH A . 
C 3 HOH 70  215 71  HOH HOH A . 
C 3 HOH 71  216 72  HOH HOH A . 
C 3 HOH 72  217 73  HOH HOH A . 
C 3 HOH 73  218 74  HOH HOH A . 
C 3 HOH 74  219 75  HOH HOH A . 
C 3 HOH 75  220 76  HOH HOH A . 
C 3 HOH 76  221 77  HOH HOH A . 
C 3 HOH 77  222 78  HOH HOH A . 
C 3 HOH 78  223 79  HOH HOH A . 
C 3 HOH 79  224 80  HOH HOH A . 
C 3 HOH 80  225 81  HOH HOH A . 
C 3 HOH 81  226 82  HOH HOH A . 
C 3 HOH 82  227 83  HOH HOH A . 
C 3 HOH 83  228 84  HOH HOH A . 
C 3 HOH 84  229 85  HOH HOH A . 
C 3 HOH 85  230 86  HOH HOH A . 
C 3 HOH 86  231 87  HOH HOH A . 
C 3 HOH 87  232 88  HOH HOH A . 
C 3 HOH 88  233 89  HOH HOH A . 
C 3 HOH 89  234 90  HOH HOH A . 
C 3 HOH 90  235 91  HOH HOH A . 
C 3 HOH 91  236 92  HOH HOH A . 
C 3 HOH 92  237 93  HOH HOH A . 
C 3 HOH 93  238 94  HOH HOH A . 
C 3 HOH 94  239 95  HOH HOH A . 
C 3 HOH 95  240 96  HOH HOH A . 
C 3 HOH 96  241 97  HOH HOH A . 
C 3 HOH 97  242 98  HOH HOH A . 
C 3 HOH 98  243 99  HOH HOH A . 
C 3 HOH 99  244 100 HOH HOH A . 
C 3 HOH 100 245 101 HOH HOH A . 
C 3 HOH 101 246 102 HOH HOH A . 
C 3 HOH 102 247 103 HOH HOH A . 
C 3 HOH 103 248 104 HOH HOH A . 
C 3 HOH 104 249 105 HOH HOH A . 
C 3 HOH 105 250 106 HOH HOH A . 
C 3 HOH 106 251 107 HOH HOH A . 
C 3 HOH 107 252 108 HOH HOH A . 
C 3 HOH 108 253 109 HOH HOH A . 
C 3 HOH 109 254 110 HOH HOH A . 
C 3 HOH 110 255 111 HOH HOH A . 
C 3 HOH 111 256 112 HOH HOH A . 
C 3 HOH 112 257 113 HOH HOH A . 
C 3 HOH 113 258 114 HOH HOH A . 
C 3 HOH 114 259 115 HOH HOH A . 
C 3 HOH 115 260 116 HOH HOH A . 
C 3 HOH 116 261 117 HOH HOH A . 
C 3 HOH 117 262 118 HOH HOH A . 
C 3 HOH 118 263 119 HOH HOH A . 
C 3 HOH 119 264 120 HOH HOH A . 
C 3 HOH 120 265 121 HOH HOH A . 
C 3 HOH 121 266 122 HOH HOH A . 
C 3 HOH 122 267 123 HOH HOH A . 
C 3 HOH 123 268 124 HOH HOH A . 
C 3 HOH 124 269 125 HOH HOH A . 
C 3 HOH 125 270 126 HOH HOH A . 
C 3 HOH 126 271 127 HOH HOH A . 
C 3 HOH 127 272 128 HOH HOH A . 
C 3 HOH 128 273 129 HOH HOH A . 
C 3 HOH 129 274 130 HOH HOH A . 
C 3 HOH 130 275 131 HOH HOH A . 
C 3 HOH 131 276 132 HOH HOH A . 
C 3 HOH 132 277 133 HOH HOH A . 
C 3 HOH 133 278 134 HOH HOH A . 
# 
loop_
_pdbx_unobs_or_zero_occ_atoms.id 
_pdbx_unobs_or_zero_occ_atoms.PDB_model_num 
_pdbx_unobs_or_zero_occ_atoms.polymer_flag 
_pdbx_unobs_or_zero_occ_atoms.occupancy_flag 
_pdbx_unobs_or_zero_occ_atoms.auth_asym_id 
_pdbx_unobs_or_zero_occ_atoms.auth_comp_id 
_pdbx_unobs_or_zero_occ_atoms.auth_seq_id 
_pdbx_unobs_or_zero_occ_atoms.PDB_ins_code 
_pdbx_unobs_or_zero_occ_atoms.auth_atom_id 
_pdbx_unobs_or_zero_occ_atoms.label_alt_id 
_pdbx_unobs_or_zero_occ_atoms.label_asym_id 
_pdbx_unobs_or_zero_occ_atoms.label_comp_id 
_pdbx_unobs_or_zero_occ_atoms.label_seq_id 
_pdbx_unobs_or_zero_occ_atoms.label_atom_id 
1  1 Y 1 A LYS 40  ? CD  ? A LYS 22  CD  
2  1 Y 1 A LYS 40  ? CE  ? A LYS 22  CE  
3  1 Y 1 A LYS 40  ? NZ  ? A LYS 22  NZ  
4  1 Y 1 A LYS 47  ? CD  ? A LYS 29  CD  
5  1 Y 1 A LYS 47  ? CE  ? A LYS 29  CE  
6  1 Y 1 A LYS 47  ? NZ  ? A LYS 29  NZ  
7  1 Y 1 A LYS 101 ? CG  ? A LYS 83  CG  
8  1 Y 1 A LYS 101 ? CD  ? A LYS 83  CD  
9  1 Y 1 A LYS 101 ? CE  ? A LYS 83  CE  
10 1 Y 1 A LYS 101 ? NZ  ? A LYS 83  NZ  
11 1 Y 1 A LYS 119 ? CE  ? A LYS 101 CE  
12 1 Y 1 A LYS 119 ? NZ  ? A LYS 101 NZ  
13 1 Y 1 A LYS 125 ? CD  ? A LYS 107 CD  
14 1 Y 1 A LYS 125 ? CE  ? A LYS 107 CE  
15 1 Y 1 A LYS 125 ? NZ  ? A LYS 107 NZ  
16 1 Y 1 A ILE 143 ? CD1 ? A ILE 125 CD1 
# 
loop_
_software.name 
_software.version 
_software.date 
_software.type 
_software.contact_author 
_software.contact_author_email 
_software.classification 
_software.location 
_software.language 
_software.citation_id 
_software.pdbx_ordinal 
REFMAC      5.2.0019 ?                    program 'Murshudov, G.N.'            ccp4@dl.ac.uk                        refinement 
http://www.ccp4.ac.uk/main.html              Fortran_77 ? 1 
PHENIX      .        ?                    package 'P.D. Adams'                 PDAdams@lbl.gov                      refinement 
http://www.phenix-online.org/                C++        ? 2 
SHELX       .        ?                    package 'George Sheldrick'           gsheldr@shelx.uni-ac.gwdg.de         phasing 
http://shelx.uni-ac.gwdg.de/SHELX/           Fortran_77 ? 3 
MolProbity  3beta29  ?                    package 'D.C. & J.S. Richardson lab' molprobity@kinemage.biochem.duke.edu 
'model building'  http://kinemage.biochem.duke.edu/molprobity/ ?          ? 4 
SCALA       .        ?                    other   'Phil Evans'                 pre@mrc-lmb.cam.ac.uk                'data scaling' 
http://www.ccp4.ac.uk/dist/html/INDEX.html   Fortran_77 ? 5 
PDB_EXTRACT 3.004    'September 10, 2007' package PDB                          sw-help@rcsb.rutgers.edu             
'data extraction' http://pdb.rutgers.edu/software/             C++        ? 6 
MOSFLM      .        ?                    ?       ?                            ?                                    
'data reduction'  ?                                            ?          ? 7 
SHELXD      .        ?                    ?       ?                            ?                                    phasing ? ? ? 
8 
autoSHARP   .        ?                    ?       ?                            ?                                    phasing ? ? ? 
9 
# 
_cell.entry_id           3DUE 
_cell.length_a           31.601 
_cell.length_b           50.874 
_cell.length_c           79.507 
_cell.angle_alpha        90.00 
_cell.angle_beta         90.00 
_cell.angle_gamma        90.00 
_cell.Z_PDB              4 
_cell.pdbx_unique_axis   ? 
_cell.length_a_esd       ? 
_cell.length_b_esd       ? 
_cell.length_c_esd       ? 
_cell.angle_alpha_esd    ? 
_cell.angle_beta_esd     ? 
_cell.angle_gamma_esd    ? 
# 
_symmetry.entry_id                         3DUE 
_symmetry.space_group_name_H-M             'P 21 21 21' 
_symmetry.pdbx_full_space_group_name_H-M   ? 
_symmetry.cell_setting                     ? 
_symmetry.Int_Tables_number                19 
_symmetry.space_group_name_Hall            ? 
# 
_exptl.entry_id          3DUE 
_exptl.method            'X-RAY DIFFRACTION' 
_exptl.crystals_number   1 
# 
_exptl_crystal.id                    1 
_exptl_crystal.density_meas          ? 
_exptl_crystal.density_Matthews      2.15 
_exptl_crystal.density_percent_sol   42.69 
_exptl_crystal.description           ? 
_exptl_crystal.F_000                 ? 
_exptl_crystal.preparation           ? 
# 
_exptl_crystal_grow.crystal_id      1 
_exptl_crystal_grow.method          'VAPOR DIFFUSION, SITTING DROP' 
_exptl_crystal_grow.temp            277 
_exptl_crystal_grow.temp_details    ? 
_exptl_crystal_grow.pH              6.5 
_exptl_crystal_grow.pdbx_pH_range   ? 
_exptl_crystal_grow.pdbx_details    
'35.0000% 2-ethoxyethanol, 0.1M Cacodylate pH 6.5, NANODROP, VAPOR DIFFUSION, SITTING DROP, temperature 277K' 
# 
_diffrn.id                     1 
_diffrn.ambient_temp           100 
_diffrn.ambient_temp_details   ? 
_diffrn.crystal_id             1 
# 
_diffrn_detector.diffrn_id              1 
_diffrn_detector.detector               CCD 
_diffrn_detector.type                   'MARMOSAIC 325 mm CCD' 
_diffrn_detector.pdbx_collection_date   2008-06-15 
_diffrn_detector.details                'Flat mirror (vertical focusing)' 
# 
_diffrn_radiation.diffrn_id                        1 
_diffrn_radiation.wavelength_id                    1 
_diffrn_radiation.pdbx_monochromatic_or_laue_m_l   M 
_diffrn_radiation.monochromator                    'Single crystal Si(111) bent monochromator (horizontal focusing)' 
_diffrn_radiation.pdbx_diffrn_protocol             MAD 
_diffrn_radiation.pdbx_scattering_type             x-ray 
# 
loop_
_diffrn_radiation_wavelength.id 
_diffrn_radiation_wavelength.wavelength 
_diffrn_radiation_wavelength.wt 
1 0.91837 1.0 
2 0.97926 1.0 
3 0.97876 1.0 
# 
_diffrn_source.diffrn_id                   1 
_diffrn_source.source                      SYNCHROTRON 
_diffrn_source.type                        'SSRL BEAMLINE BL11-1' 
_diffrn_source.pdbx_synchrotron_site       SSRL 
_diffrn_source.pdbx_synchrotron_beamline   BL11-1 
_diffrn_source.pdbx_wavelength             ? 
_diffrn_source.pdbx_wavelength_list        0.91837,0.97926,0.97876 
# 
_reflns.entry_id                     3DUE 
_reflns.observed_criterion_sigma_I   ? 
_reflns.observed_criterion_sigma_F   ? 
_reflns.d_resolution_low             29.361 
_reflns.d_resolution_high            1.85 
_reflns.number_obs                   11519 
_reflns.number_all                   ? 
_reflns.percent_possible_obs         100.000 
_reflns.pdbx_Rmerge_I_obs            0.109 
_reflns.pdbx_Rsym_value              0.109 
_reflns.pdbx_netI_over_sigmaI        5.400 
_reflns.B_iso_Wilson_estimate        17.91 
_reflns.pdbx_redundancy              3.500 
_reflns.R_free_details               ? 
_reflns.limit_h_max                  ? 
_reflns.limit_h_min                  ? 
_reflns.limit_k_max                  ? 
_reflns.limit_k_min                  ? 
_reflns.limit_l_max                  ? 
_reflns.limit_l_min                  ? 
_reflns.observed_criterion_F_max     ? 
_reflns.observed_criterion_F_min     ? 
_reflns.pdbx_chi_squared             ? 
_reflns.pdbx_scaling_rejects         ? 
_reflns.pdbx_ordinal                 1 
_reflns.pdbx_diffrn_id               1 
# 
loop_
_reflns_shell.d_res_high 
_reflns_shell.d_res_low 
_reflns_shell.percent_possible_all 
_reflns_shell.Rmerge_I_obs 
_reflns_shell.pdbx_Rsym_value 
_reflns_shell.meanI_over_sigI_obs 
_reflns_shell.pdbx_redundancy 
_reflns_shell.percent_possible_obs 
_reflns_shell.number_unique_all 
_reflns_shell.number_measured_all 
_reflns_shell.number_measured_obs 
_reflns_shell.number_unique_obs 
_reflns_shell.pdbx_chi_squared 
_reflns_shell.pdbx_ordinal 
_reflns_shell.pdbx_diffrn_id 
1.85 1.90  100.00 0.588 0.588 1.3  3.60 ? ? ? ? ? ? 1  1 
1.90 1.95  100.00 0.447 0.447 1.7  3.60 ? ? ? ? ? ? 2  1 
1.95 2.01  100.00 0.380 0.380 2.0  3.60 ? ? ? ? ? ? 3  1 
2.01 2.07  100.00 0.294 0.294 2.6  3.60 ? ? ? ? ? ? 4  1 
2.07 2.14  100.00 0.255 0.255 3.0  3.60 ? ? ? ? ? ? 5  1 
2.14 2.21  100.00 0.222 0.222 3.4  3.60 ? ? ? ? ? ? 6  1 
2.21 2.29  100.00 0.203 0.203 3.5  3.60 ? ? ? ? ? ? 7  1 
2.29 2.39  100.00 0.175 0.175 4.3  3.60 ? ? ? ? ? ? 8  1 
2.39 2.49  100.00 0.167 0.167 4.5  3.60 ? ? ? ? ? ? 9  1 
2.49 2.62  100.00 0.135 0.135 5.4  3.60 ? ? ? ? ? ? 10 1 
2.62 2.76  100.00 0.128 0.128 5.3  3.60 ? ? ? ? ? ? 11 1 
2.76 2.93  100.00 0.109 0.109 6.3  3.60 ? ? ? ? ? ? 12 1 
2.93 3.13  100.00 0.096 0.096 6.9  3.50 ? ? ? ? ? ? 13 1 
3.13 3.38  100.00 0.077 0.077 8.0  3.50 ? ? ? ? ? ? 14 1 
3.38 3.70  100.00 0.066 0.066 8.0  3.50 ? ? ? ? ? ? 15 1 
3.70 4.14  100.00 0.052 0.052 11.8 3.50 ? ? ? ? ? ? 16 1 
4.14 4.78  100.00 0.057 0.057 10.5 3.40 ? ? ? ? ? ? 17 1 
4.78 5.85  100.00 0.069 0.069 8.5  3.40 ? ? ? ? ? ? 18 1 
5.85 8.27  100.00 0.064 0.064 10.3 3.20 ? ? ? ? ? ? 19 1 
8.27 29.37 97.10  0.052 0.052 10.9 2.80 ? ? ? ? ? ? 20 1 
# 
_refine.entry_id                                 3DUE 
_refine.ls_number_reflns_obs                     10931 
_refine.ls_number_reflns_all                     ? 
_refine.pdbx_ls_sigma_I                          ? 
_refine.pdbx_ls_sigma_F                          ? 
_refine.pdbx_data_cutoff_high_absF               ? 
_refine.pdbx_data_cutoff_low_absF                ? 
_refine.pdbx_data_cutoff_high_rms_absF           ? 
_refine.ls_d_res_low                             29.361 
_refine.ls_d_res_high                            1.85 
_refine.ls_percent_reflns_obs                    99.96 
_refine.ls_R_factor_obs                          0.19432 
_refine.ls_R_factor_all                          ? 
_refine.ls_R_factor_R_work                       0.19234 
_refine.ls_R_factor_R_free                       0.23321 
_refine.ls_R_factor_R_free_error                 ? 
_refine.ls_R_factor_R_free_error_details         ? 
_refine.ls_percent_reflns_R_free                 4.8 
_refine.ls_number_reflns_R_free                  549 
_refine.ls_number_parameters                     ? 
_refine.ls_number_restraints                     ? 
_refine.occupancy_min                            ? 
_refine.occupancy_max                            ? 
_refine.correlation_coeff_Fo_to_Fc               0.948 
_refine.correlation_coeff_Fo_to_Fc_free          0.932 
_refine.B_iso_mean                               19.076 
_refine.aniso_B[1][1]                            -0.71 
_refine.aniso_B[2][2]                            0.68 
_refine.aniso_B[3][3]                            0.03 
_refine.aniso_B[1][2]                            0.00 
_refine.aniso_B[1][3]                            0.00 
_refine.aniso_B[2][3]                            0.00 
_refine.solvent_model_details                    MASK 
_refine.solvent_model_param_ksol                 ? 
_refine.solvent_model_param_bsol                 ? 
_refine.pdbx_solvent_vdw_probe_radii             1.20 
_refine.pdbx_solvent_ion_probe_radii             0.80 
_refine.pdbx_solvent_shrinkage_radii             0.80 
_refine.pdbx_ls_cross_valid_method               THROUGHOUT 
_refine.details                                  
;1. HYDROGENS HAVE BEEN ADDED IN THE RIDING POSITIONS. 2. ATOM RECORD CONTAINS RESIDUAL B FACTORS ONLY. 3. A MET-INHIBITION PROTOCOL WAS USED FOR SELENOMETHIONINE INCORPORATION DURING PROTEIN EXPRESSION. THE OCCUPANCY OF THE SE ATOMS IN THE MSE RESIDUES WAS REDUCED TO 0.75 FOR THE REDUCED SCATTERING POWER DUE TO PARTIAL S-MET INCORPORAT 4. THE CACODYLATE MOLECULE WAS MODELED BASED ON CRYSTALLIZATION CONDITIONS AND IS SUPPORTED BY AN ANOMALOUS DIFFERENCE FOURIER MAP CALCULATED AT THIS WAVELENGTH.
;
_refine.pdbx_starting_model                      ? 
_refine.pdbx_method_to_determine_struct          MAD 
_refine.pdbx_isotropic_thermal_model             ? 
_refine.pdbx_stereochemistry_target_values       'MAXIMUM LIKELIHOOD WITH PHASES' 
_refine.pdbx_stereochem_target_val_spec_case     ? 
_refine.pdbx_R_Free_selection_details            RANDOM 
_refine.pdbx_overall_ESU_R                       0.158 
_refine.pdbx_overall_ESU_R_Free                  0.144 
_refine.overall_SU_ML                            0.100 
_refine.pdbx_overall_phase_error                 ? 
_refine.overall_SU_B                             6.130 
_refine.ls_redundancy_reflns_obs                 ? 
_refine.B_iso_min                                ? 
_refine.B_iso_max                                ? 
_refine.overall_SU_R_Cruickshank_DPI             ? 
_refine.overall_SU_R_free                        ? 
_refine.ls_wR_factor_R_free                      ? 
_refine.ls_wR_factor_R_work                      ? 
_refine.overall_FOM_free_R_set                   ? 
_refine.overall_FOM_work_R_set                   ? 
_refine.pdbx_refine_id                           'X-RAY DIFFRACTION' 
_refine.pdbx_TLS_residual_ADP_flag               'LIKELY RESIDUAL' 
_refine.pdbx_diffrn_id                           1 
_refine.pdbx_overall_SU_R_free_Cruickshank_DPI   ? 
_refine.pdbx_overall_SU_R_Blow_DPI               ? 
_refine.pdbx_overall_SU_R_free_Blow_DPI          ? 
# 
_refine_hist.pdbx_refine_id                   'X-RAY DIFFRACTION' 
_refine_hist.cycle_id                         LAST 
_refine_hist.pdbx_number_atoms_protein        1019 
_refine_hist.pdbx_number_atoms_nucleic_acid   0 
_refine_hist.pdbx_number_atoms_ligand         5 
_refine_hist.number_atoms_solvent             133 
_refine_hist.number_atoms_total               1157 
_refine_hist.d_res_high                       1.85 
_refine_hist.d_res_low                        29.361 
# 
loop_
_refine_ls_restr.type 
_refine_ls_restr.dev_ideal 
_refine_ls_restr.dev_ideal_target 
_refine_ls_restr.weight 
_refine_ls_restr.number 
_refine_ls_restr.pdbx_refine_id 
_refine_ls_restr.pdbx_restraint_function 
r_bond_refined_d             0.015  0.022  ? 1070 'X-RAY DIFFRACTION' ? 
r_bond_other_d               0.001  0.020  ? 693  'X-RAY DIFFRACTION' ? 
r_angle_refined_deg          1.654  1.934  ? 1460 'X-RAY DIFFRACTION' ? 
r_angle_other_deg            0.940  3.000  ? 1710 'X-RAY DIFFRACTION' ? 
r_dihedral_angle_1_deg       4.367  5.000  ? 132  'X-RAY DIFFRACTION' ? 
r_dihedral_angle_2_deg       38.168 26.364 ? 55   'X-RAY DIFFRACTION' ? 
r_dihedral_angle_3_deg       10.880 15.000 ? 180  'X-RAY DIFFRACTION' ? 
r_dihedral_angle_4_deg       5.690  15.000 ? 1    'X-RAY DIFFRACTION' ? 
r_chiral_restr               0.106  0.200  ? 158  'X-RAY DIFFRACTION' ? 
r_gen_planes_refined         0.006  0.020  ? 1199 'X-RAY DIFFRACTION' ? 
r_gen_planes_other           0.001  0.020  ? 203  'X-RAY DIFFRACTION' ? 
r_nbd_refined                0.212  0.200  ? 192  'X-RAY DIFFRACTION' ? 
r_nbd_other                  0.193  0.200  ? 667  'X-RAY DIFFRACTION' ? 
r_nbtor_refined              0.184  0.200  ? 519  'X-RAY DIFFRACTION' ? 
r_nbtor_other                0.089  0.200  ? 512  'X-RAY DIFFRACTION' ? 
r_xyhbond_nbd_refined        0.194  0.200  ? 95   'X-RAY DIFFRACTION' ? 
r_xyhbond_nbd_other          0.335  0.200  ? 1    'X-RAY DIFFRACTION' ? 
r_metal_ion_refined          ?      ?      ? ?    'X-RAY DIFFRACTION' ? 
r_metal_ion_other            ?      ?      ? ?    'X-RAY DIFFRACTION' ? 
r_symmetry_vdw_refined       0.250  0.200  ? 17   'X-RAY DIFFRACTION' ? 
r_symmetry_vdw_other         0.244  0.200  ? 24   'X-RAY DIFFRACTION' ? 
r_symmetry_hbond_refined     0.204  0.200  ? 19   'X-RAY DIFFRACTION' ? 
r_symmetry_hbond_other       ?      ?      ? ?    'X-RAY DIFFRACTION' ? 
r_symmetry_metal_ion_refined ?      ?      ? ?    'X-RAY DIFFRACTION' ? 
r_symmetry_metal_ion_other   ?      ?      ? ?    'X-RAY DIFFRACTION' ? 
r_mcbond_it                  1.422  2.000  ? 665  'X-RAY DIFFRACTION' ? 
r_mcbond_other               0.343  2.000  ? 254  'X-RAY DIFFRACTION' ? 
r_mcangle_it                 1.964  3.000  ? 1056 'X-RAY DIFFRACTION' ? 
r_scbond_it                  1.502  2.000  ? 475  'X-RAY DIFFRACTION' ? 
r_scangle_it                 2.237  3.000  ? 401  'X-RAY DIFFRACTION' ? 
r_rigid_bond_restr           ?      ?      ? ?    'X-RAY DIFFRACTION' ? 
r_sphericity_free            ?      ?      ? ?    'X-RAY DIFFRACTION' ? 
r_sphericity_bonded          ?      ?      ? ?    'X-RAY DIFFRACTION' ? 
# 
_refine_ls_shell.pdbx_total_number_of_bins_used   20 
_refine_ls_shell.d_res_high                       1.850 
_refine_ls_shell.d_res_low                        1.898 
_refine_ls_shell.number_reflns_R_work             789 
_refine_ls_shell.R_factor_R_work                  0.218 
_refine_ls_shell.percent_reflns_obs               100.00 
_refine_ls_shell.R_factor_R_free                  0.401 
_refine_ls_shell.R_factor_R_free_error            ? 
_refine_ls_shell.percent_reflns_R_free            ? 
_refine_ls_shell.number_reflns_R_free             40 
_refine_ls_shell.number_reflns_all                ? 
_refine_ls_shell.R_factor_all                     ? 
_refine_ls_shell.redundancy_reflns_obs            ? 
_refine_ls_shell.number_reflns_obs                ? 
_refine_ls_shell.pdbx_refine_id                   'X-RAY DIFFRACTION' 
# 
_struct.entry_id                  3DUE 
_struct.title                     
;CRYSTAL STRUCTURE OF A PUTATIVE PERIPLASMIC PROTEIN FROM DUF2874 FAMILY (BVU_2987) FROM BACTEROIDES VULGATUS ATCC 8482 AT 1.85 A RESOLUTION
;
_struct.pdbx_model_details        ? 
_struct.pdbx_CASP_flag            ? 
_struct.pdbx_model_type_details   ? 
# 
_struct_keywords.text            
;PUTATIVE PERIPLASMIC PROTEIN, STRUCTURAL GENOMICS, JOINT CENTER FOR STRUCTURAL GENOMICS, JCSG, PROTEIN STRUCTURE INITIATIVE, PSI-2, UNKNOWN FUNCTION
;
_struct_keywords.pdbx_keywords   'UNKNOWN FUNCTION' 
_struct_keywords.entry_id        3DUE 
# 
loop_
_struct_asym.id 
_struct_asym.pdbx_blank_PDB_chainid_flag 
_struct_asym.pdbx_modified 
_struct_asym.entity_id 
_struct_asym.details 
A N N 1 ? 
B N N 2 ? 
C N N 3 ? 
# 
_struct_ref.id                         1 
_struct_ref.db_name                    UNP 
_struct_ref.db_code                    A6L4L1_BACV8 
_struct_ref.pdbx_db_accession          A6L4L1 
_struct_ref.entity_id                  1 
_struct_ref.pdbx_seq_one_letter_code   
;ADDDKPIQVNQLPQTAQTFIKTHFPDNKVAMAKMETDWFDKSYDVIFTNGDKLEFDKKGIWTEVNCKYSAVPVAVVPDAI
KKYVATNYPDAKMLKIERDKHDYEVKLSNGWEIKFDMQFNVIDIDN
;
_struct_ref.pdbx_align_begin           20 
_struct_ref.pdbx_db_isoform            ? 
# 
_struct_ref_seq.align_id                      1 
_struct_ref_seq.ref_id                        1 
_struct_ref_seq.pdbx_PDB_id_code              3DUE 
_struct_ref_seq.pdbx_strand_id                A 
_struct_ref_seq.seq_align_beg                 2 
_struct_ref_seq.pdbx_seq_align_beg_ins_code   ? 
_struct_ref_seq.seq_align_end                 127 
_struct_ref_seq.pdbx_seq_align_end_ins_code   ? 
_struct_ref_seq.pdbx_db_accession             A6L4L1 
_struct_ref_seq.db_align_beg                  20 
_struct_ref_seq.pdbx_db_align_beg_ins_code    ? 
_struct_ref_seq.db_align_end                  145 
_struct_ref_seq.pdbx_db_align_end_ins_code    ? 
_struct_ref_seq.pdbx_auth_seq_align_beg       20 
_struct_ref_seq.pdbx_auth_seq_align_end       145 
# 
_struct_ref_seq_dif.align_id                     1 
_struct_ref_seq_dif.pdbx_pdb_id_code             3DUE 
_struct_ref_seq_dif.mon_id                       GLY 
_struct_ref_seq_dif.pdbx_pdb_strand_id           A 
_struct_ref_seq_dif.seq_num                      1 
_struct_ref_seq_dif.pdbx_pdb_ins_code            ? 
_struct_ref_seq_dif.pdbx_seq_db_name             UNP 
_struct_ref_seq_dif.pdbx_seq_db_accession_code   A6L4L1 
_struct_ref_seq_dif.db_mon_id                    ? 
_struct_ref_seq_dif.pdbx_seq_db_seq_num          ? 
_struct_ref_seq_dif.details                      'expression tag' 
_struct_ref_seq_dif.pdbx_auth_seq_num            0 
_struct_ref_seq_dif.pdbx_ordinal                 1 
# 
_pdbx_struct_assembly.id                   1 
_pdbx_struct_assembly.details              author_and_software_defined_assembly 
_pdbx_struct_assembly.method_details       PISA 
_pdbx_struct_assembly.oligomeric_details   monomeric 
_pdbx_struct_assembly.oligomeric_count     1 
# 
_pdbx_struct_assembly_gen.assembly_id       1 
_pdbx_struct_assembly_gen.oper_expression   1 
_pdbx_struct_assembly_gen.asym_id_list      A,B,C 
# 
_pdbx_struct_oper_list.id                   1 
_pdbx_struct_oper_list.type                 'identity operation' 
_pdbx_struct_oper_list.name                 1_555 
_pdbx_struct_oper_list.symmetry_operation   x,y,z 
_pdbx_struct_oper_list.matrix[1][1]         1.0000000000 
_pdbx_struct_oper_list.matrix[1][2]         0.0000000000 
_pdbx_struct_oper_list.matrix[1][3]         0.0000000000 
_pdbx_struct_oper_list.vector[1]            0.0000000000 
_pdbx_struct_oper_list.matrix[2][1]         0.0000000000 
_pdbx_struct_oper_list.matrix[2][2]         1.0000000000 
_pdbx_struct_oper_list.matrix[2][3]         0.0000000000 
_pdbx_struct_oper_list.vector[2]            0.0000000000 
_pdbx_struct_oper_list.matrix[3][1]         0.0000000000 
_pdbx_struct_oper_list.matrix[3][2]         0.0000000000 
_pdbx_struct_oper_list.matrix[3][3]         1.0000000000 
_pdbx_struct_oper_list.vector[3]            0.0000000000 
# 
_struct_biol.id        1 
_struct_biol.details   ? 
# 
loop_
_struct_conf.conf_type_id 
_struct_conf.id 
_struct_conf.pdbx_PDB_helix_id 
_struct_conf.beg_label_comp_id 
_struct_conf.beg_label_asym_id 
_struct_conf.beg_label_seq_id 
_struct_conf.pdbx_beg_PDB_ins_code 
_struct_conf.end_label_comp_id 
_struct_conf.end_label_asym_id 
_struct_conf.end_label_seq_id 
_struct_conf.pdbx_end_PDB_ins_code 
_struct_conf.beg_auth_comp_id 
_struct_conf.beg_auth_asym_id 
_struct_conf.beg_auth_seq_id 
_struct_conf.end_auth_comp_id 
_struct_conf.end_auth_asym_id 
_struct_conf.end_auth_seq_id 
_struct_conf.pdbx_PDB_helix_class 
_struct_conf.details 
_struct_conf.pdbx_PDB_helix_length 
HELX_P HELX_P1 1 GLN A 9  ? LEU A 13 ? GLN A 27 LEU A 31  5 ? 5  
HELX_P HELX_P2 2 PRO A 14 ? PHE A 25 ? PRO A 32 PHE A 43  1 ? 12 
HELX_P HELX_P3 3 PRO A 73 ? VAL A 77 ? PRO A 91 VAL A 95  5 ? 5  
HELX_P HELX_P4 4 PRO A 78 ? TYR A 89 ? PRO A 96 TYR A 107 1 ? 12 
# 
_struct_conf_type.id          HELX_P 
_struct_conf_type.criteria    ? 
_struct_conf_type.reference   ? 
# 
loop_
_struct_conn.id 
_struct_conn.conn_type_id 
_struct_conn.pdbx_leaving_atom_flag 
_struct_conn.pdbx_PDB_id 
_struct_conn.ptnr1_label_asym_id 
_struct_conn.ptnr1_label_comp_id 
_struct_conn.ptnr1_label_seq_id 
_struct_conn.ptnr1_label_atom_id 
_struct_conn.pdbx_ptnr1_label_alt_id 
_struct_conn.pdbx_ptnr1_PDB_ins_code 
_struct_conn.pdbx_ptnr1_standard_comp_id 
_struct_conn.ptnr1_symmetry 
_struct_conn.ptnr2_label_asym_id 
_struct_conn.ptnr2_label_comp_id 
_struct_conn.ptnr2_label_seq_id 
_struct_conn.ptnr2_label_atom_id 
_struct_conn.pdbx_ptnr2_label_alt_id 
_struct_conn.pdbx_ptnr2_PDB_ins_code 
_struct_conn.ptnr1_auth_asym_id 
_struct_conn.ptnr1_auth_comp_id 
_struct_conn.ptnr1_auth_seq_id 
_struct_conn.ptnr2_auth_asym_id 
_struct_conn.ptnr2_auth_comp_id 
_struct_conn.ptnr2_auth_seq_id 
_struct_conn.ptnr2_symmetry 
_struct_conn.pdbx_ptnr3_label_atom_id 
_struct_conn.pdbx_ptnr3_label_seq_id 
_struct_conn.pdbx_ptnr3_label_comp_id 
_struct_conn.pdbx_ptnr3_label_asym_id 
_struct_conn.pdbx_ptnr3_label_alt_id 
_struct_conn.pdbx_ptnr3_PDB_ins_code 
_struct_conn.details 
_struct_conn.pdbx_dist_value 
_struct_conn.pdbx_value_order 
_struct_conn.pdbx_role 
covale1 covale both ? A ALA 31  C ? ? ? 1_555 A MSE 32  N ? ? A ALA 49  A MSE 50  1_555 ? ? ? ? ? ? ? 1.321 ? ? 
covale2 covale both ? A MSE 32  C ? ? ? 1_555 A ALA 33  N ? ? A MSE 50  A ALA 51  1_555 ? ? ? ? ? ? ? 1.332 ? ? 
covale3 covale both ? A LYS 34  C ? ? ? 1_555 A MSE 35  N ? ? A LYS 52  A MSE 53  1_555 ? ? ? ? ? ? ? 1.322 ? ? 
covale4 covale both ? A MSE 35  C ? ? ? 1_555 A GLU 36  N ? ? A MSE 53  A GLU 54  1_555 ? ? ? ? ? ? ? 1.338 ? ? 
covale5 covale both ? A LYS 93  C ? ? ? 1_555 A MSE 94  N ? ? A LYS 111 A MSE 112 1_555 ? ? ? ? ? ? ? 1.325 ? ? 
covale6 covale both ? A MSE 94  C ? ? ? 1_555 A LEU 95  N ? ? A MSE 112 A LEU 113 1_555 ? ? ? ? ? ? ? 1.329 ? ? 
covale7 covale both ? A ASP 117 C ? ? ? 1_555 A MSE 118 N ? ? A ASP 135 A MSE 136 1_555 ? ? ? ? ? ? ? 1.335 ? ? 
covale8 covale both ? A MSE 118 C ? ? ? 1_555 A GLN 119 N ? ? A MSE 136 A GLN 137 1_555 ? ? ? ? ? ? ? 1.322 ? ? 
# 
_struct_conn_type.id          covale 
_struct_conn_type.criteria    ? 
_struct_conn_type.reference   ? 
# 
loop_
_pdbx_modification_feature.ordinal 
_pdbx_modification_feature.label_comp_id 
_pdbx_modification_feature.label_asym_id 
_pdbx_modification_feature.label_seq_id 
_pdbx_modification_feature.label_alt_id 
_pdbx_modification_feature.modified_residue_label_comp_id 
_pdbx_modification_feature.modified_residue_label_asym_id 
_pdbx_modification_feature.modified_residue_label_seq_id 
_pdbx_modification_feature.modified_residue_label_alt_id 
_pdbx_modification_feature.auth_comp_id 
_pdbx_modification_feature.auth_asym_id 
_pdbx_modification_feature.auth_seq_id 
_pdbx_modification_feature.PDB_ins_code 
_pdbx_modification_feature.symmetry 
_pdbx_modification_feature.modified_residue_auth_comp_id 
_pdbx_modification_feature.modified_residue_auth_asym_id 
_pdbx_modification_feature.modified_residue_auth_seq_id 
_pdbx_modification_feature.modified_residue_PDB_ins_code 
_pdbx_modification_feature.modified_residue_symmetry 
_pdbx_modification_feature.comp_id_linking_atom 
_pdbx_modification_feature.modified_residue_id_linking_atom 
_pdbx_modification_feature.modified_residue_id 
_pdbx_modification_feature.ref_pcm_id 
_pdbx_modification_feature.ref_comp_id 
_pdbx_modification_feature.type 
_pdbx_modification_feature.category 
1 MSE A 32  ? . . . . MSE A 50  ? 1_555 . . . . . . . MET 1 MSE Selenomethionine 'Named protein modification' 
2 MSE A 35  ? . . . . MSE A 53  ? 1_555 . . . . . . . MET 1 MSE Selenomethionine 'Named protein modification' 
3 MSE A 94  ? . . . . MSE A 112 ? 1_555 . . . . . . . MET 1 MSE Selenomethionine 'Named protein modification' 
4 MSE A 118 ? . . . . MSE A 136 ? 1_555 . . . . . . . MET 1 MSE Selenomethionine 'Named protein modification' 
# 
_struct_sheet.id               A 
_struct_sheet.type             ? 
_struct_sheet.number_strands   9 
_struct_sheet.details          ? 
# 
loop_
_struct_sheet_order.sheet_id 
_struct_sheet_order.range_id_1 
_struct_sheet_order.range_id_2 
_struct_sheet_order.offset 
_struct_sheet_order.sense 
A 1 2 ? anti-parallel 
A 2 3 ? anti-parallel 
A 3 4 ? anti-parallel 
A 4 5 ? anti-parallel 
A 5 6 ? anti-parallel 
A 6 7 ? anti-parallel 
A 7 8 ? anti-parallel 
A 8 9 ? anti-parallel 
# 
loop_
_struct_sheet_range.sheet_id 
_struct_sheet_range.id 
_struct_sheet_range.beg_label_comp_id 
_struct_sheet_range.beg_label_asym_id 
_struct_sheet_range.beg_label_seq_id 
_struct_sheet_range.pdbx_beg_PDB_ins_code 
_struct_sheet_range.end_label_comp_id 
_struct_sheet_range.end_label_asym_id 
_struct_sheet_range.end_label_seq_id 
_struct_sheet_range.pdbx_end_PDB_ins_code 
_struct_sheet_range.beg_auth_comp_id 
_struct_sheet_range.beg_auth_asym_id 
_struct_sheet_range.beg_auth_seq_id 
_struct_sheet_range.end_auth_comp_id 
_struct_sheet_range.end_auth_asym_id 
_struct_sheet_range.end_auth_seq_id 
A 1 LYS A 6   ? PRO A 7   ? LYS A 24  PRO A 25  
A 2 VAL A 30  ? ASP A 38  ? VAL A 48  ASP A 56  
A 3 ASP A 41  ? PHE A 48  ? ASP A 59  PHE A 66  
A 4 LYS A 53  ? PHE A 56  ? LYS A 71  PHE A 74  
A 5 TRP A 62  ? ASN A 66  ? TRP A 80  ASN A 84  
A 6 MSE A 94  ? ARG A 99  ? MSE A 112 ARG A 117 
A 7 ASP A 103 ? LEU A 108 ? ASP A 121 LEU A 126 
A 8 GLU A 113 ? ASP A 117 ? GLU A 131 ASP A 135 
A 9 VAL A 122 ? ASP A 126 ? VAL A 140 ASP A 144 
# 
loop_
_pdbx_struct_sheet_hbond.sheet_id 
_pdbx_struct_sheet_hbond.range_id_1 
_pdbx_struct_sheet_hbond.range_id_2 
_pdbx_struct_sheet_hbond.range_1_label_atom_id 
_pdbx_struct_sheet_hbond.range_1_label_comp_id 
_pdbx_struct_sheet_hbond.range_1_label_asym_id 
_pdbx_struct_sheet_hbond.range_1_label_seq_id 
_pdbx_struct_sheet_hbond.range_1_PDB_ins_code 
_pdbx_struct_sheet_hbond.range_1_auth_atom_id 
_pdbx_struct_sheet_hbond.range_1_auth_comp_id 
_pdbx_struct_sheet_hbond.range_1_auth_asym_id 
_pdbx_struct_sheet_hbond.range_1_auth_seq_id 
_pdbx_struct_sheet_hbond.range_2_label_atom_id 
_pdbx_struct_sheet_hbond.range_2_label_comp_id 
_pdbx_struct_sheet_hbond.range_2_label_asym_id 
_pdbx_struct_sheet_hbond.range_2_label_seq_id 
_pdbx_struct_sheet_hbond.range_2_PDB_ins_code 
_pdbx_struct_sheet_hbond.range_2_auth_atom_id 
_pdbx_struct_sheet_hbond.range_2_auth_comp_id 
_pdbx_struct_sheet_hbond.range_2_auth_asym_id 
_pdbx_struct_sheet_hbond.range_2_auth_seq_id 
A 1 2 N LYS A 6   ? N LYS A 24  O MSE A 35  ? O MSE A 53  
A 2 3 N GLU A 36  ? N GLU A 54  O SER A 43  ? O SER A 61  
A 3 4 N VAL A 46  ? N VAL A 64  O LEU A 54  ? O LEU A 72  
A 4 5 N LYS A 53  ? N LYS A 71  O ASN A 66  ? O ASN A 84  
A 5 6 N VAL A 65  ? N VAL A 83  O ILE A 97  ? O ILE A 115 
A 6 7 N LYS A 96  ? N LYS A 114 O LYS A 107 ? O LYS A 125 
A 7 8 N VAL A 106 ? N VAL A 124 O ILE A 114 ? O ILE A 132 
A 8 9 N GLU A 113 ? N GLU A 131 O ASP A 126 ? O ASP A 144 
# 
_struct_site.id                   AC1 
_struct_site.pdbx_evidence_code   Software 
_struct_site.pdbx_auth_asym_id    A 
_struct_site.pdbx_auth_comp_id    CAC 
_struct_site.pdbx_auth_seq_id     1 
_struct_site.pdbx_auth_ins_code   ? 
_struct_site.pdbx_num_residues    7 
_struct_site.details              'BINDING SITE FOR RESIDUE CAC A 1' 
# 
loop_
_struct_site_gen.id 
_struct_site_gen.site_id 
_struct_site_gen.pdbx_num_res 
_struct_site_gen.label_comp_id 
_struct_site_gen.label_asym_id 
_struct_site_gen.label_seq_id 
_struct_site_gen.pdbx_auth_ins_code 
_struct_site_gen.auth_comp_id 
_struct_site_gen.auth_asym_id 
_struct_site_gen.auth_seq_id 
_struct_site_gen.label_atom_id 
_struct_site_gen.label_alt_id 
_struct_site_gen.symmetry 
_struct_site_gen.details 
1 AC1 7 GLY A 1  ? GLY A 0   . ? 4_565 ? 
2 AC1 7 ASP A 38 ? ASP A 56  . ? 4_565 ? 
3 AC1 7 TRP A 39 ? TRP A 57  . ? 4_565 ? 
4 AC1 7 GLY A 51 ? GLY A 69  . ? 1_555 ? 
5 AC1 7 LYS A 68 ? LYS A 86  . ? 1_555 ? 
6 AC1 7 TYR A 69 ? TYR A 87  . ? 1_555 ? 
7 AC1 7 HOH C .  ? HOH A 251 . ? 4_565 ? 
# 
_pdbx_entry_details.entry_id                   3DUE 
_pdbx_entry_details.compound_details           ? 
_pdbx_entry_details.source_details             ? 
_pdbx_entry_details.nonpolymer_details         ? 
_pdbx_entry_details.sequence_details           
;THE CONSTRUCT (RESIDUES 20-145) WAS EXPRESSED WITH A PURIFICATION TAG MGSDKIHHHHHHENLYFQG. THE TAG WAS REMOVED WITH TEV PROTEASE LEAVING ONLY A GLYCINE (0) FOLLOWED BY THE TARGET SEQUENCE.
;
_pdbx_entry_details.has_ligand_of_interest     ? 
_pdbx_entry_details.has_protein_modification   Y 
# 
_pdbx_validate_close_contact.id               1 
_pdbx_validate_close_contact.PDB_model_num    1 
_pdbx_validate_close_contact.auth_atom_id_1   OD2 
_pdbx_validate_close_contact.auth_asym_id_1   A 
_pdbx_validate_close_contact.auth_comp_id_1   ASP 
_pdbx_validate_close_contact.auth_seq_id_1    45 
_pdbx_validate_close_contact.PDB_ins_code_1   ? 
_pdbx_validate_close_contact.label_alt_id_1   ? 
_pdbx_validate_close_contact.auth_atom_id_2   O 
_pdbx_validate_close_contact.auth_asym_id_2   A 
_pdbx_validate_close_contact.auth_comp_id_2   HOH 
_pdbx_validate_close_contact.auth_seq_id_2    217 
_pdbx_validate_close_contact.PDB_ins_code_2   ? 
_pdbx_validate_close_contact.label_alt_id_2   ? 
_pdbx_validate_close_contact.dist             2.17 
# 
loop_
_pdbx_validate_torsion.id 
_pdbx_validate_torsion.PDB_model_num 
_pdbx_validate_torsion.auth_comp_id 
_pdbx_validate_torsion.auth_asym_id 
_pdbx_validate_torsion.auth_seq_id 
_pdbx_validate_torsion.PDB_ins_code 
_pdbx_validate_torsion.label_alt_id 
_pdbx_validate_torsion.phi 
_pdbx_validate_torsion.psi 
1 1 TRP A 57  ? ? 51.77   -126.11 
2 1 CYS A 85  ? ? -103.99 47.59   
3 1 SER A 88  ? ? -148.15 -109.80 
4 1 ASP A 118 ? ? -126.07 -155.91 
# 
_pdbx_SG_project.project_name          'PSI, Protein Structure Initiative' 
_pdbx_SG_project.full_name_of_center   'Joint Center for Structural Genomics' 
_pdbx_SG_project.id                    1 
_pdbx_SG_project.initial_of_center     JCSG 
# 
loop_
_pdbx_struct_mod_residue.id 
_pdbx_struct_mod_residue.label_asym_id 
_pdbx_struct_mod_residue.label_comp_id 
_pdbx_struct_mod_residue.label_seq_id 
_pdbx_struct_mod_residue.auth_asym_id 
_pdbx_struct_mod_residue.auth_comp_id 
_pdbx_struct_mod_residue.auth_seq_id 
_pdbx_struct_mod_residue.PDB_ins_code 
_pdbx_struct_mod_residue.parent_comp_id 
_pdbx_struct_mod_residue.details 
1 A MSE 32  A MSE 50  ? MET SELENOMETHIONINE 
2 A MSE 35  A MSE 53  ? MET SELENOMETHIONINE 
3 A MSE 94  A MSE 112 ? MET SELENOMETHIONINE 
4 A MSE 118 A MSE 136 ? MET SELENOMETHIONINE 
# 
_pdbx_refine_tls.id               1 
_pdbx_refine_tls.details          ? 
_pdbx_refine_tls.method           refined 
_pdbx_refine_tls.origin_x         0.3785 
_pdbx_refine_tls.origin_y         -0.4087 
_pdbx_refine_tls.origin_z         0.0369 
_pdbx_refine_tls.T[1][1]          -0.1302 
_pdbx_refine_tls.T[2][2]          -0.1378 
_pdbx_refine_tls.T[3][3]          -0.1033 
_pdbx_refine_tls.T[1][2]          0.0136 
_pdbx_refine_tls.T[1][3]          0.0312 
_pdbx_refine_tls.T[2][3]          0.0125 
_pdbx_refine_tls.L[1][1]          1.4430 
_pdbx_refine_tls.L[2][2]          1.1608 
_pdbx_refine_tls.L[3][3]          2.7591 
_pdbx_refine_tls.L[1][2]          0.1358 
_pdbx_refine_tls.L[1][3]          0.1140 
_pdbx_refine_tls.L[2][3]          0.6049 
_pdbx_refine_tls.S[1][1]          0.0307 
_pdbx_refine_tls.S[1][2]          0.1493 
_pdbx_refine_tls.S[1][3]          -0.0527 
_pdbx_refine_tls.S[2][1]          -0.0749 
_pdbx_refine_tls.S[2][2]          -0.0199 
_pdbx_refine_tls.S[2][3]          -0.0645 
_pdbx_refine_tls.S[3][1]          0.1143 
_pdbx_refine_tls.S[3][2]          -0.0082 
_pdbx_refine_tls.S[3][3]          -0.0108 
_pdbx_refine_tls.pdbx_refine_id   'X-RAY DIFFRACTION' 
# 
_pdbx_refine_tls_group.id                  1 
_pdbx_refine_tls_group.refine_tls_id       1 
_pdbx_refine_tls_group.beg_auth_asym_id    A 
_pdbx_refine_tls_group.beg_auth_seq_id     0 
_pdbx_refine_tls_group.beg_label_asym_id   A 
_pdbx_refine_tls_group.beg_label_seq_id    1 
_pdbx_refine_tls_group.end_auth_asym_id    A 
_pdbx_refine_tls_group.end_auth_seq_id     145 
_pdbx_refine_tls_group.end_label_asym_id   A 
_pdbx_refine_tls_group.end_label_seq_id    127 
_pdbx_refine_tls_group.selection           ? 
_pdbx_refine_tls_group.pdbx_refine_id      'X-RAY DIFFRACTION' 
_pdbx_refine_tls_group.selection_details   ? 
# 
_phasing.method   MAD 
# 
loop_
_chem_comp_atom.comp_id 
_chem_comp_atom.atom_id 
_chem_comp_atom.type_symbol 
_chem_comp_atom.pdbx_aromatic_flag 
_chem_comp_atom.pdbx_stereo_config 
_chem_comp_atom.pdbx_ordinal 
ALA N    N  N N 1   
ALA CA   C  N S 2   
ALA C    C  N N 3   
ALA O    O  N N 4   
ALA CB   C  N N 5   
ALA OXT  O  N N 6   
ALA H    H  N N 7   
ALA H2   H  N N 8   
ALA HA   H  N N 9   
ALA HB1  H  N N 10  
ALA HB2  H  N N 11  
ALA HB3  H  N N 12  
ALA HXT  H  N N 13  
ARG N    N  N N 14  
ARG CA   C  N S 15  
ARG C    C  N N 16  
ARG O    O  N N 17  
ARG CB   C  N N 18  
ARG CG   C  N N 19  
ARG CD   C  N N 20  
ARG NE   N  N N 21  
ARG CZ   C  N N 22  
ARG NH1  N  N N 23  
ARG NH2  N  N N 24  
ARG OXT  O  N N 25  
ARG H    H  N N 26  
ARG H2   H  N N 27  
ARG HA   H  N N 28  
ARG HB2  H  N N 29  
ARG HB3  H  N N 30  
ARG HG2  H  N N 31  
ARG HG3  H  N N 32  
ARG HD2  H  N N 33  
ARG HD3  H  N N 34  
ARG HE   H  N N 35  
ARG HH11 H  N N 36  
ARG HH12 H  N N 37  
ARG HH21 H  N N 38  
ARG HH22 H  N N 39  
ARG HXT  H  N N 40  
ASN N    N  N N 41  
ASN CA   C  N S 42  
ASN C    C  N N 43  
ASN O    O  N N 44  
ASN CB   C  N N 45  
ASN CG   C  N N 46  
ASN OD1  O  N N 47  
ASN ND2  N  N N 48  
ASN OXT  O  N N 49  
ASN H    H  N N 50  
ASN H2   H  N N 51  
ASN HA   H  N N 52  
ASN HB2  H  N N 53  
ASN HB3  H  N N 54  
ASN HD21 H  N N 55  
ASN HD22 H  N N 56  
ASN HXT  H  N N 57  
ASP N    N  N N 58  
ASP CA   C  N S 59  
ASP C    C  N N 60  
ASP O    O  N N 61  
ASP CB   C  N N 62  
ASP CG   C  N N 63  
ASP OD1  O  N N 64  
ASP OD2  O  N N 65  
ASP OXT  O  N N 66  
ASP H    H  N N 67  
ASP H2   H  N N 68  
ASP HA   H  N N 69  
ASP HB2  H  N N 70  
ASP HB3  H  N N 71  
ASP HD2  H  N N 72  
ASP HXT  H  N N 73  
CAC AS   AS N N 74  
CAC O1   O  N N 75  
CAC O2   O  N N 76  
CAC C1   C  N N 77  
CAC C2   C  N N 78  
CAC H11  H  N N 79  
CAC H12  H  N N 80  
CAC H13  H  N N 81  
CAC H21  H  N N 82  
CAC H22  H  N N 83  
CAC H23  H  N N 84  
CYS N    N  N N 85  
CYS CA   C  N R 86  
CYS C    C  N N 87  
CYS O    O  N N 88  
CYS CB   C  N N 89  
CYS SG   S  N N 90  
CYS OXT  O  N N 91  
CYS H    H  N N 92  
CYS H2   H  N N 93  
CYS HA   H  N N 94  
CYS HB2  H  N N 95  
CYS HB3  H  N N 96  
CYS HG   H  N N 97  
CYS HXT  H  N N 98  
GLN N    N  N N 99  
GLN CA   C  N S 100 
GLN C    C  N N 101 
GLN O    O  N N 102 
GLN CB   C  N N 103 
GLN CG   C  N N 104 
GLN CD   C  N N 105 
GLN OE1  O  N N 106 
GLN NE2  N  N N 107 
GLN OXT  O  N N 108 
GLN H    H  N N 109 
GLN H2   H  N N 110 
GLN HA   H  N N 111 
GLN HB2  H  N N 112 
GLN HB3  H  N N 113 
GLN HG2  H  N N 114 
GLN HG3  H  N N 115 
GLN HE21 H  N N 116 
GLN HE22 H  N N 117 
GLN HXT  H  N N 118 
GLU N    N  N N 119 
GLU CA   C  N S 120 
GLU C    C  N N 121 
GLU O    O  N N 122 
GLU CB   C  N N 123 
GLU CG   C  N N 124 
GLU CD   C  N N 125 
GLU OE1  O  N N 126 
GLU OE2  O  N N 127 
GLU OXT  O  N N 128 
GLU H    H  N N 129 
GLU H2   H  N N 130 
GLU HA   H  N N 131 
GLU HB2  H  N N 132 
GLU HB3  H  N N 133 
GLU HG2  H  N N 134 
GLU HG3  H  N N 135 
GLU HE2  H  N N 136 
GLU HXT  H  N N 137 
GLY N    N  N N 138 
GLY CA   C  N N 139 
GLY C    C  N N 140 
GLY O    O  N N 141 
GLY OXT  O  N N 142 
GLY H    H  N N 143 
GLY H2   H  N N 144 
GLY HA2  H  N N 145 
GLY HA3  H  N N 146 
GLY HXT  H  N N 147 
HIS N    N  N N 148 
HIS CA   C  N S 149 
HIS C    C  N N 150 
HIS O    O  N N 151 
HIS CB   C  N N 152 
HIS CG   C  Y N 153 
HIS ND1  N  Y N 154 
HIS CD2  C  Y N 155 
HIS CE1  C  Y N 156 
HIS NE2  N  Y N 157 
HIS OXT  O  N N 158 
HIS H    H  N N 159 
HIS H2   H  N N 160 
HIS HA   H  N N 161 
HIS HB2  H  N N 162 
HIS HB3  H  N N 163 
HIS HD1  H  N N 164 
HIS HD2  H  N N 165 
HIS HE1  H  N N 166 
HIS HE2  H  N N 167 
HIS HXT  H  N N 168 
HOH O    O  N N 169 
HOH H1   H  N N 170 
HOH H2   H  N N 171 
ILE N    N  N N 172 
ILE CA   C  N S 173 
ILE C    C  N N 174 
ILE O    O  N N 175 
ILE CB   C  N S 176 
ILE CG1  C  N N 177 
ILE CG2  C  N N 178 
ILE CD1  C  N N 179 
ILE OXT  O  N N 180 
ILE H    H  N N 181 
ILE H2   H  N N 182 
ILE HA   H  N N 183 
ILE HB   H  N N 184 
ILE HG12 H  N N 185 
ILE HG13 H  N N 186 
ILE HG21 H  N N 187 
ILE HG22 H  N N 188 
ILE HG23 H  N N 189 
ILE HD11 H  N N 190 
ILE HD12 H  N N 191 
ILE HD13 H  N N 192 
ILE HXT  H  N N 193 
LEU N    N  N N 194 
LEU CA   C  N S 195 
LEU C    C  N N 196 
LEU O    O  N N 197 
LEU CB   C  N N 198 
LEU CG   C  N N 199 
LEU CD1  C  N N 200 
LEU CD2  C  N N 201 
LEU OXT  O  N N 202 
LEU H    H  N N 203 
LEU H2   H  N N 204 
LEU HA   H  N N 205 
LEU HB2  H  N N 206 
LEU HB3  H  N N 207 
LEU HG   H  N N 208 
LEU HD11 H  N N 209 
LEU HD12 H  N N 210 
LEU HD13 H  N N 211 
LEU HD21 H  N N 212 
LEU HD22 H  N N 213 
LEU HD23 H  N N 214 
LEU HXT  H  N N 215 
LYS N    N  N N 216 
LYS CA   C  N S 217 
LYS C    C  N N 218 
LYS O    O  N N 219 
LYS CB   C  N N 220 
LYS CG   C  N N 221 
LYS CD   C  N N 222 
LYS CE   C  N N 223 
LYS NZ   N  N N 224 
LYS OXT  O  N N 225 
LYS H    H  N N 226 
LYS H2   H  N N 227 
LYS HA   H  N N 228 
LYS HB2  H  N N 229 
LYS HB3  H  N N 230 
LYS HG2  H  N N 231 
LYS HG3  H  N N 232 
LYS HD2  H  N N 233 
LYS HD3  H  N N 234 
LYS HE2  H  N N 235 
LYS HE3  H  N N 236 
LYS HZ1  H  N N 237 
LYS HZ2  H  N N 238 
LYS HZ3  H  N N 239 
LYS HXT  H  N N 240 
MSE N    N  N N 241 
MSE CA   C  N S 242 
MSE C    C  N N 243 
MSE O    O  N N 244 
MSE OXT  O  N N 245 
MSE CB   C  N N 246 
MSE CG   C  N N 247 
MSE SE   SE N N 248 
MSE CE   C  N N 249 
MSE H    H  N N 250 
MSE H2   H  N N 251 
MSE HA   H  N N 252 
MSE HXT  H  N N 253 
MSE HB2  H  N N 254 
MSE HB3  H  N N 255 
MSE HG2  H  N N 256 
MSE HG3  H  N N 257 
MSE HE1  H  N N 258 
MSE HE2  H  N N 259 
MSE HE3  H  N N 260 
PHE N    N  N N 261 
PHE CA   C  N S 262 
PHE C    C  N N 263 
PHE O    O  N N 264 
PHE CB   C  N N 265 
PHE CG   C  Y N 266 
PHE CD1  C  Y N 267 
PHE CD2  C  Y N 268 
PHE CE1  C  Y N 269 
PHE CE2  C  Y N 270 
PHE CZ   C  Y N 271 
PHE OXT  O  N N 272 
PHE H    H  N N 273 
PHE H2   H  N N 274 
PHE HA   H  N N 275 
PHE HB2  H  N N 276 
PHE HB3  H  N N 277 
PHE HD1  H  N N 278 
PHE HD2  H  N N 279 
PHE HE1  H  N N 280 
PHE HE2  H  N N 281 
PHE HZ   H  N N 282 
PHE HXT  H  N N 283 
PRO N    N  N N 284 
PRO CA   C  N S 285 
PRO C    C  N N 286 
PRO O    O  N N 287 
PRO CB   C  N N 288 
PRO CG   C  N N 289 
PRO CD   C  N N 290 
PRO OXT  O  N N 291 
PRO H    H  N N 292 
PRO HA   H  N N 293 
PRO HB2  H  N N 294 
PRO HB3  H  N N 295 
PRO HG2  H  N N 296 
PRO HG3  H  N N 297 
PRO HD2  H  N N 298 
PRO HD3  H  N N 299 
PRO HXT  H  N N 300 
SER N    N  N N 301 
SER CA   C  N S 302 
SER C    C  N N 303 
SER O    O  N N 304 
SER CB   C  N N 305 
SER OG   O  N N 306 
SER OXT  O  N N 307 
SER H    H  N N 308 
SER H2   H  N N 309 
SER HA   H  N N 310 
SER HB2  H  N N 311 
SER HB3  H  N N 312 
SER HG   H  N N 313 
SER HXT  H  N N 314 
THR N    N  N N 315 
THR CA   C  N S 316 
THR C    C  N N 317 
THR O    O  N N 318 
THR CB   C  N R 319 
THR OG1  O  N N 320 
THR CG2  C  N N 321 
THR OXT  O  N N 322 
THR H    H  N N 323 
THR H2   H  N N 324 
THR HA   H  N N 325 
THR HB   H  N N 326 
THR HG1  H  N N 327 
THR HG21 H  N N 328 
THR HG22 H  N N 329 
THR HG23 H  N N 330 
THR HXT  H  N N 331 
TRP N    N  N N 332 
TRP CA   C  N S 333 
TRP C    C  N N 334 
TRP O    O  N N 335 
TRP CB   C  N N 336 
TRP CG   C  Y N 337 
TRP CD1  C  Y N 338 
TRP CD2  C  Y N 339 
TRP NE1  N  Y N 340 
TRP CE2  C  Y N 341 
TRP CE3  C  Y N 342 
TRP CZ2  C  Y N 343 
TRP CZ3  C  Y N 344 
TRP CH2  C  Y N 345 
TRP OXT  O  N N 346 
TRP H    H  N N 347 
TRP H2   H  N N 348 
TRP HA   H  N N 349 
TRP HB2  H  N N 350 
TRP HB3  H  N N 351 
TRP HD1  H  N N 352 
TRP HE1  H  N N 353 
TRP HE3  H  N N 354 
TRP HZ2  H  N N 355 
TRP HZ3  H  N N 356 
TRP HH2  H  N N 357 
TRP HXT  H  N N 358 
TYR N    N  N N 359 
TYR CA   C  N S 360 
TYR C    C  N N 361 
TYR O    O  N N 362 
TYR CB   C  N N 363 
TYR CG   C  Y N 364 
TYR CD1  C  Y N 365 
TYR CD2  C  Y N 366 
TYR CE1  C  Y N 367 
TYR CE2  C  Y N 368 
TYR CZ   C  Y N 369 
TYR OH   O  N N 370 
TYR OXT  O  N N 371 
TYR H    H  N N 372 
TYR H2   H  N N 373 
TYR HA   H  N N 374 
TYR HB2  H  N N 375 
TYR HB3  H  N N 376 
TYR HD1  H  N N 377 
TYR HD2  H  N N 378 
TYR HE1  H  N N 379 
TYR HE2  H  N N 380 
TYR HH   H  N N 381 
TYR HXT  H  N N 382 
VAL N    N  N N 383 
VAL CA   C  N S 384 
VAL C    C  N N 385 
VAL O    O  N N 386 
VAL CB   C  N N 387 
VAL CG1  C  N N 388 
VAL CG2  C  N N 389 
VAL OXT  O  N N 390 
VAL H    H  N N 391 
VAL H2   H  N N 392 
VAL HA   H  N N 393 
VAL HB   H  N N 394 
VAL HG11 H  N N 395 
VAL HG12 H  N N 396 
VAL HG13 H  N N 397 
VAL HG21 H  N N 398 
VAL HG22 H  N N 399 
VAL HG23 H  N N 400 
VAL HXT  H  N N 401 
# 
loop_
_chem_comp_bond.comp_id 
_chem_comp_bond.atom_id_1 
_chem_comp_bond.atom_id_2 
_chem_comp_bond.value_order 
_chem_comp_bond.pdbx_aromatic_flag 
_chem_comp_bond.pdbx_stereo_config 
_chem_comp_bond.pdbx_ordinal 
ALA N   CA   sing N N 1   
ALA N   H    sing N N 2   
ALA N   H2   sing N N 3   
ALA CA  C    sing N N 4   
ALA CA  CB   sing N N 5   
ALA CA  HA   sing N N 6   
ALA C   O    doub N N 7   
ALA C   OXT  sing N N 8   
ALA CB  HB1  sing N N 9   
ALA CB  HB2  sing N N 10  
ALA CB  HB3  sing N N 11  
ALA OXT HXT  sing N N 12  
ARG N   CA   sing N N 13  
ARG N   H    sing N N 14  
ARG N   H2   sing N N 15  
ARG CA  C    sing N N 16  
ARG CA  CB   sing N N 17  
ARG CA  HA   sing N N 18  
ARG C   O    doub N N 19  
ARG C   OXT  sing N N 20  
ARG CB  CG   sing N N 21  
ARG CB  HB2  sing N N 22  
ARG CB  HB3  sing N N 23  
ARG CG  CD   sing N N 24  
ARG CG  HG2  sing N N 25  
ARG CG  HG3  sing N N 26  
ARG CD  NE   sing N N 27  
ARG CD  HD2  sing N N 28  
ARG CD  HD3  sing N N 29  
ARG NE  CZ   sing N N 30  
ARG NE  HE   sing N N 31  
ARG CZ  NH1  sing N N 32  
ARG CZ  NH2  doub N N 33  
ARG NH1 HH11 sing N N 34  
ARG NH1 HH12 sing N N 35  
ARG NH2 HH21 sing N N 36  
ARG NH2 HH22 sing N N 37  
ARG OXT HXT  sing N N 38  
ASN N   CA   sing N N 39  
ASN N   H    sing N N 40  
ASN N   H2   sing N N 41  
ASN CA  C    sing N N 42  
ASN CA  CB   sing N N 43  
ASN CA  HA   sing N N 44  
ASN C   O    doub N N 45  
ASN C   OXT  sing N N 46  
ASN CB  CG   sing N N 47  
ASN CB  HB2  sing N N 48  
ASN CB  HB3  sing N N 49  
ASN CG  OD1  doub N N 50  
ASN CG  ND2  sing N N 51  
ASN ND2 HD21 sing N N 52  
ASN ND2 HD22 sing N N 53  
ASN OXT HXT  sing N N 54  
ASP N   CA   sing N N 55  
ASP N   H    sing N N 56  
ASP N   H2   sing N N 57  
ASP CA  C    sing N N 58  
ASP CA  CB   sing N N 59  
ASP CA  HA   sing N N 60  
ASP C   O    doub N N 61  
ASP C   OXT  sing N N 62  
ASP CB  CG   sing N N 63  
ASP CB  HB2  sing N N 64  
ASP CB  HB3  sing N N 65  
ASP CG  OD1  doub N N 66  
ASP CG  OD2  sing N N 67  
ASP OD2 HD2  sing N N 68  
ASP OXT HXT  sing N N 69  
CAC AS  O1   doub N N 70  
CAC AS  O2   sing N N 71  
CAC AS  C1   sing N N 72  
CAC AS  C2   sing N N 73  
CAC C1  H11  sing N N 74  
CAC C1  H12  sing N N 75  
CAC C1  H13  sing N N 76  
CAC C2  H21  sing N N 77  
CAC C2  H22  sing N N 78  
CAC C2  H23  sing N N 79  
CYS N   CA   sing N N 80  
CYS N   H    sing N N 81  
CYS N   H2   sing N N 82  
CYS CA  C    sing N N 83  
CYS CA  CB   sing N N 84  
CYS CA  HA   sing N N 85  
CYS C   O    doub N N 86  
CYS C   OXT  sing N N 87  
CYS CB  SG   sing N N 88  
CYS CB  HB2  sing N N 89  
CYS CB  HB3  sing N N 90  
CYS SG  HG   sing N N 91  
CYS OXT HXT  sing N N 92  
GLN N   CA   sing N N 93  
GLN N   H    sing N N 94  
GLN N   H2   sing N N 95  
GLN CA  C    sing N N 96  
GLN CA  CB   sing N N 97  
GLN CA  HA   sing N N 98  
GLN C   O    doub N N 99  
GLN C   OXT  sing N N 100 
GLN CB  CG   sing N N 101 
GLN CB  HB2  sing N N 102 
GLN CB  HB3  sing N N 103 
GLN CG  CD   sing N N 104 
GLN CG  HG2  sing N N 105 
GLN CG  HG3  sing N N 106 
GLN CD  OE1  doub N N 107 
GLN CD  NE2  sing N N 108 
GLN NE2 HE21 sing N N 109 
GLN NE2 HE22 sing N N 110 
GLN OXT HXT  sing N N 111 
GLU N   CA   sing N N 112 
GLU N   H    sing N N 113 
GLU N   H2   sing N N 114 
GLU CA  C    sing N N 115 
GLU CA  CB   sing N N 116 
GLU CA  HA   sing N N 117 
GLU C   O    doub N N 118 
GLU C   OXT  sing N N 119 
GLU CB  CG   sing N N 120 
GLU CB  HB2  sing N N 121 
GLU CB  HB3  sing N N 122 
GLU CG  CD   sing N N 123 
GLU CG  HG2  sing N N 124 
GLU CG  HG3  sing N N 125 
GLU CD  OE1  doub N N 126 
GLU CD  OE2  sing N N 127 
GLU OE2 HE2  sing N N 128 
GLU OXT HXT  sing N N 129 
GLY N   CA   sing N N 130 
GLY N   H    sing N N 131 
GLY N   H2   sing N N 132 
GLY CA  C    sing N N 133 
GLY CA  HA2  sing N N 134 
GLY CA  HA3  sing N N 135 
GLY C   O    doub N N 136 
GLY C   OXT  sing N N 137 
GLY OXT HXT  sing N N 138 
HIS N   CA   sing N N 139 
HIS N   H    sing N N 140 
HIS N   H2   sing N N 141 
HIS CA  C    sing N N 142 
HIS CA  CB   sing N N 143 
HIS CA  HA   sing N N 144 
HIS C   O    doub N N 145 
HIS C   OXT  sing N N 146 
HIS CB  CG   sing N N 147 
HIS CB  HB2  sing N N 148 
HIS CB  HB3  sing N N 149 
HIS CG  ND1  sing Y N 150 
HIS CG  CD2  doub Y N 151 
HIS ND1 CE1  doub Y N 152 
HIS ND1 HD1  sing N N 153 
HIS CD2 NE2  sing Y N 154 
HIS CD2 HD2  sing N N 155 
HIS CE1 NE2  sing Y N 156 
HIS CE1 HE1  sing N N 157 
HIS NE2 HE2  sing N N 158 
HIS OXT HXT  sing N N 159 
HOH O   H1   sing N N 160 
HOH O   H2   sing N N 161 
ILE N   CA   sing N N 162 
ILE N   H    sing N N 163 
ILE N   H2   sing N N 164 
ILE CA  C    sing N N 165 
ILE CA  CB   sing N N 166 
ILE CA  HA   sing N N 167 
ILE C   O    doub N N 168 
ILE C   OXT  sing N N 169 
ILE CB  CG1  sing N N 170 
ILE CB  CG2  sing N N 171 
ILE CB  HB   sing N N 172 
ILE CG1 CD1  sing N N 173 
ILE CG1 HG12 sing N N 174 
ILE CG1 HG13 sing N N 175 
ILE CG2 HG21 sing N N 176 
ILE CG2 HG22 sing N N 177 
ILE CG2 HG23 sing N N 178 
ILE CD1 HD11 sing N N 179 
ILE CD1 HD12 sing N N 180 
ILE CD1 HD13 sing N N 181 
ILE OXT HXT  sing N N 182 
LEU N   CA   sing N N 183 
LEU N   H    sing N N 184 
LEU N   H2   sing N N 185 
LEU CA  C    sing N N 186 
LEU CA  CB   sing N N 187 
LEU CA  HA   sing N N 188 
LEU C   O    doub N N 189 
LEU C   OXT  sing N N 190 
LEU CB  CG   sing N N 191 
LEU CB  HB2  sing N N 192 
LEU CB  HB3  sing N N 193 
LEU CG  CD1  sing N N 194 
LEU CG  CD2  sing N N 195 
LEU CG  HG   sing N N 196 
LEU CD1 HD11 sing N N 197 
LEU CD1 HD12 sing N N 198 
LEU CD1 HD13 sing N N 199 
LEU CD2 HD21 sing N N 200 
LEU CD2 HD22 sing N N 201 
LEU CD2 HD23 sing N N 202 
LEU OXT HXT  sing N N 203 
LYS N   CA   sing N N 204 
LYS N   H    sing N N 205 
LYS N   H2   sing N N 206 
LYS CA  C    sing N N 207 
LYS CA  CB   sing N N 208 
LYS CA  HA   sing N N 209 
LYS C   O    doub N N 210 
LYS C   OXT  sing N N 211 
LYS CB  CG   sing N N 212 
LYS CB  HB2  sing N N 213 
LYS CB  HB3  sing N N 214 
LYS CG  CD   sing N N 215 
LYS CG  HG2  sing N N 216 
LYS CG  HG3  sing N N 217 
LYS CD  CE   sing N N 218 
LYS CD  HD2  sing N N 219 
LYS CD  HD3  sing N N 220 
LYS CE  NZ   sing N N 221 
LYS CE  HE2  sing N N 222 
LYS CE  HE3  sing N N 223 
LYS NZ  HZ1  sing N N 224 
LYS NZ  HZ2  sing N N 225 
LYS NZ  HZ3  sing N N 226 
LYS OXT HXT  sing N N 227 
MSE N   CA   sing N N 228 
MSE N   H    sing N N 229 
MSE N   H2   sing N N 230 
MSE CA  C    sing N N 231 
MSE CA  CB   sing N N 232 
MSE CA  HA   sing N N 233 
MSE C   O    doub N N 234 
MSE C   OXT  sing N N 235 
MSE OXT HXT  sing N N 236 
MSE CB  CG   sing N N 237 
MSE CB  HB2  sing N N 238 
MSE CB  HB3  sing N N 239 
MSE CG  SE   sing N N 240 
MSE CG  HG2  sing N N 241 
MSE CG  HG3  sing N N 242 
MSE SE  CE   sing N N 243 
MSE CE  HE1  sing N N 244 
MSE CE  HE2  sing N N 245 
MSE CE  HE3  sing N N 246 
PHE N   CA   sing N N 247 
PHE N   H    sing N N 248 
PHE N   H2   sing N N 249 
PHE CA  C    sing N N 250 
PHE CA  CB   sing N N 251 
PHE CA  HA   sing N N 252 
PHE C   O    doub N N 253 
PHE C   OXT  sing N N 254 
PHE CB  CG   sing N N 255 
PHE CB  HB2  sing N N 256 
PHE CB  HB3  sing N N 257 
PHE CG  CD1  doub Y N 258 
PHE CG  CD2  sing Y N 259 
PHE CD1 CE1  sing Y N 260 
PHE CD1 HD1  sing N N 261 
PHE CD2 CE2  doub Y N 262 
PHE CD2 HD2  sing N N 263 
PHE CE1 CZ   doub Y N 264 
PHE CE1 HE1  sing N N 265 
PHE CE2 CZ   sing Y N 266 
PHE CE2 HE2  sing N N 267 
PHE CZ  HZ   sing N N 268 
PHE OXT HXT  sing N N 269 
PRO N   CA   sing N N 270 
PRO N   CD   sing N N 271 
PRO N   H    sing N N 272 
PRO CA  C    sing N N 273 
PRO CA  CB   sing N N 274 
PRO CA  HA   sing N N 275 
PRO C   O    doub N N 276 
PRO C   OXT  sing N N 277 
PRO CB  CG   sing N N 278 
PRO CB  HB2  sing N N 279 
PRO CB  HB3  sing N N 280 
PRO CG  CD   sing N N 281 
PRO CG  HG2  sing N N 282 
PRO CG  HG3  sing N N 283 
PRO CD  HD2  sing N N 284 
PRO CD  HD3  sing N N 285 
PRO OXT HXT  sing N N 286 
SER N   CA   sing N N 287 
SER N   H    sing N N 288 
SER N   H2   sing N N 289 
SER CA  C    sing N N 290 
SER CA  CB   sing N N 291 
SER CA  HA   sing N N 292 
SER C   O    doub N N 293 
SER C   OXT  sing N N 294 
SER CB  OG   sing N N 295 
SER CB  HB2  sing N N 296 
SER CB  HB3  sing N N 297 
SER OG  HG   sing N N 298 
SER OXT HXT  sing N N 299 
THR N   CA   sing N N 300 
THR N   H    sing N N 301 
THR N   H2   sing N N 302 
THR CA  C    sing N N 303 
THR CA  CB   sing N N 304 
THR CA  HA   sing N N 305 
THR C   O    doub N N 306 
THR C   OXT  sing N N 307 
THR CB  OG1  sing N N 308 
THR CB  CG2  sing N N 309 
THR CB  HB   sing N N 310 
THR OG1 HG1  sing N N 311 
THR CG2 HG21 sing N N 312 
THR CG2 HG22 sing N N 313 
THR CG2 HG23 sing N N 314 
THR OXT HXT  sing N N 315 
TRP N   CA   sing N N 316 
TRP N   H    sing N N 317 
TRP N   H2   sing N N 318 
TRP CA  C    sing N N 319 
TRP CA  CB   sing N N 320 
TRP CA  HA   sing N N 321 
TRP C   O    doub N N 322 
TRP C   OXT  sing N N 323 
TRP CB  CG   sing N N 324 
TRP CB  HB2  sing N N 325 
TRP CB  HB3  sing N N 326 
TRP CG  CD1  doub Y N 327 
TRP CG  CD2  sing Y N 328 
TRP CD1 NE1  sing Y N 329 
TRP CD1 HD1  sing N N 330 
TRP CD2 CE2  doub Y N 331 
TRP CD2 CE3  sing Y N 332 
TRP NE1 CE2  sing Y N 333 
TRP NE1 HE1  sing N N 334 
TRP CE2 CZ2  sing Y N 335 
TRP CE3 CZ3  doub Y N 336 
TRP CE3 HE3  sing N N 337 
TRP CZ2 CH2  doub Y N 338 
TRP CZ2 HZ2  sing N N 339 
TRP CZ3 CH2  sing Y N 340 
TRP CZ3 HZ3  sing N N 341 
TRP CH2 HH2  sing N N 342 
TRP OXT HXT  sing N N 343 
TYR N   CA   sing N N 344 
TYR N   H    sing N N 345 
TYR N   H2   sing N N 346 
TYR CA  C    sing N N 347 
TYR CA  CB   sing N N 348 
TYR CA  HA   sing N N 349 
TYR C   O    doub N N 350 
TYR C   OXT  sing N N 351 
TYR CB  CG   sing N N 352 
TYR CB  HB2  sing N N 353 
TYR CB  HB3  sing N N 354 
TYR CG  CD1  doub Y N 355 
TYR CG  CD2  sing Y N 356 
TYR CD1 CE1  sing Y N 357 
TYR CD1 HD1  sing N N 358 
TYR CD2 CE2  doub Y N 359 
TYR CD2 HD2  sing N N 360 
TYR CE1 CZ   doub Y N 361 
TYR CE1 HE1  sing N N 362 
TYR CE2 CZ   sing Y N 363 
TYR CE2 HE2  sing N N 364 
TYR CZ  OH   sing N N 365 
TYR OH  HH   sing N N 366 
TYR OXT HXT  sing N N 367 
VAL N   CA   sing N N 368 
VAL N   H    sing N N 369 
VAL N   H2   sing N N 370 
VAL CA  C    sing N N 371 
VAL CA  CB   sing N N 372 
VAL CA  HA   sing N N 373 
VAL C   O    doub N N 374 
VAL C   OXT  sing N N 375 
VAL CB  CG1  sing N N 376 
VAL CB  CG2  sing N N 377 
VAL CB  HB   sing N N 378 
VAL CG1 HG11 sing N N 379 
VAL CG1 HG12 sing N N 380 
VAL CG1 HG13 sing N N 381 
VAL CG2 HG21 sing N N 382 
VAL CG2 HG22 sing N N 383 
VAL CG2 HG23 sing N N 384 
VAL OXT HXT  sing N N 385 
# 
_atom_sites.entry_id                    3DUE 
_atom_sites.fract_transf_matrix[1][1]   -0.03040855 
_atom_sites.fract_transf_matrix[1][2]   -0.00871957 
_atom_sites.fract_transf_matrix[1][3]   0.00083396 
_atom_sites.fract_transf_matrix[2][1]   -0.00523182 
_atom_sites.fract_transf_matrix[2][2]   0.01756637 
_atom_sites.fract_transf_matrix[2][3]   -0.00709994 
_atom_sites.fract_transf_matrix[3][1]   0.00095564 
_atom_sites.fract_transf_matrix[3][2]   -0.00445400 
_atom_sites.fract_transf_matrix[3][3]   -0.01172411 
_atom_sites.fract_transf_vector[1]      0.313013 
_atom_sites.fract_transf_vector[2]      0.990005 
_atom_sites.fract_transf_vector[3]      0.094608 
# 
loop_
_atom_type.symbol 
AS 
C  
N  
O  
S  
SE 
# 
loop_
_atom_site.group_PDB 
_atom_site.id 
_atom_site.type_symbol 
_atom_site.label_atom_id 
_atom_site.label_alt_id 
_atom_site.label_comp_id 
_atom_site.label_asym_id 
_atom_site.label_entity_id 
_atom_site.label_seq_id 
_atom_site.pdbx_PDB_ins_code 
_atom_site.Cartn_x 
_atom_site.Cartn_y 
_atom_site.Cartn_z 
_atom_site.occupancy 
_atom_site.B_iso_or_equiv 
_atom_site.pdbx_formal_charge 
_atom_site.auth_seq_id 
_atom_site.auth_comp_id 
_atom_site.auth_asym_id 
_atom_site.auth_atom_id 
_atom_site.pdbx_PDB_model_num 
ATOM   1    N  N   . GLY A 1 1   ? 11.308  -11.764 12.791  1.00 26.29 ? 0   GLY A N   1 
ATOM   2    C  CA  . GLY A 1 1   ? 10.075  -12.588 12.654  1.00 26.85 ? 0   GLY A CA  1 
ATOM   3    C  C   . GLY A 1 1   ? 8.935   -12.148 13.576  1.00 27.46 ? 0   GLY A C   1 
ATOM   4    O  O   . GLY A 1 1   ? 8.871   -11.000 13.997  1.00 25.27 ? 0   GLY A O   1 
ATOM   5    N  N   . ALA A 1 2   ? 8.069   -13.104 13.898  1.00 27.15 ? 20  ALA A N   1 
ATOM   6    C  CA  . ALA A 1 2   ? 6.914   -12.913 14.772  1.00 27.39 ? 20  ALA A CA  1 
ATOM   7    C  C   . ALA A 1 2   ? 7.234   -12.182 16.074  1.00 25.75 ? 20  ALA A C   1 
ATOM   8    O  O   . ALA A 1 2   ? 7.984   -12.703 16.910  1.00 25.59 ? 20  ALA A O   1 
ATOM   9    C  CB  . ALA A 1 2   ? 6.340   -14.294 15.152  1.00 26.47 ? 20  ALA A CB  1 
ATOM   10   N  N   . ASP A 1 3   ? 6.642   -11.004 16.253  1.00 24.21 ? 21  ASP A N   1 
ATOM   11   C  CA  . ASP A 1 3   ? 6.777   -10.278 17.520  1.00 23.65 ? 21  ASP A CA  1 
ATOM   12   C  C   . ASP A 1 3   ? 8.197   -9.695  17.777  1.00 22.66 ? 21  ASP A C   1 
ATOM   13   O  O   . ASP A 1 3   ? 8.593   -9.476  18.920  1.00 21.02 ? 21  ASP A O   1 
ATOM   14   C  CB  . ASP A 1 3   ? 6.383   -11.201 18.680  1.00 24.17 ? 21  ASP A CB  1 
ATOM   15   C  CG  . ASP A 1 3   ? 5.987   -10.439 19.919  1.00 25.11 ? 21  ASP A CG  1 
ATOM   16   O  OD1 . ASP A 1 3   ? 5.176   -9.503  19.763  1.00 27.76 ? 21  ASP A OD1 1 
ATOM   17   O  OD2 . ASP A 1 3   ? 6.478   -10.777 21.027  1.00 26.79 ? 21  ASP A OD2 1 
ATOM   18   N  N   . ASP A 1 4   ? 8.953   -9.459  16.714  1.00 21.66 ? 22  ASP A N   1 
ATOM   19   C  CA  . ASP A 1 4   ? 10.289  -8.849  16.840  1.00 22.09 ? 22  ASP A CA  1 
ATOM   20   C  C   . ASP A 1 4   ? 10.181  -7.354  16.547  1.00 23.13 ? 22  ASP A C   1 
ATOM   21   O  O   . ASP A 1 4   ? 11.178  -6.643  16.523  1.00 23.96 ? 22  ASP A O   1 
ATOM   22   C  CB  . ASP A 1 4   ? 11.247  -9.479  15.838  1.00 20.66 ? 22  ASP A CB  1 
ATOM   23   C  CG  . ASP A 1 4   ? 11.625  -10.889 16.195  1.00 19.49 ? 22  ASP A CG  1 
ATOM   24   O  OD1 . ASP A 1 4   ? 11.623  -11.252 17.397  1.00 18.14 ? 22  ASP A OD1 1 
ATOM   25   O  OD2 . ASP A 1 4   ? 11.968  -11.636 15.260  1.00 17.67 ? 22  ASP A OD2 1 
ATOM   26   N  N   . ASP A 1 5   ? 8.956   -6.874  16.375  1.00 24.12 ? 23  ASP A N   1 
ATOM   27   C  CA  . ASP A 1 5   ? 8.721   -5.483  15.986  1.00 25.47 ? 23  ASP A CA  1 
ATOM   28   C  C   . ASP A 1 5   ? 9.130   -4.487  17.068  1.00 25.36 ? 23  ASP A C   1 
ATOM   29   O  O   . ASP A 1 5   ? 9.191   -4.835  18.234  1.00 22.71 ? 23  ASP A O   1 
ATOM   30   C  CB  . ASP A 1 5   ? 7.256   -5.289  15.628  1.00 27.64 ? 23  ASP A CB  1 
ATOM   31   C  CG  . ASP A 1 5   ? 6.328   -5.809  16.691  1.00 30.09 ? 23  ASP A CG  1 
ATOM   32   O  OD1 . ASP A 1 5   ? 6.191   -7.042  16.813  1.00 31.57 ? 23  ASP A OD1 1 
ATOM   33   O  OD2 . ASP A 1 5   ? 5.726   -4.984  17.404  1.00 33.26 ? 23  ASP A OD2 1 
ATOM   34   N  N   . LYS A 1 6   ? 9.401   -3.255  16.654  1.00 25.35 ? 24  LYS A N   1 
ATOM   35   C  CA  . LYS A 1 6   ? 9.761   -2.185  17.575  1.00 25.10 ? 24  LYS A CA  1 
ATOM   36   C  C   . LYS A 1 6   ? 9.031   -0.926  17.161  1.00 23.62 ? 24  LYS A C   1 
ATOM   37   O  O   . LYS A 1 6   ? 8.923   -0.648  15.984  1.00 22.53 ? 24  LYS A O   1 
ATOM   38   C  CB  . LYS A 1 6   ? 11.272  -1.961  17.574  1.00 26.18 ? 24  LYS A CB  1 
ATOM   39   C  CG  . LYS A 1 6   ? 12.029  -3.176  18.202  1.00 27.07 ? 24  LYS A CG  1 
ATOM   40   C  CD  . LYS A 1 6   ? 13.474  -2.805  18.602  1.00 28.42 ? 24  LYS A CD  1 
ATOM   41   C  CE  . LYS A 1 6   ? 14.331  -4.024  19.087  1.00 29.41 ? 24  LYS A CE  1 
ATOM   42   N  NZ  . LYS A 1 6   ? 13.806  -4.641  20.376  1.00 31.32 ? 24  LYS A NZ  1 
ATOM   43   N  N   . PRO A 1 7   ? 8.504   -0.182  18.137  1.00 23.93 ? 25  PRO A N   1 
ATOM   44   C  CA  . PRO A 1 7   ? 7.833   1.063   17.776  1.00 23.49 ? 25  PRO A CA  1 
ATOM   45   C  C   . PRO A 1 7   ? 8.842   2.131   17.318  1.00 23.31 ? 25  PRO A C   1 
ATOM   46   O  O   . PRO A 1 7   ? 9.979   2.200   17.833  1.00 20.27 ? 25  PRO A O   1 
ATOM   47   C  CB  . PRO A 1 7   ? 7.129   1.479   19.081  1.00 22.31 ? 25  PRO A CB  1 
ATOM   48   C  CG  . PRO A 1 7   ? 7.926   0.882   20.173  1.00 24.18 ? 25  PRO A CG  1 
ATOM   49   C  CD  . PRO A 1 7   ? 8.513   -0.416  19.603  1.00 23.45 ? 25  PRO A CD  1 
ATOM   50   N  N   . ILE A 1 8   ? 8.400   2.993   16.410  1.00 23.14 ? 26  ILE A N   1 
ATOM   51   C  CA  . ILE A 1 8   ? 9.241   4.029   15.910  1.00 23.45 ? 26  ILE A CA  1 
ATOM   52   C  C   . ILE A 1 8   ? 8.445   5.314   15.757  1.00 23.80 ? 26  ILE A C   1 
ATOM   53   O  O   . ILE A 1 8   ? 7.217   5.311   15.782  1.00 18.30 ? 26  ILE A O   1 
ATOM   54   C  CB  . ILE A 1 8   ? 9.889   3.673   14.532  1.00 24.22 ? 26  ILE A CB  1 
ATOM   55   C  CG1 . ILE A 1 8   ? 8.807   3.561   13.425  1.00 24.08 ? 26  ILE A CG1 1 
ATOM   56   C  CG2 . ILE A 1 8   ? 10.783  2.432   14.658  1.00 24.07 ? 26  ILE A CG2 1 
ATOM   57   C  CD1 . ILE A 1 8   ? 9.380   3.503   11.996  1.00 25.08 ? 26  ILE A CD1 1 
ATOM   58   N  N   . GLN A 1 9   ? 9.203   6.396   15.643  1.00 24.25 ? 27  GLN A N   1 
ATOM   59   C  CA  . GLN A 1 9   ? 8.679   7.718   15.342  1.00 23.87 ? 27  GLN A CA  1 
ATOM   60   C  C   . GLN A 1 9   ? 8.766   7.862   13.830  1.00 23.67 ? 27  GLN A C   1 
ATOM   61   O  O   . GLN A 1 9   ? 9.551   7.170   13.187  1.00 22.23 ? 27  GLN A O   1 
ATOM   62   C  CB  . GLN A 1 9   ? 9.514   8.802   16.025  1.00 24.26 ? 27  GLN A CB  1 
ATOM   63   C  CG  . GLN A 1 9   ? 9.455   8.756   17.576  1.00 24.36 ? 27  GLN A CG  1 
ATOM   64   C  CD  . GLN A 1 9   ? 8.118   9.244   18.073  1.00 23.91 ? 27  GLN A CD  1 
ATOM   65   O  OE1 . GLN A 1 9   ? 7.598   10.216  17.537  1.00 25.25 ? 27  GLN A OE1 1 
ATOM   66   N  NE2 . GLN A 1 9   ? 7.541   8.577   19.080  1.00 24.32 ? 27  GLN A NE2 1 
ATOM   67   N  N   . VAL A 1 10  ? 7.961   8.769   13.285  1.00 23.98 ? 28  VAL A N   1 
ATOM   68   C  CA  . VAL A 1 10  ? 7.933   9.086   11.854  1.00 25.78 ? 28  VAL A CA  1 
ATOM   69   C  C   . VAL A 1 10  ? 9.304   9.490   11.333  1.00 25.54 ? 28  VAL A C   1 
ATOM   70   O  O   . VAL A 1 10  ? 9.707   9.046   10.239  1.00 25.07 ? 28  VAL A O   1 
ATOM   71   C  CB  . VAL A 1 10  ? 6.850   10.185  11.501  1.00 26.84 ? 28  VAL A CB  1 
ATOM   72   C  CG1 . VAL A 1 10  ? 6.978   10.713  10.055  1.00 28.20 ? 28  VAL A CG1 1 
ATOM   73   C  CG2 . VAL A 1 10  ? 5.431   9.676   11.739  1.00 27.41 ? 28  VAL A CG2 1 
ATOM   74   N  N   . ASN A 1 11  ? 10.058  10.269  12.096  1.00 25.53 ? 29  ASN A N   1 
ATOM   75   C  CA  . ASN A 1 11  ? 11.392  10.651  11.626  1.00 26.61 ? 29  ASN A CA  1 
ATOM   76   C  C   . ASN A 1 11  ? 12.405  9.510   11.563  1.00 25.17 ? 29  ASN A C   1 
ATOM   77   O  O   . ASN A 1 11  ? 13.525  9.724   11.141  1.00 27.29 ? 29  ASN A O   1 
ATOM   78   C  CB  . ASN A 1 11  ? 11.960  11.834  12.398  1.00 27.84 ? 29  ASN A CB  1 
ATOM   79   C  CG  . ASN A 1 11  ? 12.207  11.528  13.839  1.00 30.11 ? 29  ASN A CG  1 
ATOM   80   O  OD1 . ASN A 1 11  ? 12.234  10.361  14.286  1.00 31.60 ? 29  ASN A OD1 1 
ATOM   81   N  ND2 . ASN A 1 11  ? 12.429  12.583  14.592  1.00 31.31 ? 29  ASN A ND2 1 
ATOM   82   N  N   . GLN A 1 12  ? 12.033  8.319   12.014  1.00 25.24 ? 30  GLN A N   1 
ATOM   83   C  CA  . GLN A 1 12  ? 12.868  7.124   11.885  1.00 24.54 ? 30  GLN A CA  1 
ATOM   84   C  C   . GLN A 1 12  ? 12.534  6.301   10.617  1.00 25.62 ? 30  GLN A C   1 
ATOM   85   O  O   . GLN A 1 12  ? 13.168  5.284   10.339  1.00 25.91 ? 30  GLN A O   1 
ATOM   86   C  CB  . GLN A 1 12  ? 12.792  6.247   13.123  1.00 24.98 ? 30  GLN A CB  1 
ATOM   87   C  CG  . GLN A 1 12  ? 13.347  6.928   14.369  1.00 24.43 ? 30  GLN A CG  1 
ATOM   88   C  CD  . GLN A 1 12  ? 13.198  6.079   15.615  1.00 24.98 ? 30  GLN A CD  1 
ATOM   89   O  OE1 . GLN A 1 12  ? 12.093  5.894   16.122  1.00 23.92 ? 30  GLN A OE1 1 
ATOM   90   N  NE2 . GLN A 1 12  ? 14.323  5.577   16.133  1.00 24.54 ? 30  GLN A NE2 1 
ATOM   91   N  N   . LEU A 1 13  ? 11.522  6.711   9.865   1.00 24.91 ? 31  LEU A N   1 
ATOM   92   C  CA  . LEU A 1 13  ? 11.232  6.069   8.577   1.00 22.38 ? 31  LEU A CA  1 
ATOM   93   C  C   . LEU A 1 13  ? 12.224  6.546   7.516   1.00 21.50 ? 31  LEU A C   1 
ATOM   94   O  O   . LEU A 1 13  ? 12.695  7.701   7.570   1.00 20.99 ? 31  LEU A O   1 
ATOM   95   C  CB  . LEU A 1 13  ? 9.801   6.467   8.137   1.00 22.22 ? 31  LEU A CB  1 
ATOM   96   C  CG  . LEU A 1 13  ? 8.560   6.042   8.897   1.00 22.86 ? 31  LEU A CG  1 
ATOM   97   C  CD1 . LEU A 1 13  ? 7.321   6.953   8.542   1.00 19.86 ? 31  LEU A CD1 1 
ATOM   98   C  CD2 . LEU A 1 13  ? 8.222   4.574   8.689   1.00 22.58 ? 31  LEU A CD2 1 
ATOM   99   N  N   . PRO A 1 14  ? 12.521  5.697   6.502   1.00 21.72 ? 32  PRO A N   1 
ATOM   100  C  CA  . PRO A 1 14  ? 13.341  6.189   5.438   1.00 22.00 ? 32  PRO A CA  1 
ATOM   101  C  C   . PRO A 1 14  ? 12.710  7.460   4.861   1.00 21.54 ? 32  PRO A C   1 
ATOM   102  O  O   . PRO A 1 14  ? 11.480  7.605   4.843   1.00 19.93 ? 32  PRO A O   1 
ATOM   103  C  CB  . PRO A 1 14  ? 13.326  5.037   4.426   1.00 21.79 ? 32  PRO A CB  1 
ATOM   104  C  CG  . PRO A 1 14  ? 13.074  3.826   5.258   1.00 22.50 ? 32  PRO A CG  1 
ATOM   105  C  CD  . PRO A 1 14  ? 12.088  4.311   6.261   1.00 21.04 ? 32  PRO A CD  1 
ATOM   106  N  N   . GLN A 1 15  ? 13.563  8.375   4.419   1.00 21.42 ? 33  GLN A N   1 
ATOM   107  C  CA  . GLN A 1 15  ? 13.155  9.630   3.822   1.00 22.25 ? 33  GLN A CA  1 
ATOM   108  C  C   . GLN A 1 15  ? 12.016  9.477   2.785   1.00 21.99 ? 33  GLN A C   1 
ATOM   109  O  O   . GLN A 1 15  ? 11.044  10.237  2.802   1.00 21.15 ? 33  GLN A O   1 
ATOM   110  C  CB  . GLN A 1 15  ? 14.367  10.257  3.134   1.00 22.83 ? 33  GLN A CB  1 
ATOM   111  C  CG  . GLN A 1 15  ? 14.019  11.525  2.447   1.00 24.96 ? 33  GLN A CG  1 
ATOM   112  C  CD  . GLN A 1 15  ? 15.076  12.140  1.547   1.00 24.58 ? 33  GLN A CD  1 
ATOM   113  O  OE1 . GLN A 1 15  ? 14.715  13.016  0.779   1.00 27.49 ? 33  GLN A OE1 1 
ATOM   114  N  NE2 . GLN A 1 15  ? 16.365  11.734  1.635   1.00 23.88 ? 33  GLN A NE2 1 
ATOM   115  N  N   . THR A 1 16  ? 12.150  8.505   1.899   1.00 21.71 ? 34  THR A N   1 
ATOM   116  C  CA  . THR A 1 16  ? 11.163  8.288   0.828   1.00 22.56 ? 34  THR A CA  1 
ATOM   117  C  C   . THR A 1 16  ? 9.757   7.982   1.388   1.00 22.04 ? 34  THR A C   1 
ATOM   118  O  O   . THR A 1 16  ? 8.761   8.491   0.849   1.00 22.09 ? 34  THR A O   1 
ATOM   119  C  CB  . THR A 1 16  ? 11.666  7.197   -0.158  1.00 23.33 ? 34  THR A CB  1 
ATOM   120  O  OG1 . THR A 1 16  ? 12.932  7.617   -0.691  1.00 21.77 ? 34  THR A OG1 1 
ATOM   121  C  CG2 . THR A 1 16  ? 10.681  6.992   -1.321  1.00 25.31 ? 34  THR A CG2 1 
ATOM   122  N  N   . ALA A 1 17  ? 9.689   7.185   2.465   1.00 20.14 ? 35  ALA A N   1 
ATOM   123  C  CA  . ALA A 1 17  ? 8.439   6.901   3.148   1.00 21.05 ? 35  ALA A CA  1 
ATOM   124  C  C   . ALA A 1 17  ? 7.870   8.166   3.813   1.00 21.47 ? 35  ALA A C   1 
ATOM   125  O  O   . ALA A 1 17  ? 6.672   8.376   3.792   1.00 22.13 ? 35  ALA A O   1 
ATOM   126  C  CB  . ALA A 1 17  ? 8.607   5.789   4.116   1.00 19.42 ? 35  ALA A CB  1 
ATOM   127  N  N   . GLN A 1 18  ? 8.711   9.016   4.405   1.00 21.20 ? 36  GLN A N   1 
ATOM   128  C  CA  . GLN A 1 18  ? 8.196   10.254  4.983   1.00 20.19 ? 36  GLN A CA  1 
ATOM   129  C  C   . GLN A 1 18  ? 7.599   11.144  3.893   1.00 20.43 ? 36  GLN A C   1 
ATOM   130  O  O   . GLN A 1 18  ? 6.544   11.776  4.088   1.00 20.24 ? 36  GLN A O   1 
ATOM   131  C  CB  . GLN A 1 18  ? 9.276   11.002  5.745   1.00 20.62 ? 36  GLN A CB  1 
ATOM   132  C  CG  . GLN A 1 18  ? 9.808   10.224  6.926   1.00 21.50 ? 36  GLN A CG  1 
ATOM   133  C  CD  . GLN A 1 18  ? 10.837  11.008  7.658   1.00 23.47 ? 36  GLN A CD  1 
ATOM   134  O  OE1 . GLN A 1 18  ? 10.597  12.185  7.986   1.00 23.92 ? 36  GLN A OE1 1 
ATOM   135  N  NE2 . GLN A 1 18  ? 12.011  10.418  7.868   1.00 21.82 ? 36  GLN A NE2 1 
ATOM   136  N  N   . THR A 1 19  ? 8.272   11.244  2.755   1.00 20.24 ? 37  THR A N   1 
ATOM   137  C  CA  . THR A 1 19  ? 7.797   12.075  1.641   1.00 21.43 ? 37  THR A CA  1 
ATOM   138  C  C   . THR A 1 19  ? 6.488   11.513  1.074   1.00 21.96 ? 37  THR A C   1 
ATOM   139  O  O   . THR A 1 19  ? 5.604   12.259  0.673   1.00 21.03 ? 37  THR A O   1 
ATOM   140  C  CB  . THR A 1 19  ? 8.854   12.155  0.513   1.00 21.84 ? 37  THR A CB  1 
ATOM   141  O  OG1 . THR A 1 19  ? 9.994   12.849  1.007   1.00 23.46 ? 37  THR A OG1 1 
ATOM   142  C  CG2 . THR A 1 19  ? 8.330   12.900  -0.736  1.00 22.58 ? 37  THR A CG2 1 
ATOM   143  N  N   . PHE A 1 20  ? 6.406   10.203  0.991   1.00 21.48 ? 38  PHE A N   1 
ATOM   144  C  CA  . PHE A 1 20  ? 5.189   9.565   0.516   1.00 22.93 ? 38  PHE A CA  1 
ATOM   145  C  C   . PHE A 1 20  ? 3.973   9.953   1.399   1.00 22.71 ? 38  PHE A C   1 
ATOM   146  O  O   . PHE A 1 20  ? 2.912   10.334  0.881   1.00 21.93 ? 38  PHE A O   1 
ATOM   147  C  CB  . PHE A 1 20  ? 5.385   8.064   0.460   1.00 22.37 ? 38  PHE A CB  1 
ATOM   148  C  CG  . PHE A 1 20  ? 4.191   7.320   -0.056  1.00 22.70 ? 38  PHE A CG  1 
ATOM   149  C  CD1 . PHE A 1 20  ? 4.058   7.065   -1.420  1.00 23.64 ? 38  PHE A CD1 1 
ATOM   150  C  CD2 . PHE A 1 20  ? 3.225   6.867   0.809   1.00 24.06 ? 38  PHE A CD2 1 
ATOM   151  C  CE1 . PHE A 1 20  ? 2.975   6.363   -1.881  1.00 22.99 ? 38  PHE A CE1 1 
ATOM   152  C  CE2 . PHE A 1 20  ? 2.137   6.155   0.336   1.00 23.37 ? 38  PHE A CE2 1 
ATOM   153  C  CZ  . PHE A 1 20  ? 2.021   5.925   -0.990  1.00 21.87 ? 38  PHE A CZ  1 
ATOM   154  N  N   . ILE A 1 21  ? 4.150   9.910   2.720   1.00 22.98 ? 39  ILE A N   1 
ATOM   155  C  CA  . ILE A 1 21  ? 3.086   10.305  3.662   1.00 22.19 ? 39  ILE A CA  1 
ATOM   156  C  C   . ILE A 1 21  ? 2.728   11.789  3.485   1.00 22.93 ? 39  ILE A C   1 
ATOM   157  O  O   . ILE A 1 21  ? 1.554   12.159  3.447   1.00 24.22 ? 39  ILE A O   1 
ATOM   158  C  CB  . ILE A 1 21  ? 3.487   9.987   5.134   1.00 22.47 ? 39  ILE A CB  1 
ATOM   159  C  CG1 . ILE A 1 21  ? 3.653   8.439   5.324   1.00 22.44 ? 39  ILE A CG1 1 
ATOM   160  C  CG2 . ILE A 1 21  ? 2.477   10.588  6.120   1.00 21.61 ? 39  ILE A CG2 1 
ATOM   161  C  CD1 . ILE A 1 21  ? 4.268   8.048   6.671   1.00 23.40 ? 39  ILE A CD1 1 
ATOM   162  N  N   . LYS A 1 22  ? 3.722   12.650  3.359   1.00 21.34 ? 40  LYS A N   1 
ATOM   163  C  CA  . LYS A 1 22  ? 3.443   14.069  3.225   1.00 22.70 ? 40  LYS A CA  1 
ATOM   164  C  C   . LYS A 1 22  ? 2.758   14.366  1.925   1.00 23.22 ? 40  LYS A C   1 
ATOM   165  O  O   . LYS A 1 22  ? 1.911   15.242  1.877   1.00 21.88 ? 40  LYS A O   1 
ATOM   166  C  CB  . LYS A 1 22  ? 4.720   14.900  3.387   1.00 25.11 ? 40  LYS A CB  1 
ATOM   167  C  CG  . LYS A 1 22  ? 5.107   15.037  4.841   1.00 26.80 ? 40  LYS A CG  1 
ATOM   168  N  N   . THR A 1 23  ? 3.089   13.620  0.876   1.00 21.04 ? 41  THR A N   1 
ATOM   169  C  CA  . THR A 1 23  ? 2.475   13.843  -0.443  1.00 21.82 ? 41  THR A CA  1 
ATOM   170  C  C   . THR A 1 23  ? 0.998   13.349  -0.513  1.00 21.43 ? 41  THR A C   1 
ATOM   171  O  O   . THR A 1 23  ? 0.122   14.075  -0.970  1.00 20.62 ? 41  THR A O   1 
ATOM   172  C  CB  . THR A 1 23  ? 3.326   13.158  -1.544  1.00 22.14 ? 41  THR A CB  1 
ATOM   173  O  OG1 . THR A 1 23  ? 4.620   13.787  -1.591  1.00 23.08 ? 41  THR A OG1 1 
ATOM   174  C  CG2 . THR A 1 23  ? 2.661   13.316  -2.943  1.00 22.01 ? 41  THR A CG2 1 
ATOM   175  N  N   . HIS A 1 24  ? 0.743   12.138  -0.031  1.00 20.85 ? 42  HIS A N   1 
ATOM   176  C  CA  . HIS A 1 24  ? -0.554  11.460  -0.236  1.00 22.45 ? 42  HIS A CA  1 
ATOM   177  C  C   . HIS A 1 24  ? -1.489  11.442  0.949   1.00 22.62 ? 42  HIS A C   1 
ATOM   178  O  O   . HIS A 1 24  ? -2.689  11.268  0.759   1.00 25.32 ? 42  HIS A O   1 
ATOM   179  C  CB  . HIS A 1 24  ? -0.330  10.018  -0.798  1.00 22.93 ? 42  HIS A CB  1 
ATOM   180  C  CG  . HIS A 1 24  ? 0.457   9.986   -2.073  1.00 22.97 ? 42  HIS A CG  1 
ATOM   181  N  ND1 . HIS A 1 24  ? -0.009  10.518  -3.250  1.00 23.53 ? 42  HIS A ND1 1 
ATOM   182  C  CD2 . HIS A 1 24  ? 1.683   9.478   -2.353  1.00 24.73 ? 42  HIS A CD2 1 
ATOM   183  C  CE1 . HIS A 1 24  ? 0.916   10.389  -4.188  1.00 24.41 ? 42  HIS A CE1 1 
ATOM   184  N  NE2 . HIS A 1 24  ? 1.949   9.745   -3.669  1.00 23.66 ? 42  HIS A NE2 1 
ATOM   185  N  N   . PHE A 1 25  ? -0.963  11.667  2.147   1.00 22.30 ? 43  PHE A N   1 
ATOM   186  C  CA  . PHE A 1 25  ? -1.740  11.660  3.386   1.00 23.05 ? 43  PHE A CA  1 
ATOM   187  C  C   . PHE A 1 25  ? -1.351  12.835  4.283   1.00 24.07 ? 43  PHE A C   1 
ATOM   188  O  O   . PHE A 1 25  ? -1.159  12.677  5.491   1.00 24.99 ? 43  PHE A O   1 
ATOM   189  C  CB  . PHE A 1 25  ? -1.502  10.323  4.099   1.00 23.70 ? 43  PHE A CB  1 
ATOM   190  C  CG  . PHE A 1 25  ? -1.858  9.152   3.259   1.00 24.20 ? 43  PHE A CG  1 
ATOM   191  C  CD1 . PHE A 1 25  ? -3.175  8.693   3.227   1.00 25.50 ? 43  PHE A CD1 1 
ATOM   192  C  CD2 . PHE A 1 25  ? -0.913  8.517   2.468   1.00 24.27 ? 43  PHE A CD2 1 
ATOM   193  C  CE1 . PHE A 1 25  ? -3.536  7.635   2.412   1.00 24.86 ? 43  PHE A CE1 1 
ATOM   194  C  CE2 . PHE A 1 25  ? -1.276  7.443   1.669   1.00 24.81 ? 43  PHE A CE2 1 
ATOM   195  C  CZ  . PHE A 1 25  ? -2.618  7.028   1.631   1.00 22.56 ? 43  PHE A CZ  1 
ATOM   196  N  N   . PRO A 1 26  ? -1.297  14.034  3.706   1.00 25.15 ? 44  PRO A N   1 
ATOM   197  C  CA  . PRO A 1 26  ? -0.810  15.174  4.480   1.00 28.76 ? 44  PRO A CA  1 
ATOM   198  C  C   . PRO A 1 26  ? -1.655  15.536  5.693   1.00 30.77 ? 44  PRO A C   1 
ATOM   199  O  O   . PRO A 1 26  ? -1.101  16.009  6.687   1.00 34.81 ? 44  PRO A O   1 
ATOM   200  C  CB  . PRO A 1 26  ? -0.823  16.330  3.471   1.00 26.80 ? 44  PRO A CB  1 
ATOM   201  C  CG  . PRO A 1 26  ? -1.840  16.003  2.525   1.00 27.20 ? 44  PRO A CG  1 
ATOM   202  C  CD  . PRO A 1 26  ? -1.710  14.441  2.373   1.00 26.89 ? 44  PRO A CD  1 
ATOM   203  N  N   . ASP A 1 27  ? -2.963  15.325  5.619   1.00 31.90 ? 45  ASP A N   1 
ATOM   204  C  CA  . ASP A 1 27  ? -3.829  15.682  6.746   1.00 33.31 ? 45  ASP A CA  1 
ATOM   205  C  C   . ASP A 1 27  ? -4.177  14.545  7.706   1.00 32.77 ? 45  ASP A C   1 
ATOM   206  O  O   . ASP A 1 27  ? -4.935  14.759  8.649   1.00 32.68 ? 45  ASP A O   1 
ATOM   207  C  CB  . ASP A 1 27  ? -5.081  16.329  6.228   1.00 34.70 ? 45  ASP A CB  1 
ATOM   208  C  CG  . ASP A 1 27  ? -4.788  17.617  5.475   1.00 36.77 ? 45  ASP A CG  1 
ATOM   209  O  OD1 . ASP A 1 27  ? -4.225  18.574  6.080   1.00 37.85 ? 45  ASP A OD1 1 
ATOM   210  O  OD2 . ASP A 1 27  ? -5.127  17.659  4.276   1.00 37.18 ? 45  ASP A OD2 1 
ATOM   211  N  N   . ASN A 1 28  ? -3.626  13.357  7.482   1.00 31.25 ? 46  ASN A N   1 
ATOM   212  C  CA  . ASN A 1 28  ? -3.860  12.240  8.394   1.00 30.38 ? 46  ASN A CA  1 
ATOM   213  C  C   . ASN A 1 28  ? -2.917  12.401  9.575   1.00 30.91 ? 46  ASN A C   1 
ATOM   214  O  O   . ASN A 1 28  ? -1.842  12.996  9.441   1.00 33.01 ? 46  ASN A O   1 
ATOM   215  C  CB  . ASN A 1 28  ? -3.579  10.892  7.747   1.00 30.63 ? 46  ASN A CB  1 
ATOM   216  C  CG  . ASN A 1 28  ? -4.582  10.524  6.659   1.00 31.95 ? 46  ASN A CG  1 
ATOM   217  O  OD1 . ASN A 1 28  ? -4.705  11.212  5.658   1.00 34.27 ? 46  ASN A OD1 1 
ATOM   218  N  ND2 . ASN A 1 28  ? -5.251  9.392   6.829   1.00 32.40 ? 46  ASN A ND2 1 
ATOM   219  N  N   . LYS A 1 29  ? -3.324  11.881  10.724  1.00 28.85 ? 47  LYS A N   1 
ATOM   220  C  CA  . LYS A 1 29  ? -2.515  11.898  11.928  1.00 27.45 ? 47  LYS A CA  1 
ATOM   221  C  C   . LYS A 1 29  ? -1.985  10.495  12.127  1.00 26.31 ? 47  LYS A C   1 
ATOM   222  O  O   . LYS A 1 29  ? -2.741  9.551   12.055  1.00 23.81 ? 47  LYS A O   1 
ATOM   223  C  CB  . LYS A 1 29  ? -3.353  12.313  13.157  1.00 26.29 ? 47  LYS A CB  1 
ATOM   224  C  CG  . LYS A 1 29  ? -3.849  13.743  13.122  1.00 28.54 ? 47  LYS A CG  1 
ATOM   225  N  N   . VAL A 1 30  ? -0.688  10.332  12.359  1.00 26.22 ? 48  VAL A N   1 
ATOM   226  C  CA  . VAL A 1 30  ? -0.150  8.983   12.635  1.00 25.74 ? 48  VAL A CA  1 
ATOM   227  C  C   . VAL A 1 30  ? -0.594  8.482   14.011  1.00 24.76 ? 48  VAL A C   1 
ATOM   228  O  O   . VAL A 1 30  ? -0.362  9.166   15.030  1.00 26.30 ? 48  VAL A O   1 
ATOM   229  C  CB  . VAL A 1 30  ? 1.417   8.968   12.538  1.00 25.93 ? 48  VAL A CB  1 
ATOM   230  C  CG1 . VAL A 1 30  ? 2.002   7.613   12.988  1.00 25.81 ? 48  VAL A CG1 1 
ATOM   231  C  CG2 . VAL A 1 30  ? 1.867   9.298   11.081  1.00 25.98 ? 48  VAL A CG2 1 
ATOM   232  N  N   . ALA A 1 31  ? -1.195  7.291   14.068  1.00 24.37 ? 49  ALA A N   1 
ATOM   233  C  CA  . ALA A 1 31  ? -1.625  6.675   15.325  1.00 23.34 ? 49  ALA A CA  1 
ATOM   234  C  C   . ALA A 1 31  ? -0.481  5.845   15.900  1.00 24.52 ? 49  ALA A C   1 
ATOM   235  O  O   . ALA A 1 31  ? -0.282  5.809   17.108  1.00 23.89 ? 49  ALA A O   1 
ATOM   236  C  CB  . ALA A 1 31  ? -2.844  5.780   15.135  1.00 24.23 ? 49  ALA A CB  1 
HETATM 237  N  N   . MSE A 1 32  ? 0.238   5.158   15.030  1.00 22.30 ? 50  MSE A N   1 
HETATM 238  C  CA  . MSE A 1 32  ? 1.317   4.271   15.446  1.00 23.05 ? 50  MSE A CA  1 
HETATM 239  C  C   . MSE A 1 32  ? 2.174   3.882   14.281  1.00 22.89 ? 50  MSE A C   1 
HETATM 240  O  O   . MSE A 1 32  ? 1.702   3.826   13.167  1.00 22.92 ? 50  MSE A O   1 
HETATM 241  C  CB  . MSE A 1 32  ? 0.734   3.044   16.125  1.00 23.26 ? 50  MSE A CB  1 
HETATM 242  C  CG  . MSE A 1 32  ? -0.277  2.321   15.308  1.00 24.29 ? 50  MSE A CG  1 
HETATM 243  SE SE  . MSE A 1 32  ? -1.206  0.978   16.317  0.75 21.72 ? 50  MSE A SE  1 
HETATM 244  C  CE  . MSE A 1 32  ? -2.262  2.091   17.542  1.00 26.01 ? 50  MSE A CE  1 
ATOM   245  N  N   . ALA A 1 33  ? 3.455   3.647   14.559  1.00 21.94 ? 51  ALA A N   1 
ATOM   246  C  CA  . ALA A 1 33  ? 4.417   3.250   13.556  1.00 22.66 ? 51  ALA A CA  1 
ATOM   247  C  C   . ALA A 1 33  ? 5.390   2.271   14.181  1.00 22.66 ? 51  ALA A C   1 
ATOM   248  O  O   . ALA A 1 33  ? 5.752   2.412   15.358  1.00 21.26 ? 51  ALA A O   1 
ATOM   249  C  CB  . ALA A 1 33  ? 5.165   4.469   12.989  1.00 19.63 ? 51  ALA A CB  1 
ATOM   250  N  N   . LYS A 1 34  ? 5.821   1.308   13.370  1.00 24.48 ? 52  LYS A N   1 
ATOM   251  C  CA  . LYS A 1 34  ? 6.760   0.293   13.801  1.00 25.15 ? 52  LYS A CA  1 
ATOM   252  C  C   . LYS A 1 34  ? 7.649   -0.180  12.668  1.00 24.69 ? 52  LYS A C   1 
ATOM   253  O  O   . LYS A 1 34  ? 7.385   0.044   11.479  1.00 23.74 ? 52  LYS A O   1 
ATOM   254  C  CB  . LYS A 1 34  ? 6.036   -0.958  14.379  1.00 26.38 ? 52  LYS A CB  1 
ATOM   255  C  CG  . LYS A 1 34  ? 5.220   -1.729  13.342  1.00 27.67 ? 52  LYS A CG  1 
ATOM   256  C  CD  . LYS A 1 34  ? 4.528   -2.971  13.896  1.00 27.95 ? 52  LYS A CD  1 
ATOM   257  C  CE  . LYS A 1 34  ? 3.627   -3.580  12.774  1.00 28.42 ? 52  LYS A CE  1 
ATOM   258  N  NZ  . LYS A 1 34  ? 2.847   -4.800  13.199  1.00 30.61 ? 52  LYS A NZ  1 
HETATM 259  N  N   . MSE A 1 35  ? 8.729   -0.821  13.079  1.00 24.39 ? 53  MSE A N   1 
HETATM 260  C  CA  A MSE A 1 35  ? 9.628   -1.468  12.153  0.80 26.55 ? 53  MSE A CA  1 
HETATM 261  C  CA  B MSE A 1 35  ? 9.649   -1.466  12.155  0.20 23.33 ? 53  MSE A CA  1 
HETATM 262  C  C   . MSE A 1 35  ? 9.516   -2.958  12.432  1.00 24.08 ? 53  MSE A C   1 
HETATM 263  O  O   . MSE A 1 35  ? 9.473   -3.355  13.581  1.00 23.70 ? 53  MSE A O   1 
HETATM 264  C  CB  A MSE A 1 35  ? 11.062  -0.999  12.355  0.80 27.54 ? 53  MSE A CB  1 
HETATM 265  C  CB  B MSE A 1 35  ? 11.093  -0.980  12.359  0.20 22.01 ? 53  MSE A CB  1 
HETATM 266  C  CG  A MSE A 1 35  ? 11.996  -1.601  11.343  0.80 29.67 ? 53  MSE A CG  1 
HETATM 267  C  CG  B MSE A 1 35  ? 12.091  -1.537  11.336  0.20 21.06 ? 53  MSE A CG  1 
HETATM 268  SE SE  A MSE A 1 35  ? 13.840  -1.174  11.724  0.60 33.03 ? 53  MSE A SE  1 
HETATM 269  SE SE  B MSE A 1 35  ? 12.956  -3.253  11.786  0.15 19.33 ? 53  MSE A SE  1 
HETATM 270  C  CE  A MSE A 1 35  ? 13.907  -1.785  13.653  0.80 30.11 ? 53  MSE A CE  1 
HETATM 271  C  CE  B MSE A 1 35  ? 14.448  -2.590  12.817  0.20 18.38 ? 53  MSE A CE  1 
ATOM   272  N  N   . GLU A 1 36  ? 9.444   -3.756  11.360  1.00 24.30 ? 54  GLU A N   1 
ATOM   273  C  CA  . GLU A 1 36  ? 9.317   -5.216  11.411  1.00 24.05 ? 54  GLU A CA  1 
ATOM   274  C  C   . GLU A 1 36  ? 10.545  -5.849  10.734  1.00 25.83 ? 54  GLU A C   1 
ATOM   275  O  O   . GLU A 1 36  ? 11.196  -5.211  9.922   1.00 23.46 ? 54  GLU A O   1 
ATOM   276  C  CB  . GLU A 1 36  ? 8.063   -5.689  10.626  1.00 25.67 ? 54  GLU A CB  1 
ATOM   277  C  CG  . GLU A 1 36  ? 6.683   -5.469  11.232  1.00 26.61 ? 54  GLU A CG  1 
ATOM   278  C  CD  . GLU A 1 36  ? 6.173   -6.531  12.225  1.00 31.31 ? 54  GLU A CD  1 
ATOM   279  O  OE1 . GLU A 1 36  ? 6.960   -7.422  12.694  1.00 30.73 ? 54  GLU A OE1 1 
ATOM   280  O  OE2 . GLU A 1 36  ? 4.945   -6.464  12.544  1.00 32.75 ? 54  GLU A OE2 1 
ATOM   281  N  N   . THR A 1 37  ? 10.863  -7.101  11.096  1.00 22.62 ? 55  THR A N   1 
ATOM   282  C  CA  . THR A 1 37  ? 11.913  -7.807  10.435  1.00 24.75 ? 55  THR A CA  1 
ATOM   283  C  C   . THR A 1 37  ? 11.398  -9.171  9.995   1.00 23.22 ? 55  THR A C   1 
ATOM   284  O  O   . THR A 1 37  ? 10.556  -9.777  10.665  1.00 23.56 ? 55  THR A O   1 
ATOM   285  C  CB  . THR A 1 37  ? 13.123  -7.999  11.350  1.00 26.33 ? 55  THR A CB  1 
ATOM   286  O  OG1 . THR A 1 37  ? 12.766  -8.870  12.426  1.00 27.53 ? 55  THR A OG1 1 
ATOM   287  C  CG2 . THR A 1 37  ? 13.608  -6.667  11.884  1.00 26.99 ? 55  THR A CG2 1 
ATOM   288  N  N   . ASP A 1 38  ? 11.925  -9.638  8.868   1.00 23.25 ? 56  ASP A N   1 
ATOM   289  C  CA  . ASP A 1 38  ? 11.635  -10.953 8.302   1.00 22.44 ? 56  ASP A CA  1 
ATOM   290  C  C   . ASP A 1 38  ? 12.989  -11.429 7.779   1.00 20.10 ? 56  ASP A C   1 
ATOM   291  O  O   . ASP A 1 38  ? 13.388  -10.980 6.727   1.00 20.32 ? 56  ASP A O   1 
ATOM   292  C  CB  . ASP A 1 38  ? 10.645  -10.781 7.155   1.00 22.96 ? 56  ASP A CB  1 
ATOM   293  C  CG  . ASP A 1 38  ? 10.166  -12.084 6.570   1.00 25.03 ? 56  ASP A CG  1 
ATOM   294  O  OD1 . ASP A 1 38  ? 10.451  -13.192 7.087   1.00 24.87 ? 56  ASP A OD1 1 
ATOM   295  O  OD2 . ASP A 1 38  ? 9.497   -11.990 5.525   1.00 28.28 ? 56  ASP A OD2 1 
ATOM   296  N  N   . TRP A 1 39  ? 13.645  -12.361 8.472   1.00 18.12 ? 57  TRP A N   1 
ATOM   297  C  CA  . TRP A 1 39  ? 15.016  -12.752 8.174   1.00 17.31 ? 57  TRP A CA  1 
ATOM   298  C  C   . TRP A 1 39  ? 15.778  -11.428 8.139   1.00 18.13 ? 57  TRP A C   1 
ATOM   299  O  O   . TRP A 1 39  ? 15.682  -10.673 9.107   1.00 19.25 ? 57  TRP A O   1 
ATOM   300  C  CB  . TRP A 1 39  ? 15.131  -13.590 6.900   1.00 16.07 ? 57  TRP A CB  1 
ATOM   301  C  CG  . TRP A 1 39  ? 14.545  -14.951 7.124   1.00 16.08 ? 57  TRP A CG  1 
ATOM   302  C  CD1 . TRP A 1 39  ? 13.236  -15.292 6.952   1.00 15.80 ? 57  TRP A CD1 1 
ATOM   303  C  CD2 . TRP A 1 39  ? 15.203  -16.112 7.617   1.00 15.39 ? 57  TRP A CD2 1 
ATOM   304  N  NE1 . TRP A 1 39  ? 13.051  -16.600 7.272   1.00 15.14 ? 57  TRP A NE1 1 
ATOM   305  C  CE2 . TRP A 1 39  ? 14.237  -17.134 7.687   1.00 15.93 ? 57  TRP A CE2 1 
ATOM   306  C  CE3 . TRP A 1 39  ? 16.529  -16.422 7.953   1.00 15.15 ? 57  TRP A CE3 1 
ATOM   307  C  CZ2 . TRP A 1 39  ? 14.543  -18.429 8.110   1.00 15.49 ? 57  TRP A CZ2 1 
ATOM   308  C  CZ3 . TRP A 1 39  ? 16.838  -17.707 8.390   1.00 15.93 ? 57  TRP A CZ3 1 
ATOM   309  C  CH2 . TRP A 1 39  ? 15.850  -18.707 8.448   1.00 16.23 ? 57  TRP A CH2 1 
ATOM   310  N  N   . PHE A 1 40  ? 16.507  -11.114 7.071   1.00 19.80 ? 58  PHE A N   1 
ATOM   311  C  CA  . PHE A 1 40  ? 17.236  -9.840  7.047   1.00 20.75 ? 58  PHE A CA  1 
ATOM   312  C  C   . PHE A 1 40  ? 16.484  -8.723  6.344   1.00 22.95 ? 58  PHE A C   1 
ATOM   313  O  O   . PHE A 1 40  ? 17.089  -7.703  6.066   1.00 24.81 ? 58  PHE A O   1 
ATOM   314  C  CB  . PHE A 1 40  ? 18.645  -9.945  6.449   1.00 19.57 ? 58  PHE A CB  1 
ATOM   315  C  CG  . PHE A 1 40  ? 19.724  -10.506 7.399   1.00 19.29 ? 58  PHE A CG  1 
ATOM   316  C  CD1 . PHE A 1 40  ? 19.529  -10.601 8.780   1.00 18.36 ? 58  PHE A CD1 1 
ATOM   317  C  CD2 . PHE A 1 40  ? 20.976  -10.810 6.887   1.00 18.60 ? 58  PHE A CD2 1 
ATOM   318  C  CE1 . PHE A 1 40  ? 20.549  -11.097 9.627   1.00 17.91 ? 58  PHE A CE1 1 
ATOM   319  C  CE2 . PHE A 1 40  ? 22.007  -11.290 7.709   1.00 19.44 ? 58  PHE A CE2 1 
ATOM   320  C  CZ  . PHE A 1 40  ? 21.794  -11.422 9.096   1.00 19.24 ? 58  PHE A CZ  1 
ATOM   321  N  N   . ASP A 1 41  ? 15.197  -8.895  6.065   1.00 24.67 ? 59  ASP A N   1 
ATOM   322  C  CA  . ASP A 1 41  ? 14.410  -7.862  5.388   1.00 28.74 ? 59  ASP A CA  1 
ATOM   323  C  C   . ASP A 1 41  ? 13.653  -7.001  6.386   1.00 28.77 ? 59  ASP A C   1 
ATOM   324  O  O   . ASP A 1 41  ? 12.932  -7.506  7.243   1.00 30.83 ? 59  ASP A O   1 
ATOM   325  C  CB  . ASP A 1 41  ? 13.448  -8.478  4.380   1.00 31.07 ? 59  ASP A CB  1 
ATOM   326  C  CG  . ASP A 1 41  ? 14.164  -9.015  3.161   1.00 35.12 ? 59  ASP A CG  1 
ATOM   327  O  OD1 . ASP A 1 41  ? 15.079  -8.334  2.632   1.00 37.87 ? 59  ASP A OD1 1 
ATOM   328  O  OD2 . ASP A 1 41  ? 13.835  -10.138 2.725   1.00 38.22 ? 59  ASP A OD2 1 
ATOM   329  N  N   . LYS A 1 42  ? 13.835  -5.690  6.311   1.00 28.68 ? 60  LYS A N   1 
ATOM   330  C  CA  . LYS A 1 42  ? 13.146  -4.827  7.238   1.00 27.97 ? 60  LYS A CA  1 
ATOM   331  C  C   . LYS A 1 42  ? 12.006  -4.237  6.492   1.00 27.04 ? 60  LYS A C   1 
ATOM   332  O  O   . LYS A 1 42  ? 12.063  -4.100  5.249   1.00 25.27 ? 60  LYS A O   1 
ATOM   333  C  CB  . LYS A 1 42  ? 14.049  -3.721  7.770   1.00 29.66 ? 60  LYS A CB  1 
ATOM   334  C  CG  . LYS A 1 42  ? 15.153  -4.192  8.696   1.00 31.66 ? 60  LYS A CG  1 
ATOM   335  C  CD  . LYS A 1 42  ? 16.116  -3.043  8.978   1.00 32.97 ? 60  LYS A CD  1 
ATOM   336  C  CE  . LYS A 1 42  ? 17.388  -3.541  9.626   1.00 33.55 ? 60  LYS A CE  1 
ATOM   337  N  NZ  . LYS A 1 42  ? 18.527  -2.557  9.608   1.00 33.97 ? 60  LYS A NZ  1 
ATOM   338  N  N   . SER A 1 43  ? 10.939  -3.962  7.239   1.00 24.40 ? 61  SER A N   1 
ATOM   339  C  CA  . SER A 1 43  ? 9.774   -3.288  6.723   1.00 24.31 ? 61  SER A CA  1 
ATOM   340  C  C   . SER A 1 43  ? 9.278   -2.317  7.798   1.00 24.25 ? 61  SER A C   1 
ATOM   341  O  O   . SER A 1 43  ? 9.608   -2.449  8.977   1.00 22.72 ? 61  SER A O   1 
ATOM   342  C  CB  . SER A 1 43  ? 8.691   -4.243  6.277   1.00 26.45 ? 61  SER A CB  1 
ATOM   343  O  OG  . SER A 1 43  ? 8.236   -5.042  7.345   1.00 25.90 ? 61  SER A OG  1 
ATOM   344  N  N   . TYR A 1 44  ? 8.493   -1.344  7.357   1.00 22.60 ? 62  TYR A N   1 
ATOM   345  C  CA  . TYR A 1 44  ? 7.972   -0.304  8.217   1.00 23.07 ? 62  TYR A CA  1 
ATOM   346  C  C   . TYR A 1 44  ? 6.455   -0.261  8.043   1.00 22.74 ? 62  TYR A C   1 
ATOM   347  O  O   . TYR A 1 44  ? 5.990   -0.466  6.928   1.00 23.04 ? 62  TYR A O   1 
ATOM   348  C  CB  . TYR A 1 44  ? 8.590   1.030   7.778   1.00 23.16 ? 62  TYR A CB  1 
ATOM   349  C  CG  . TYR A 1 44  ? 10.082  1.046   7.924   1.00 23.59 ? 62  TYR A CG  1 
ATOM   350  C  CD1 . TYR A 1 44  ? 10.666  1.404   9.136   1.00 24.15 ? 62  TYR A CD1 1 
ATOM   351  C  CD2 . TYR A 1 44  ? 10.916  0.701   6.859   1.00 24.27 ? 62  TYR A CD2 1 
ATOM   352  C  CE1 . TYR A 1 44  ? 12.003  1.397   9.282   1.00 24.20 ? 62  TYR A CE1 1 
ATOM   353  C  CE2 . TYR A 1 44  ? 12.279  0.716   6.990   1.00 22.93 ? 62  TYR A CE2 1 
ATOM   354  C  CZ  . TYR A 1 44  ? 12.817  1.051   8.218   1.00 24.63 ? 62  TYR A CZ  1 
ATOM   355  O  OH  . TYR A 1 44  ? 14.176  1.106   8.399   1.00 24.13 ? 62  TYR A OH  1 
ATOM   356  N  N   . ASP A 1 45  ? 5.719   -0.070  9.127   1.00 23.31 ? 63  ASP A N   1 
ATOM   357  C  CA  . ASP A 1 45  ? 4.244   0.011   9.067   1.00 24.98 ? 63  ASP A CA  1 
ATOM   358  C  C   . ASP A 1 45  ? 3.789   1.255   9.780   1.00 24.59 ? 63  ASP A C   1 
ATOM   359  O  O   . ASP A 1 45  ? 4.379   1.620   10.800  1.00 26.46 ? 63  ASP A O   1 
ATOM   360  C  CB  . ASP A 1 45  ? 3.576   -1.219  9.651   1.00 27.29 ? 63  ASP A CB  1 
ATOM   361  C  CG  . ASP A 1 45  ? 3.969   -2.507  8.896   1.00 30.21 ? 63  ASP A CG  1 
ATOM   362  O  OD1 . ASP A 1 45  ? 5.006   -3.081  9.227   1.00 33.12 ? 63  ASP A OD1 1 
ATOM   363  O  OD2 . ASP A 1 45  ? 3.217   -2.943  7.979   1.00 32.69 ? 63  ASP A OD2 1 
ATOM   364  N  N   . VAL A 1 46  ? 2.821   1.950   9.175   1.00 22.19 ? 64  VAL A N   1 
ATOM   365  C  CA  . VAL A 1 46  ? 2.229   3.163   9.722   1.00 22.76 ? 64  VAL A CA  1 
ATOM   366  C  C   . VAL A 1 46  ? 0.708   3.048   9.644   1.00 22.99 ? 64  VAL A C   1 
ATOM   367  O  O   . VAL A 1 46  ? 0.173   2.645   8.599   1.00 21.61 ? 64  VAL A O   1 
ATOM   368  C  CB  . VAL A 1 46  ? 2.684   4.410   8.946   1.00 23.73 ? 64  VAL A CB  1 
ATOM   369  C  CG1 . VAL A 1 46  ? 1.966   5.641   9.439   1.00 23.68 ? 64  VAL A CG1 1 
ATOM   370  C  CG2 . VAL A 1 46  ? 4.170   4.581   9.124   1.00 21.75 ? 64  VAL A CG2 1 
ATOM   371  N  N   . ILE A 1 47  ? 0.030   3.306   10.761  1.00 21.75 ? 65  ILE A N   1 
ATOM   372  C  CA  . ILE A 1 47  ? -1.425  3.345   10.790  1.00 22.81 ? 65  ILE A CA  1 
ATOM   373  C  C   . ILE A 1 47  ? -1.797  4.717   11.242  1.00 23.49 ? 65  ILE A C   1 
ATOM   374  O  O   . ILE A 1 47  ? -1.225  5.249   12.229  1.00 22.84 ? 65  ILE A O   1 
ATOM   375  C  CB  . ILE A 1 47  ? -2.115  2.291   11.701  1.00 23.06 ? 65  ILE A CB  1 
ATOM   376  C  CG1 . ILE A 1 47  ? -1.637  0.884   11.349  1.00 23.53 ? 65  ILE A CG1 1 
ATOM   377  C  CG2 . ILE A 1 47  ? -3.640  2.414   11.519  1.00 22.46 ? 65  ILE A CG2 1 
ATOM   378  C  CD1 . ILE A 1 47  ? -2.142  -0.238  12.276  1.00 24.84 ? 65  ILE A CD1 1 
ATOM   379  N  N   . PHE A 1 48  ? -2.733  5.303   10.500  1.00 24.27 ? 66  PHE A N   1 
ATOM   380  C  CA  . PHE A 1 48  ? -3.259  6.623   10.813  1.00 23.59 ? 66  PHE A CA  1 
ATOM   381  C  C   . PHE A 1 48  ? -4.429  6.499   11.781  1.00 23.43 ? 66  PHE A C   1 
ATOM   382  O  O   . PHE A 1 48  ? -4.986  5.396   12.027  1.00 21.65 ? 66  PHE A O   1 
ATOM   383  C  CB  . PHE A 1 48  ? -3.692  7.388   9.553   1.00 23.36 ? 66  PHE A CB  1 
ATOM   384  C  CG  . PHE A 1 48  ? -2.588  7.574   8.533   1.00 24.32 ? 66  PHE A CG  1 
ATOM   385  C  CD1 . PHE A 1 48  ? -1.494  8.400   8.805   1.00 25.11 ? 66  PHE A CD1 1 
ATOM   386  C  CD2 . PHE A 1 48  ? -2.664  6.967   7.288   1.00 23.48 ? 66  PHE A CD2 1 
ATOM   387  C  CE1 . PHE A 1 48  ? -0.482  8.578   7.878   1.00 24.44 ? 66  PHE A CE1 1 
ATOM   388  C  CE2 . PHE A 1 48  ? -1.652  7.119   6.362   1.00 25.08 ? 66  PHE A CE2 1 
ATOM   389  C  CZ  . PHE A 1 48  ? -0.570  7.956   6.634   1.00 23.79 ? 66  PHE A CZ  1 
ATOM   390  N  N   . THR A 1 49  ? -4.802  7.628   12.369  1.00 23.51 ? 67  THR A N   1 
ATOM   391  C  CA  . THR A 1 49  ? -5.913  7.638   13.343  1.00 22.71 ? 67  THR A CA  1 
ATOM   392  C  C   . THR A 1 49  ? -7.294  7.265   12.739  1.00 22.80 ? 67  THR A C   1 
ATOM   393  O  O   . THR A 1 49  ? -8.155  6.794   13.438  1.00 24.44 ? 67  THR A O   1 
ATOM   394  C  CB  . THR A 1 49  ? -5.997  8.946   14.113  1.00 22.35 ? 67  THR A CB  1 
ATOM   395  O  OG1 . THR A 1 49  ? -6.278  10.035  13.216  1.00 23.47 ? 67  THR A OG1 1 
ATOM   396  C  CG2 . THR A 1 49  ? -4.691  9.186   14.880  1.00 22.38 ? 67  THR A CG2 1 
ATOM   397  N  N   . ASN A 1 50  ? -7.448  7.399   11.436  1.00 24.44 ? 68  ASN A N   1 
ATOM   398  C  CA  . ASN A 1 50  ? -8.670  6.987   10.762  1.00 24.71 ? 68  ASN A CA  1 
ATOM   399  C  C   . ASN A 1 50  ? -8.678  5.499   10.386  1.00 23.88 ? 68  ASN A C   1 
ATOM   400  O  O   . ASN A 1 50  ? -9.678  5.024   9.806   1.00 23.51 ? 68  ASN A O   1 
ATOM   401  C  CB  . ASN A 1 50  ? -8.944  7.842   9.515   1.00 24.21 ? 68  ASN A CB  1 
ATOM   402  C  CG  . ASN A 1 50  ? -8.048  7.495   8.353   1.00 25.99 ? 68  ASN A CG  1 
ATOM   403  O  OD1 . ASN A 1 50  ? -6.944  6.984   8.526   1.00 23.47 ? 68  ASN A OD1 1 
ATOM   404  N  ND2 . ASN A 1 50  ? -8.527  7.790   7.136   1.00 26.09 ? 68  ASN A ND2 1 
ATOM   405  N  N   . GLY A 1 51  ? -7.591  4.777   10.705  1.00 22.99 ? 69  GLY A N   1 
ATOM   406  C  CA  . GLY A 1 51  ? -7.507  3.336   10.457  1.00 23.05 ? 69  GLY A CA  1 
ATOM   407  C  C   . GLY A 1 51  ? -6.769  2.960   9.181   1.00 22.73 ? 69  GLY A C   1 
ATOM   408  O  O   . GLY A 1 51  ? -6.493  1.770   8.968   1.00 23.26 ? 69  GLY A O   1 
ATOM   409  N  N   . ASP A 1 52  ? -6.488  3.939   8.311   1.00 22.07 ? 70  ASP A N   1 
ATOM   410  C  CA  . ASP A 1 52  ? -5.766  3.665   7.043   1.00 22.94 ? 70  ASP A CA  1 
ATOM   411  C  C   . ASP A 1 52  ? -4.306  3.313   7.351   1.00 24.00 ? 70  ASP A C   1 
ATOM   412  O  O   . ASP A 1 52  ? -3.746  3.821   8.312   1.00 22.81 ? 70  ASP A O   1 
ATOM   413  C  CB  . ASP A 1 52  ? -5.921  4.820   6.057   1.00 22.56 ? 70  ASP A CB  1 
ATOM   414  C  CG  . ASP A 1 52  ? -7.304  4.861   5.444   1.00 23.33 ? 70  ASP A CG  1 
ATOM   415  O  OD1 . ASP A 1 52  ? -8.071  3.843   5.541   1.00 22.55 ? 70  ASP A OD1 1 
ATOM   416  O  OD2 . ASP A 1 52  ? -7.604  5.909   4.826   1.00 23.83 ? 70  ASP A OD2 1 
ATOM   417  N  N   . LYS A 1 53  ? -3.753  2.362   6.596   1.00 24.07 ? 71  LYS A N   1 
ATOM   418  C  CA  . LYS A 1 53  ? -2.452  1.767   6.904   1.00 24.89 ? 71  LYS A CA  1 
ATOM   419  C  C   . LYS A 1 53  ? -1.540  1.677   5.710   1.00 25.04 ? 71  LYS A C   1 
ATOM   420  O  O   . LYS A 1 53  ? -1.986  1.360   4.605   1.00 25.39 ? 71  LYS A O   1 
ATOM   421  C  CB  . LYS A 1 53  ? -2.676  0.358   7.515   1.00 26.63 ? 71  LYS A CB  1 
ATOM   422  C  CG  . LYS A 1 53  ? -1.472  -0.589  7.465   1.00 27.63 ? 71  LYS A CG  1 
ATOM   423  C  CD  . LYS A 1 53  ? -1.713  -1.856  8.205   1.00 30.06 ? 71  LYS A CD  1 
ATOM   424  C  CE  . LYS A 1 53  ? -0.428  -2.777  8.279   1.00 30.72 ? 71  LYS A CE  1 
ATOM   425  N  NZ  . LYS A 1 53  ? 0.214   -3.025  6.994   1.00 32.75 ? 71  LYS A NZ  1 
ATOM   426  N  N   . LEU A 1 54  ? -0.256  1.942   5.962   1.00 23.36 ? 72  LEU A N   1 
ATOM   427  C  CA  . LEU A 1 54  ? 0.814   1.872   4.965   1.00 22.20 ? 72  LEU A CA  1 
ATOM   428  C  C   . LEU A 1 54  ? 1.876   0.885   5.482   1.00 22.65 ? 72  LEU A C   1 
ATOM   429  O  O   . LEU A 1 54  ? 2.131   0.842   6.697   1.00 23.07 ? 72  LEU A O   1 
ATOM   430  C  CB  . LEU A 1 54  ? 1.484   3.225   4.823   1.00 22.11 ? 72  LEU A CB  1 
ATOM   431  C  CG  . LEU A 1 54  ? 0.542   4.381   4.527   1.00 22.08 ? 72  LEU A CG  1 
ATOM   432  C  CD1 . LEU A 1 54  ? 1.302   5.649   4.375   1.00 21.40 ? 72  LEU A CD1 1 
ATOM   433  C  CD2 . LEU A 1 54  ? -0.276  4.031   3.249   1.00 22.42 ? 72  LEU A CD2 1 
ATOM   434  N  N   . GLU A 1 55  ? 2.465   0.127   4.560   1.00 22.90 ? 73  GLU A N   1 
ATOM   435  C  CA  . GLU A 1 55  ? 3.657   -0.683  4.790   1.00 24.26 ? 73  GLU A CA  1 
ATOM   436  C  C   . GLU A 1 55  ? 4.674   -0.280  3.705   1.00 23.22 ? 73  GLU A C   1 
ATOM   437  O  O   . GLU A 1 55  ? 4.331   -0.095  2.532   1.00 21.73 ? 73  GLU A O   1 
ATOM   438  C  CB  . GLU A 1 55  ? 3.398   -2.167  4.625   1.00 25.75 ? 73  GLU A CB  1 
ATOM   439  C  CG  . GLU A 1 55  ? 4.579   -3.075  4.972   1.00 26.93 ? 73  GLU A CG  1 
ATOM   440  C  CD  . GLU A 1 55  ? 4.349   -4.503  4.541   1.00 29.81 ? 73  GLU A CD  1 
ATOM   441  O  OE1 . GLU A 1 55  ? 4.000   -4.727  3.329   1.00 33.35 ? 73  GLU A OE1 1 
ATOM   442  O  OE2 . GLU A 1 55  ? 4.546   -5.401  5.408   1.00 31.22 ? 73  GLU A OE2 1 
ATOM   443  N  N   . PHE A 1 56  ? 5.936   -0.233  4.104   1.00 23.17 ? 74  PHE A N   1 
ATOM   444  C  CA  . PHE A 1 56  ? 7.043   0.142   3.242   1.00 21.51 ? 74  PHE A CA  1 
ATOM   445  C  C   . PHE A 1 56  ? 8.133   -0.872  3.367   1.00 22.90 ? 74  PHE A C   1 
ATOM   446  O  O   . PHE A 1 56  ? 8.260   -1.492  4.426   1.00 22.63 ? 74  PHE A O   1 
ATOM   447  C  CB  . PHE A 1 56  ? 7.643   1.466   3.690   1.00 22.59 ? 74  PHE A CB  1 
ATOM   448  C  CG  . PHE A 1 56  ? 6.672   2.632   3.713   1.00 23.35 ? 74  PHE A CG  1 
ATOM   449  C  CD1 . PHE A 1 56  ? 6.453   3.363   2.568   1.00 21.76 ? 74  PHE A CD1 1 
ATOM   450  C  CD2 . PHE A 1 56  ? 6.019   3.014   4.901   1.00 23.14 ? 74  PHE A CD2 1 
ATOM   451  C  CE1 . PHE A 1 56  ? 5.624   4.430   2.563   1.00 22.25 ? 74  PHE A CE1 1 
ATOM   452  C  CE2 . PHE A 1 56  ? 5.166   4.065   4.912   1.00 22.03 ? 74  PHE A CE2 1 
ATOM   453  C  CZ  . PHE A 1 56  ? 4.979   4.809   3.738   1.00 22.77 ? 74  PHE A CZ  1 
ATOM   454  N  N   . ASP A 1 57  ? 8.940   -1.016  2.317   1.00 23.57 ? 75  ASP A N   1 
ATOM   455  C  CA  . ASP A 1 57  ? 10.051  -1.951  2.329   1.00 23.93 ? 75  ASP A CA  1 
ATOM   456  C  C   . ASP A 1 57  ? 11.221  -1.296  3.036   1.00 24.13 ? 75  ASP A C   1 
ATOM   457  O  O   . ASP A 1 57  ? 11.076  -0.185  3.564   1.00 21.43 ? 75  ASP A O   1 
ATOM   458  C  CB  . ASP A 1 57  ? 10.394  -2.466  0.920   1.00 25.56 ? 75  ASP A CB  1 
ATOM   459  C  CG  . ASP A 1 57  ? 10.983  -1.393  -0.010  1.00 25.17 ? 75  ASP A CG  1 
ATOM   460  O  OD1 . ASP A 1 57  ? 11.342  -0.278  0.410   1.00 23.06 ? 75  ASP A OD1 1 
ATOM   461  O  OD2 . ASP A 1 57  ? 11.093  -1.708  -1.202  1.00 26.84 ? 75  ASP A OD2 1 
ATOM   462  N  N   . LYS A 1 58  ? 12.368  -1.970  3.042   1.00 23.96 ? 76  LYS A N   1 
ATOM   463  C  CA  . LYS A 1 58  ? 13.567  -1.495  3.763   1.00 25.39 ? 76  LYS A CA  1 
ATOM   464  C  C   . LYS A 1 58  ? 14.123  -0.151  3.266   1.00 24.52 ? 76  LYS A C   1 
ATOM   465  O  O   . LYS A 1 58  ? 14.896  0.505   3.984   1.00 23.76 ? 76  LYS A O   1 
ATOM   466  C  CB  . LYS A 1 58  ? 14.676  -2.537  3.694   1.00 25.98 ? 76  LYS A CB  1 
ATOM   467  C  CG  . LYS A 1 58  ? 15.238  -2.764  2.308   1.00 27.60 ? 76  LYS A CG  1 
ATOM   468  C  CD  . LYS A 1 58  ? 16.216  -3.916  2.282   1.00 28.79 ? 76  LYS A CD  1 
ATOM   469  C  CE  . LYS A 1 58  ? 16.784  -4.102  0.873   1.00 30.49 ? 76  LYS A CE  1 
ATOM   470  N  NZ  . LYS A 1 58  ? 17.908  -5.112  0.810   1.00 31.57 ? 76  LYS A NZ  1 
ATOM   471  N  N   . LYS A 1 59  ? 13.738  0.225   2.051   1.00 24.14 ? 77  LYS A N   1 
ATOM   472  C  CA  . LYS A 1 59  ? 14.145  1.480   1.441   1.00 24.51 ? 77  LYS A CA  1 
ATOM   473  C  C   . LYS A 1 59  ? 13.026  2.538   1.466   1.00 23.45 ? 77  LYS A C   1 
ATOM   474  O  O   . LYS A 1 59  ? 13.198  3.624   0.912   1.00 24.24 ? 77  LYS A O   1 
ATOM   475  C  CB  . LYS A 1 59  ? 14.627  1.226   0.015   1.00 25.44 ? 77  LYS A CB  1 
ATOM   476  C  CG  . LYS A 1 59  ? 15.838  0.282   -0.031  1.00 26.17 ? 77  LYS A CG  1 
ATOM   477  C  CD  . LYS A 1 59  ? 16.382  0.230   -1.399  1.00 27.53 ? 77  LYS A CD  1 
ATOM   478  C  CE  . LYS A 1 59  ? 17.110  -1.022  -1.678  1.00 28.09 ? 77  LYS A CE  1 
ATOM   479  N  NZ  . LYS A 1 59  ? 17.451  -1.035  -3.109  1.00 27.75 ? 77  LYS A NZ  1 
ATOM   480  N  N   . GLY A 1 60  ? 11.922  2.238   2.143   1.00 23.23 ? 78  GLY A N   1 
ATOM   481  C  CA  . GLY A 1 60  ? 10.807  3.175   2.282   1.00 23.13 ? 78  GLY A CA  1 
ATOM   482  C  C   . GLY A 1 60  ? 9.927   3.260   1.055   1.00 22.39 ? 78  GLY A C   1 
ATOM   483  O  O   . GLY A 1 60  ? 9.227   4.259   0.880   1.00 24.01 ? 78  GLY A O   1 
ATOM   484  N  N   . ILE A 1 61  ? 9.960   2.227   0.208   1.00 22.86 ? 79  ILE A N   1 
ATOM   485  C  CA  . ILE A 1 61  ? 9.124   2.170   -0.985  1.00 22.33 ? 79  ILE A CA  1 
ATOM   486  C  C   . ILE A 1 61  ? 7.874   1.359   -0.594  1.00 22.27 ? 79  ILE A C   1 
ATOM   487  O  O   . ILE A 1 61  ? 7.979   0.272   -0.047  1.00 21.61 ? 79  ILE A O   1 
ATOM   488  C  CB  . ILE A 1 61  ? 9.861   1.508   -2.166  1.00 23.22 ? 79  ILE A CB  1 
ATOM   489  C  CG1 . ILE A 1 61  ? 11.243  2.130   -2.387  1.00 23.65 ? 79  ILE A CG1 1 
ATOM   490  C  CG2 . ILE A 1 61  ? 9.012   1.587   -3.418  1.00 22.39 ? 79  ILE A CG2 1 
ATOM   491  C  CD1 . ILE A 1 61  ? 11.168  3.571   -2.717  1.00 24.19 ? 79  ILE A CD1 1 
ATOM   492  N  N   . TRP A 1 62  ? 6.692   1.904   -0.861  1.00 23.12 ? 80  TRP A N   1 
ATOM   493  C  CA  . TRP A 1 62  ? 5.465   1.279   -0.390  1.00 22.80 ? 80  TRP A CA  1 
ATOM   494  C  C   . TRP A 1 62  ? 5.255   -0.089  -0.994  1.00 21.52 ? 80  TRP A C   1 
ATOM   495  O  O   . TRP A 1 62  ? 5.605   -0.315  -2.168  1.00 21.67 ? 80  TRP A O   1 
ATOM   496  C  CB  . TRP A 1 62  ? 4.236   2.157   -0.598  1.00 23.14 ? 80  TRP A CB  1 
ATOM   497  C  CG  . TRP A 1 62  ? 3.831   2.397   -1.976  1.00 23.08 ? 80  TRP A CG  1 
ATOM   498  C  CD1 . TRP A 1 62  ? 4.134   3.480   -2.743  1.00 23.28 ? 80  TRP A CD1 1 
ATOM   499  C  CD2 . TRP A 1 62  ? 2.971   1.562   -2.774  1.00 23.94 ? 80  TRP A CD2 1 
ATOM   500  N  NE1 . TRP A 1 62  ? 3.536   3.363   -3.979  1.00 24.26 ? 80  TRP A NE1 1 
ATOM   501  C  CE2 . TRP A 1 62  ? 2.831   2.186   -4.024  1.00 23.91 ? 80  TRP A CE2 1 
ATOM   502  C  CE3 . TRP A 1 62  ? 2.345   0.321   -2.556  1.00 23.67 ? 80  TRP A CE3 1 
ATOM   503  C  CZ2 . TRP A 1 62  ? 2.087   1.634   -5.051  1.00 23.66 ? 80  TRP A CZ2 1 
ATOM   504  C  CZ3 . TRP A 1 62  ? 1.593   -0.224  -3.565  1.00 23.50 ? 80  TRP A CZ3 1 
ATOM   505  C  CH2 . TRP A 1 62  ? 1.460   0.441   -4.807  1.00 23.25 ? 80  TRP A CH2 1 
ATOM   506  N  N   . THR A 1 63  ? 4.812   -0.995  -0.125  1.00 21.12 ? 81  THR A N   1 
ATOM   507  C  CA  . THR A 1 63  ? 4.402   -2.373  -0.446  1.00 19.77 ? 81  THR A CA  1 
ATOM   508  C  C   . THR A 1 63  ? 2.914   -2.600  -0.157  1.00 21.47 ? 81  THR A C   1 
ATOM   509  O  O   . THR A 1 63  ? 2.317   -3.515  -0.700  1.00 22.49 ? 81  THR A O   1 
ATOM   510  C  CB  . THR A 1 63  ? 5.277   -3.398  0.289   1.00 21.67 ? 81  THR A CB  1 
ATOM   511  O  OG1 . THR A 1 63  ? 5.230   -3.148  1.699   1.00 21.00 ? 81  THR A OG1 1 
ATOM   512  C  CG2 . THR A 1 63  ? 6.700   -3.266  -0.181  1.00 21.98 ? 81  THR A CG2 1 
ATOM   513  N  N   . GLU A 1 64  ? 2.305   -1.738  0.649   1.00 21.89 ? 82  GLU A N   1 
ATOM   514  C  CA  . GLU A 1 64  ? 0.874   -1.775  0.929   1.00 23.48 ? 82  GLU A CA  1 
ATOM   515  C  C   . GLU A 1 64  ? 0.314   -0.379  1.208   1.00 22.29 ? 82  GLU A C   1 
ATOM   516  O  O   . GLU A 1 64  ? 0.873   0.393   1.993   1.00 22.80 ? 82  GLU A O   1 
ATOM   517  C  CB  . GLU A 1 64  ? 0.545   -2.720  2.101   1.00 24.15 ? 82  GLU A CB  1 
ATOM   518  C  CG  . GLU A 1 64  ? -0.936  -2.847  2.381   1.00 25.54 ? 82  GLU A CG  1 
ATOM   519  C  CD  . GLU A 1 64  ? -1.274  -3.799  3.533   1.00 27.77 ? 82  GLU A CD  1 
ATOM   520  O  OE1 . GLU A 1 64  ? -0.482  -4.691  3.832   1.00 32.21 ? 82  GLU A OE1 1 
ATOM   521  O  OE2 . GLU A 1 64  ? -2.350  -3.672  4.132   1.00 31.41 ? 82  GLU A OE2 1 
ATOM   522  N  N   . VAL A 1 65  ? -0.810  -0.069  0.558   1.00 23.72 ? 83  VAL A N   1 
ATOM   523  C  CA  . VAL A 1 65  ? -1.570  1.161   0.788   1.00 23.50 ? 83  VAL A CA  1 
ATOM   524  C  C   . VAL A 1 65  ? -2.995  0.652   1.020   1.00 23.78 ? 83  VAL A C   1 
ATOM   525  O  O   . VAL A 1 65  ? -3.713  0.335   0.094   1.00 23.15 ? 83  VAL A O   1 
ATOM   526  C  CB  . VAL A 1 65  ? -1.475  2.161   -0.367  1.00 26.27 ? 83  VAL A CB  1 
ATOM   527  C  CG1 . VAL A 1 65  ? -2.309  3.418   -0.084  1.00 24.70 ? 83  VAL A CG1 1 
ATOM   528  C  CG2 . VAL A 1 65  ? -0.033  2.511   -0.603  1.00 27.68 ? 83  VAL A CG2 1 
ATOM   529  N  N   . ASN A 1 66  ? -3.352  0.512   2.288   1.00 22.72 ? 84  ASN A N   1 
ATOM   530  C  CA  . ASN A 1 66  ? -4.632  -0.060  2.693   1.00 22.50 ? 84  ASN A CA  1 
ATOM   531  C  C   . ASN A 1 66  ? -5.535  1.038   3.231   1.00 23.91 ? 84  ASN A C   1 
ATOM   532  O  O   . ASN A 1 66  ? -5.492  1.398   4.449   1.00 21.51 ? 84  ASN A O   1 
ATOM   533  C  CB  . ASN A 1 66  ? -4.341  -1.152  3.716   1.00 23.45 ? 84  ASN A CB  1 
ATOM   534  C  CG  . ASN A 1 66  ? -5.520  -1.910  4.140   1.00 23.31 ? 84  ASN A CG  1 
ATOM   535  O  OD1 . ASN A 1 66  ? -6.685  -1.439  4.067   1.00 25.18 ? 84  ASN A OD1 1 
ATOM   536  N  ND2 . ASN A 1 66  ? -5.258  -3.114  4.637   1.00 24.24 ? 84  ASN A ND2 1 
ATOM   537  N  N   . CYS A 1 67  ? -6.332  1.593   2.309   1.00 23.12 ? 85  CYS A N   1 
ATOM   538  C  CA  . CYS A 1 67  ? -7.256  2.684   2.612   1.00 22.34 ? 85  CYS A CA  1 
ATOM   539  C  C   . CYS A 1 67  ? -8.703  2.206   2.704   1.00 22.63 ? 85  CYS A C   1 
ATOM   540  O  O   . CYS A 1 67  ? -9.597  2.783   2.117   1.00 21.38 ? 85  CYS A O   1 
ATOM   541  C  CB  . CYS A 1 67  ? -7.065  3.827   1.586   1.00 21.58 ? 85  CYS A CB  1 
ATOM   542  S  SG  . CYS A 1 67  ? -5.470  4.578   1.764   1.00 23.71 ? 85  CYS A SG  1 
ATOM   543  N  N   . LYS A 1 68  ? -8.921  1.114   3.443   1.00 22.48 ? 86  LYS A N   1 
ATOM   544  C  CA  . LYS A 1 68  ? -10.265 0.519   3.547   1.00 22.46 ? 86  LYS A CA  1 
ATOM   545  C  C   . LYS A 1 68  ? -11.290 1.441   4.221   1.00 21.06 ? 86  LYS A C   1 
ATOM   546  O  O   . LYS A 1 68  ? -12.478 1.196   4.130   1.00 20.09 ? 86  LYS A O   1 
ATOM   547  C  CB  . LYS A 1 68  ? -10.203 -0.846  4.268   1.00 23.57 ? 86  LYS A CB  1 
ATOM   548  C  CG  . LYS A 1 68  ? -10.001 -0.737  5.776   1.00 23.33 ? 86  LYS A CG  1 
ATOM   549  C  CD  . LYS A 1 68  ? -10.113 -2.106  6.502   1.00 24.87 ? 86  LYS A CD  1 
ATOM   550  C  CE  . LYS A 1 68  ? -8.879  -2.944  6.418   1.00 24.50 ? 86  LYS A CE  1 
ATOM   551  N  NZ  . LYS A 1 68  ? -7.782  -2.326  7.171   1.00 22.88 ? 86  LYS A NZ  1 
ATOM   552  N  N   . TYR A 1 69  ? -10.821 2.501   4.895   1.00 20.83 ? 87  TYR A N   1 
ATOM   553  C  CA  . TYR A 1 69  ? -11.702 3.456   5.562   1.00 22.24 ? 87  TYR A CA  1 
ATOM   554  C  C   . TYR A 1 69  ? -11.889 4.711   4.736   1.00 22.95 ? 87  TYR A C   1 
ATOM   555  O  O   . TYR A 1 69  ? -12.570 5.627   5.169   1.00 22.39 ? 87  TYR A O   1 
ATOM   556  C  CB  . TYR A 1 69  ? -11.175 3.806   6.961   1.00 23.27 ? 87  TYR A CB  1 
ATOM   557  C  CG  . TYR A 1 69  ? -10.972 2.594   7.825   1.00 21.97 ? 87  TYR A CG  1 
ATOM   558  C  CD1 . TYR A 1 69  ? -12.024 2.022   8.505   1.00 23.00 ? 87  TYR A CD1 1 
ATOM   559  C  CD2 . TYR A 1 69  ? -9.719  2.035   7.962   1.00 22.58 ? 87  TYR A CD2 1 
ATOM   560  C  CE1 . TYR A 1 69  ? -11.834 0.896   9.307   1.00 25.00 ? 87  TYR A CE1 1 
ATOM   561  C  CE2 . TYR A 1 69  ? -9.523  0.922   8.742   1.00 23.34 ? 87  TYR A CE2 1 
ATOM   562  C  CZ  . TYR A 1 69  ? -10.578 0.353   9.417   1.00 23.59 ? 87  TYR A CZ  1 
ATOM   563  O  OH  . TYR A 1 69  ? -10.394 -0.790  10.194  1.00 24.03 ? 87  TYR A OH  1 
ATOM   564  N  N   . SER A 1 70  ? -11.254 4.774   3.570   1.00 21.58 ? 88  SER A N   1 
ATOM   565  C  CA  . SER A 1 70  ? -11.438 5.921   2.654   1.00 22.12 ? 88  SER A CA  1 
ATOM   566  C  C   . SER A 1 70  ? -11.285 5.348   1.215   1.00 21.68 ? 88  SER A C   1 
ATOM   567  O  O   . SER A 1 70  ? -12.142 4.599   0.779   1.00 20.94 ? 88  SER A O   1 
ATOM   568  C  CB  . SER A 1 70  ? -10.490 7.078   3.017   1.00 23.55 ? 88  SER A CB  1 
ATOM   569  O  OG  . SER A 1 70  ? -9.103  6.757   2.910   1.00 21.08 ? 88  SER A OG  1 
ATOM   570  N  N   . ALA A 1 71  ? -10.211 5.671   0.508   1.00 20.51 ? 89  ALA A N   1 
ATOM   571  C  CA  . ALA A 1 71  ? -9.912  5.114   -0.816  1.00 20.61 ? 89  ALA A CA  1 
ATOM   572  C  C   . ALA A 1 71  ? -8.439  5.359   -1.030  1.00 21.36 ? 89  ALA A C   1 
ATOM   573  O  O   . ALA A 1 71  ? -7.876  6.283   -0.399  1.00 21.13 ? 89  ALA A O   1 
ATOM   574  C  CB  . ALA A 1 71  ? -10.759 5.802   -1.928  1.00 19.16 ? 89  ALA A CB  1 
ATOM   575  N  N   . VAL A 1 72  ? -7.804  4.547   -1.873  1.00 20.16 ? 90  VAL A N   1 
ATOM   576  C  CA  . VAL A 1 72  ? -6.382  4.725   -2.244  1.00 22.15 ? 90  VAL A CA  1 
ATOM   577  C  C   . VAL A 1 72  ? -6.280  5.998   -3.076  1.00 20.88 ? 90  VAL A C   1 
ATOM   578  O  O   . VAL A 1 72  ? -7.047  6.160   -4.006  1.00 21.62 ? 90  VAL A O   1 
ATOM   579  C  CB  . VAL A 1 72  ? -5.874  3.559   -3.078  1.00 20.58 ? 90  VAL A CB  1 
ATOM   580  C  CG1 . VAL A 1 72  ? -4.391  3.737   -3.533  1.00 20.03 ? 90  VAL A CG1 1 
ATOM   581  C  CG2 . VAL A 1 72  ? -6.009  2.245   -2.239  1.00 21.38 ? 90  VAL A CG2 1 
ATOM   582  N  N   . PRO A 1 73  ? -5.400  6.927   -2.690  1.00 22.49 ? 91  PRO A N   1 
ATOM   583  C  CA  . PRO A 1 73  ? -5.250  8.134   -3.522  1.00 22.74 ? 91  PRO A CA  1 
ATOM   584  C  C   . PRO A 1 73  ? -4.857  7.762   -4.952  1.00 22.60 ? 91  PRO A C   1 
ATOM   585  O  O   . PRO A 1 73  ? -3.918  6.999   -5.181  1.00 22.03 ? 91  PRO A O   1 
ATOM   586  C  CB  . PRO A 1 73  ? -4.128  8.898   -2.819  1.00 23.94 ? 91  PRO A CB  1 
ATOM   587  C  CG  . PRO A 1 73  ? -4.242  8.455   -1.399  1.00 24.22 ? 91  PRO A CG  1 
ATOM   588  C  CD  . PRO A 1 73  ? -4.532  6.993   -1.497  1.00 23.76 ? 91  PRO A CD  1 
ATOM   589  N  N   . VAL A 1 74  ? -5.522  8.348   -5.932  1.00 22.52 ? 92  VAL A N   1 
ATOM   590  C  CA  . VAL A 1 74  ? -5.284  7.909   -7.309  1.00 24.26 ? 92  VAL A CA  1 
ATOM   591  C  C   . VAL A 1 74  ? -3.856  8.097   -7.797  1.00 24.83 ? 92  VAL A C   1 
ATOM   592  O  O   . VAL A 1 74  ? -3.371  7.315   -8.619  1.00 24.05 ? 92  VAL A O   1 
ATOM   593  C  CB  . VAL A 1 74  ? -6.309  8.540   -8.303  1.00 25.07 ? 92  VAL A CB  1 
ATOM   594  C  CG1 . VAL A 1 74  ? -7.698  8.128   -7.904  1.00 26.20 ? 92  VAL A CG1 1 
ATOM   595  C  CG2 . VAL A 1 74  ? -6.220  10.049  -8.327  1.00 25.38 ? 92  VAL A CG2 1 
ATOM   596  N  N   . ALA A 1 75  ? -3.162  9.096   -7.257  1.00 24.93 ? 93  ALA A N   1 
ATOM   597  C  CA  . ALA A 1 75  ? -1.807  9.392   -7.700  1.00 23.26 ? 93  ALA A CA  1 
ATOM   598  C  C   . ALA A 1 75  ? -0.827  8.275   -7.304  1.00 24.24 ? 93  ALA A C   1 
ATOM   599  O  O   . ALA A 1 75  ? 0.261   8.214   -7.863  1.00 22.86 ? 93  ALA A O   1 
ATOM   600  C  CB  . ALA A 1 75  ? -1.354  10.721  -7.161  1.00 23.93 ? 93  ALA A CB  1 
ATOM   601  N  N   . VAL A 1 76  ? -1.207  7.410   -6.360  1.00 22.58 ? 94  VAL A N   1 
ATOM   602  C  CA  . VAL A 1 76  ? -0.367  6.300   -5.929  1.00 24.74 ? 94  VAL A CA  1 
ATOM   603  C  C   . VAL A 1 76  ? -0.380  5.097   -6.907  1.00 25.72 ? 94  VAL A C   1 
ATOM   604  O  O   . VAL A 1 76  ? 0.567   4.293   -6.968  1.00 26.97 ? 94  VAL A O   1 
ATOM   605  C  CB  . VAL A 1 76  ? -0.807  5.838   -4.512  1.00 24.61 ? 94  VAL A CB  1 
ATOM   606  C  CG1 . VAL A 1 76  ? -0.240  4.458   -4.138  1.00 25.30 ? 94  VAL A CG1 1 
ATOM   607  C  CG2 . VAL A 1 76  ? -0.477  6.936   -3.492  1.00 23.90 ? 94  VAL A CG2 1 
ATOM   608  N  N   . VAL A 1 77  ? -1.442  5.005   -7.677  1.00 25.41 ? 95  VAL A N   1 
ATOM   609  C  CA  . VAL A 1 77  ? -1.700  3.842   -8.526  1.00 25.36 ? 95  VAL A CA  1 
ATOM   610  C  C   . VAL A 1 77  ? -1.102  3.918   -9.910  1.00 25.64 ? 95  VAL A C   1 
ATOM   611  O  O   . VAL A 1 77  ? -1.336  4.887   -10.646 1.00 22.57 ? 95  VAL A O   1 
ATOM   612  C  CB  . VAL A 1 77  ? -3.251  3.592   -8.662  1.00 24.99 ? 95  VAL A CB  1 
ATOM   613  C  CG1 . VAL A 1 77  ? -3.564  2.334   -9.448  1.00 24.38 ? 95  VAL A CG1 1 
ATOM   614  C  CG2 . VAL A 1 77  ? -3.874  3.470   -7.298  1.00 26.50 ? 95  VAL A CG2 1 
ATOM   615  N  N   . PRO A 1 78  ? -0.381  2.861   -10.305 1.00 26.64 ? 96  PRO A N   1 
ATOM   616  C  CA  . PRO A 1 78  ? 0.175   2.833   -11.663 1.00 27.81 ? 96  PRO A CA  1 
ATOM   617  C  C   . PRO A 1 78  ? -0.922  3.065   -12.719 1.00 28.03 ? 96  PRO A C   1 
ATOM   618  O  O   . PRO A 1 78  ? -2.021  2.531   -12.605 1.00 27.17 ? 96  PRO A O   1 
ATOM   619  C  CB  . PRO A 1 78  ? 0.790   1.426   -11.763 1.00 27.15 ? 96  PRO A CB  1 
ATOM   620  C  CG  . PRO A 1 78  ? 1.036   1.021   -10.356 1.00 27.72 ? 96  PRO A CG  1 
ATOM   621  C  CD  . PRO A 1 78  ? -0.067  1.629   -9.555  1.00 27.41 ? 96  PRO A CD  1 
ATOM   622  N  N   . ASP A 1 79  ? -0.632  3.885   -13.721 1.00 29.26 ? 97  ASP A N   1 
ATOM   623  C  CA  . ASP A 1 79  ? -1.600  4.204   -14.772 1.00 29.77 ? 97  ASP A CA  1 
ATOM   624  C  C   . ASP A 1 79  ? -2.267  3.007   -15.433 1.00 27.78 ? 97  ASP A C   1 
ATOM   625  O  O   . ASP A 1 79  ? -3.468  3.045   -15.699 1.00 27.33 ? 97  ASP A O   1 
ATOM   626  C  CB  . ASP A 1 79  ? -0.957  5.082   -15.857 1.00 33.11 ? 97  ASP A CB  1 
ATOM   627  C  CG  . ASP A 1 79  ? -1.078  6.567   -15.554 1.00 36.40 ? 97  ASP A CG  1 
ATOM   628  O  OD1 . ASP A 1 79  ? -1.201  6.973   -14.369 1.00 38.44 ? 97  ASP A OD1 1 
ATOM   629  O  OD2 . ASP A 1 79  ? -1.073  7.350   -16.521 1.00 40.31 ? 97  ASP A OD2 1 
ATOM   630  N  N   . ALA A 1 80  ? -1.495  1.961   -15.732 1.00 25.75 ? 98  ALA A N   1 
ATOM   631  C  CA  . ALA A 1 80  ? -2.049  0.761   -16.377 1.00 24.96 ? 98  ALA A CA  1 
ATOM   632  C  C   . ALA A 1 80  ? -3.185  0.143   -15.552 1.00 23.62 ? 98  ALA A C   1 
ATOM   633  O  O   . ALA A 1 80  ? -4.195  -0.339  -16.082 1.00 24.79 ? 98  ALA A O   1 
ATOM   634  C  CB  . ALA A 1 80  ? -0.935  -0.270  -16.614 1.00 24.92 ? 98  ALA A CB  1 
ATOM   635  N  N   . ILE A 1 81  ? -3.005  0.160   -14.242 1.00 23.51 ? 99  ILE A N   1 
ATOM   636  C  CA  . ILE A 1 81  ? -3.995  -0.387  -13.314 1.00 21.63 ? 99  ILE A CA  1 
ATOM   637  C  C   . ILE A 1 81  ? -5.201  0.535   -13.231 1.00 22.79 ? 99  ILE A C   1 
ATOM   638  O  O   . ILE A 1 81  ? -6.342  0.081   -13.286 1.00 23.67 ? 99  ILE A O   1 
ATOM   639  C  CB  . ILE A 1 81  ? -3.363  -0.610  -11.931 1.00 21.18 ? 99  ILE A CB  1 
ATOM   640  C  CG1 . ILE A 1 81  ? -2.304  -1.754  -12.006 1.00 19.65 ? 99  ILE A CG1 1 
ATOM   641  C  CG2 . ILE A 1 81  ? -4.479  -0.869  -10.896 1.00 18.70 ? 99  ILE A CG2 1 
ATOM   642  C  CD1 . ILE A 1 81  ? -1.552  -2.023  -10.780 1.00 19.26 ? 99  ILE A CD1 1 
ATOM   643  N  N   . LYS A 1 82  ? -4.965  1.830   -13.068 1.00 24.35 ? 100 LYS A N   1 
ATOM   644  C  CA  . LYS A 1 82  ? -6.073  2.788   -13.074 1.00 26.35 ? 100 LYS A CA  1 
ATOM   645  C  C   . LYS A 1 82  ? -6.947  2.638   -14.287 1.00 25.31 ? 100 LYS A C   1 
ATOM   646  O  O   . LYS A 1 82  ? -8.167  2.615   -14.195 1.00 25.37 ? 100 LYS A O   1 
ATOM   647  C  CB  . LYS A 1 82  ? -5.554  4.222   -13.025 1.00 29.04 ? 100 LYS A CB  1 
ATOM   648  C  CG  . LYS A 1 82  ? -5.036  4.557   -11.658 1.00 31.69 ? 100 LYS A CG  1 
ATOM   649  C  CD  . LYS A 1 82  ? -4.962  6.067   -11.396 1.00 33.81 ? 100 LYS A CD  1 
ATOM   650  C  CE  . LYS A 1 82  ? -3.790  6.722   -12.052 1.00 34.55 ? 100 LYS A CE  1 
ATOM   651  N  NZ  . LYS A 1 82  ? -3.415  7.977   -11.321 1.00 35.99 ? 100 LYS A NZ  1 
ATOM   652  N  N   . LYS A 1 83  ? -6.309  2.568   -15.441 1.00 25.08 ? 101 LYS A N   1 
ATOM   653  C  CA  . LYS A 1 83  ? -7.009  2.439   -16.725 1.00 24.31 ? 101 LYS A CA  1 
ATOM   654  C  C   . LYS A 1 83  ? -7.829  1.151   -16.813 1.00 23.73 ? 101 LYS A C   1 
ATOM   655  O  O   . LYS A 1 83  ? -8.965  1.137   -17.282 1.00 23.10 ? 101 LYS A O   1 
ATOM   656  C  CB  . LYS A 1 83  ? -5.981  2.505   -17.847 1.00 24.04 ? 101 LYS A CB  1 
ATOM   657  N  N   . TYR A 1 84  ? -7.267  0.056   -16.325 1.00 23.22 ? 102 TYR A N   1 
ATOM   658  C  CA  . TYR A 1 84  ? -7.958  -1.211  -16.391 1.00 23.32 ? 102 TYR A CA  1 
ATOM   659  C  C   . TYR A 1 84  ? -9.211  -1.200  -15.502 1.00 23.71 ? 102 TYR A C   1 
ATOM   660  O  O   . TYR A 1 84  ? -10.274 -1.631  -15.929 1.00 25.07 ? 102 TYR A O   1 
ATOM   661  C  CB  . TYR A 1 84  ? -7.021  -2.349  -15.982 1.00 23.32 ? 102 TYR A CB  1 
ATOM   662  C  CG  . TYR A 1 84  ? -7.668  -3.690  -16.070 1.00 23.61 ? 102 TYR A CG  1 
ATOM   663  C  CD1 . TYR A 1 84  ? -8.418  -4.198  -15.003 1.00 23.27 ? 102 TYR A CD1 1 
ATOM   664  C  CD2 . TYR A 1 84  ? -7.571  -4.450  -17.224 1.00 23.19 ? 102 TYR A CD2 1 
ATOM   665  C  CE1 . TYR A 1 84  ? -9.014  -5.416  -15.078 1.00 22.06 ? 102 TYR A CE1 1 
ATOM   666  C  CE2 . TYR A 1 84  ? -8.188  -5.661  -17.301 1.00 23.38 ? 102 TYR A CE2 1 
ATOM   667  C  CZ  . TYR A 1 84  ? -8.898  -6.139  -16.222 1.00 22.56 ? 102 TYR A CZ  1 
ATOM   668  O  OH  . TYR A 1 84  ? -9.503  -7.353  -16.314 1.00 23.15 ? 102 TYR A OH  1 
ATOM   669  N  N   . VAL A 1 85  ? -9.047  -0.713  -14.279 1.00 23.11 ? 103 VAL A N   1 
ATOM   670  C  CA  . VAL A 1 85  ? -10.114 -0.616  -13.299 1.00 24.59 ? 103 VAL A CA  1 
ATOM   671  C  C   . VAL A 1 85  ? -11.196 0.350   -13.802 1.00 25.35 ? 103 VAL A C   1 
ATOM   672  O  O   . VAL A 1 85  ? -12.378 0.075   -13.705 1.00 26.18 ? 103 VAL A O   1 
ATOM   673  C  CB  . VAL A 1 85  ? -9.524  -0.163  -11.932 1.00 24.55 ? 103 VAL A CB  1 
ATOM   674  C  CG1 . VAL A 1 85  ? -10.614 0.316   -10.966 1.00 23.87 ? 103 VAL A CG1 1 
ATOM   675  C  CG2 . VAL A 1 85  ? -8.648  -1.299  -11.347 1.00 24.06 ? 103 VAL A CG2 1 
ATOM   676  N  N   . ALA A 1 86  ? -10.780 1.484   -14.345 1.00 26.33 ? 104 ALA A N   1 
ATOM   677  C  CA  . ALA A 1 86  ? -11.741 2.476   -14.872 1.00 27.55 ? 104 ALA A CA  1 
ATOM   678  C  C   . ALA A 1 86  ? -12.593 1.880   -16.006 1.00 28.11 ? 104 ALA A C   1 
ATOM   679  O  O   . ALA A 1 86  ? -13.820 2.040   -16.038 1.00 31.30 ? 104 ALA A O   1 
ATOM   680  C  CB  . ALA A 1 86  ? -11.008 3.717   -15.339 1.00 26.75 ? 104 ALA A CB  1 
ATOM   681  N  N   . THR A 1 87  ? -11.973 1.153   -16.926 1.00 27.51 ? 105 THR A N   1 
ATOM   682  C  CA  . THR A 1 87  ? -12.725 0.520   -18.017 1.00 26.39 ? 105 THR A CA  1 
ATOM   683  C  C   . THR A 1 87  ? -13.681 -0.577  -17.522 1.00 26.31 ? 105 THR A C   1 
ATOM   684  O  O   . THR A 1 87  ? -14.880 -0.576  -17.825 1.00 25.23 ? 105 THR A O   1 
ATOM   685  C  CB  . THR A 1 87  ? -11.760 -0.130  -19.012 1.00 26.68 ? 105 THR A CB  1 
ATOM   686  O  OG1 . THR A 1 87  ? -10.826 0.845   -19.485 1.00 26.20 ? 105 THR A OG1 1 
ATOM   687  C  CG2 . THR A 1 87  ? -12.489 -0.762  -20.183 1.00 25.74 ? 105 THR A CG2 1 
ATOM   688  N  N   . ASN A 1 88  ? -13.137 -1.498  -16.728 1.00 26.56 ? 106 ASN A N   1 
ATOM   689  C  CA  . ASN A 1 88  ? -13.850 -2.680  -16.282 1.00 26.76 ? 106 ASN A CA  1 
ATOM   690  C  C   . ASN A 1 88  ? -14.746 -2.547  -15.052 1.00 27.16 ? 106 ASN A C   1 
ATOM   691  O  O   . ASN A 1 88  ? -15.709 -3.312  -14.931 1.00 26.82 ? 106 ASN A O   1 
ATOM   692  C  CB  . ASN A 1 88  ? -12.840 -3.830  -16.111 1.00 27.34 ? 106 ASN A CB  1 
ATOM   693  C  CG  . ASN A 1 88  ? -12.207 -4.224  -17.434 1.00 28.44 ? 106 ASN A CG  1 
ATOM   694  O  OD1 . ASN A 1 88  ? -12.863 -4.849  -18.270 1.00 29.78 ? 106 ASN A OD1 1 
ATOM   695  N  ND2 . ASN A 1 88  ? -10.941 -3.853  -17.645 1.00 27.24 ? 106 ASN A ND2 1 
ATOM   696  N  N   . TYR A 1 89  ? -14.454 -1.585  -14.173 1.00 28.13 ? 107 TYR A N   1 
ATOM   697  C  CA  . TYR A 1 89  ? -15.240 -1.341  -12.938 1.00 29.01 ? 107 TYR A CA  1 
ATOM   698  C  C   . TYR A 1 89  ? -15.375 0.187   -12.719 1.00 29.43 ? 107 TYR A C   1 
ATOM   699  O  O   . TYR A 1 89  ? -14.879 0.736   -11.731 1.00 29.18 ? 107 TYR A O   1 
ATOM   700  C  CB  . TYR A 1 89  ? -14.529 -2.005  -11.748 1.00 29.74 ? 107 TYR A CB  1 
ATOM   701  C  CG  . TYR A 1 89  ? -14.167 -3.455  -12.000 1.00 29.86 ? 107 TYR A CG  1 
ATOM   702  C  CD1 . TYR A 1 89  ? -15.119 -4.450  -11.903 1.00 30.16 ? 107 TYR A CD1 1 
ATOM   703  C  CD2 . TYR A 1 89  ? -12.873 -3.819  -12.365 1.00 29.95 ? 107 TYR A CD2 1 
ATOM   704  C  CE1 . TYR A 1 89  ? -14.795 -5.772  -12.159 1.00 30.44 ? 107 TYR A CE1 1 
ATOM   705  C  CE2 . TYR A 1 89  ? -12.536 -5.125  -12.604 1.00 29.66 ? 107 TYR A CE2 1 
ATOM   706  C  CZ  . TYR A 1 89  ? -13.501 -6.097  -12.504 1.00 30.32 ? 107 TYR A CZ  1 
ATOM   707  O  OH  . TYR A 1 89  ? -13.177 -7.412  -12.748 1.00 31.30 ? 107 TYR A OH  1 
ATOM   708  N  N   . PRO A 1 90  ? -16.091 0.874   -13.628 1.00 30.32 ? 108 PRO A N   1 
ATOM   709  C  CA  . PRO A 1 90  ? -16.134 2.350   -13.665 1.00 30.68 ? 108 PRO A CA  1 
ATOM   710  C  C   . PRO A 1 90  ? -16.589 3.103   -12.415 1.00 30.38 ? 108 PRO A C   1 
ATOM   711  O  O   . PRO A 1 90  ? -16.186 4.258   -12.219 1.00 29.54 ? 108 PRO A O   1 
ATOM   712  C  CB  . PRO A 1 90  ? -17.122 2.649   -14.800 1.00 30.73 ? 108 PRO A CB  1 
ATOM   713  C  CG  . PRO A 1 90  ? -17.277 1.389   -15.566 1.00 30.78 ? 108 PRO A CG  1 
ATOM   714  C  CD  . PRO A 1 90  ? -16.964 0.268   -14.656 1.00 30.67 ? 108 PRO A CD  1 
ATOM   715  N  N   . ASP A 1 91  ? -17.448 2.480   -11.616 1.00 30.11 ? 109 ASP A N   1 
ATOM   716  C  CA  . ASP A 1 91  ? -17.975 3.122   -10.420 1.00 31.15 ? 109 ASP A CA  1 
ATOM   717  C  C   . ASP A 1 91  ? -17.339 2.678   -9.092  1.00 31.14 ? 109 ASP A C   1 
ATOM   718  O  O   . ASP A 1 91  ? -17.617 3.266   -8.047  1.00 32.01 ? 109 ASP A O   1 
ATOM   719  C  CB  . ASP A 1 91  ? -19.485 2.934   -10.399 1.00 32.22 ? 109 ASP A CB  1 
ATOM   720  C  CG  . ASP A 1 91  ? -20.168 3.660   -11.548 1.00 33.62 ? 109 ASP A CG  1 
ATOM   721  O  OD1 . ASP A 1 91  ? -19.783 4.831   -11.799 1.00 34.91 ? 109 ASP A OD1 1 
ATOM   722  O  OD2 . ASP A 1 91  ? -21.083 3.073   -12.171 1.00 32.99 ? 109 ASP A OD2 1 
ATOM   723  N  N   . ALA A 1 92  ? -16.461 1.678   -9.137  1.00 29.86 ? 110 ALA A N   1 
ATOM   724  C  CA  . ALA A 1 92  ? -15.801 1.189   -7.943  1.00 29.02 ? 110 ALA A CA  1 
ATOM   725  C  C   . ALA A 1 92  ? -14.662 2.121   -7.578  1.00 29.37 ? 110 ALA A C   1 
ATOM   726  O  O   . ALA A 1 92  ? -14.148 2.877   -8.423  1.00 29.39 ? 110 ALA A O   1 
ATOM   727  C  CB  . ALA A 1 92  ? -15.258 -0.215  -8.167  1.00 28.20 ? 110 ALA A CB  1 
ATOM   728  N  N   . LYS A 1 93  ? -14.312 2.127   -6.307  1.00 27.79 ? 111 LYS A N   1 
ATOM   729  C  CA  . LYS A 1 93  ? -13.123 2.825   -5.885  1.00 27.46 ? 111 LYS A CA  1 
ATOM   730  C  C   . LYS A 1 93  ? -12.171 1.755   -5.354  1.00 26.04 ? 111 LYS A C   1 
ATOM   731  O  O   . LYS A 1 93  ? -12.573 0.632   -5.035  1.00 22.92 ? 111 LYS A O   1 
ATOM   732  C  CB  . LYS A 1 93  ? -13.422 3.934   -4.893  1.00 28.63 ? 111 LYS A CB  1 
ATOM   733  C  CG  . LYS A 1 93  ? -13.924 3.500   -3.544  1.00 29.72 ? 111 LYS A CG  1 
ATOM   734  C  CD  . LYS A 1 93  ? -14.244 4.748   -2.744  1.00 30.73 ? 111 LYS A CD  1 
ATOM   735  C  CE  . LYS A 1 93  ? -14.658 4.460   -1.337  1.00 30.28 ? 111 LYS A CE  1 
ATOM   736  N  NZ  . LYS A 1 93  ? -14.842 5.730   -0.605  1.00 29.31 ? 111 LYS A NZ  1 
HETATM 737  N  N   . MSE A 1 94  ? -10.886 2.076   -5.379  1.00 24.27 ? 112 MSE A N   1 
HETATM 738  C  CA  . MSE A 1 94  ? -9.906  1.180   -4.853  1.00 24.59 ? 112 MSE A CA  1 
HETATM 739  C  C   . MSE A 1 94  ? -9.737  1.361   -3.348  1.00 22.81 ? 112 MSE A C   1 
HETATM 740  O  O   . MSE A 1 94  ? -9.446  2.462   -2.878  1.00 21.72 ? 112 MSE A O   1 
HETATM 741  C  CB  . MSE A 1 94  ? -8.574  1.433   -5.512  1.00 25.08 ? 112 MSE A CB  1 
HETATM 742  C  CG  . MSE A 1 94  ? -7.623  0.289   -5.268  1.00 24.94 ? 112 MSE A CG  1 
HETATM 743  SE SE  . MSE A 1 94  ? -6.007  0.626   -6.295  0.75 26.50 ? 112 MSE A SE  1 
HETATM 744  C  CE  . MSE A 1 94  ? -6.803  1.324   -8.005  1.00 17.81 ? 112 MSE A CE  1 
ATOM   745  N  N   . LEU A 1 95  ? -9.870  0.263   -2.611  1.00 20.48 ? 113 LEU A N   1 
ATOM   746  C  CA  . LEU A 1 95  ? -9.723  0.300   -1.149  1.00 20.46 ? 113 LEU A CA  1 
ATOM   747  C  C   . LEU A 1 95  ? -8.309  -0.079  -0.722  1.00 20.02 ? 113 LEU A C   1 
ATOM   748  O  O   . LEU A 1 95  ? -7.787  0.445   0.283   1.00 20.68 ? 113 LEU A O   1 
ATOM   749  C  CB  . LEU A 1 95  ? -10.742 -0.611  -0.450  1.00 21.45 ? 113 LEU A CB  1 
ATOM   750  C  CG  . LEU A 1 95  ? -12.207 -0.178  -0.624  1.00 22.30 ? 113 LEU A CG  1 
ATOM   751  C  CD1 . LEU A 1 95  ? -13.108 -1.030  0.272   1.00 22.60 ? 113 LEU A CD1 1 
ATOM   752  C  CD2 . LEU A 1 95  ? -12.370 1.321   -0.300  1.00 23.21 ? 113 LEU A CD2 1 
ATOM   753  N  N   . LYS A 1 96  ? -7.675  -0.944  -1.505  1.00 20.13 ? 114 LYS A N   1 
ATOM   754  C  CA  . LYS A 1 96  ? -6.358  -1.438  -1.144  1.00 21.58 ? 114 LYS A CA  1 
ATOM   755  C  C   . LYS A 1 96  ? -5.474  -1.867  -2.340  1.00 21.31 ? 114 LYS A C   1 
ATOM   756  O  O   . LYS A 1 96  ? -5.936  -2.397  -3.330  1.00 21.36 ? 114 LYS A O   1 
ATOM   757  C  CB  . LYS A 1 96  ? -6.540  -2.593  -0.172  1.00 23.87 ? 114 LYS A CB  1 
ATOM   758  C  CG  . LYS A 1 96  ? -5.259  -3.179  0.360   1.00 27.95 ? 114 LYS A CG  1 
ATOM   759  C  CD  . LYS A 1 96  ? -5.606  -4.314  1.311   1.00 30.13 ? 114 LYS A CD  1 
ATOM   760  C  CE  . LYS A 1 96  ? -4.416  -5.191  1.660   1.00 31.22 ? 114 LYS A CE  1 
ATOM   761  N  NZ  . LYS A 1 96  ? -4.886  -6.286  2.659   1.00 31.46 ? 114 LYS A NZ  1 
ATOM   762  N  N   . ILE A 1 97  ? -4.186  -1.582  -2.243  1.00 21.66 ? 115 ILE A N   1 
ATOM   763  C  CA  . ILE A 1 97  ? -3.228  -2.045  -3.233  1.00 21.76 ? 115 ILE A CA  1 
ATOM   764  C  C   . ILE A 1 97  ? -2.004  -2.534  -2.467  1.00 23.61 ? 115 ILE A C   1 
ATOM   765  O  O   . ILE A 1 97  ? -1.635  -1.937  -1.451  1.00 21.85 ? 115 ILE A O   1 
ATOM   766  C  CB  . ILE A 1 97  ? -2.921  -0.972  -4.288  1.00 21.63 ? 115 ILE A CB  1 
ATOM   767  C  CG1 . ILE A 1 97  ? -2.005  -1.543  -5.378  1.00 21.03 ? 115 ILE A CG1 1 
ATOM   768  C  CG2 . ILE A 1 97  ? -2.365  0.330   -3.644  1.00 20.92 ? 115 ILE A CG2 1 
ATOM   769  C  CD1 . ILE A 1 97  ? -1.826  -0.620  -6.529  1.00 20.66 ? 115 ILE A CD1 1 
ATOM   770  N  N   . GLU A 1 98  ? -1.465  -3.679  -2.884  1.00 23.46 ? 116 GLU A N   1 
ATOM   771  C  CA  . GLU A 1 98  ? -0.276  -4.237  -2.264  1.00 25.94 ? 116 GLU A CA  1 
ATOM   772  C  C   . GLU A 1 98  ? 0.628   -4.670  -3.415  1.00 24.81 ? 116 GLU A C   1 
ATOM   773  O  O   . GLU A 1 98  ? 0.137   -4.960  -4.500  1.00 24.60 ? 116 GLU A O   1 
ATOM   774  C  CB  . GLU A 1 98  ? -0.594  -5.484  -1.464  1.00 30.77 ? 116 GLU A CB  1 
ATOM   775  C  CG  . GLU A 1 98  ? -1.838  -5.483  -0.686  1.00 34.47 ? 116 GLU A CG  1 
ATOM   776  C  CD  . GLU A 1 98  ? -2.118  -6.860  -0.114  1.00 37.66 ? 116 GLU A CD  1 
ATOM   777  O  OE1 . GLU A 1 98  ? -1.322  -7.286  0.744   1.00 37.73 ? 116 GLU A OE1 1 
ATOM   778  O  OE2 . GLU A 1 98  ? -3.138  -7.506  -0.519  1.00 41.00 ? 116 GLU A OE2 1 
ATOM   779  N  N   . ARG A 1 99  ? 1.926   -4.725  -3.188  1.00 24.28 ? 117 ARG A N   1 
ATOM   780  C  CA  . ARG A 1 99  ? 2.828   -5.231  -4.210  1.00 23.22 ? 117 ARG A CA  1 
ATOM   781  C  C   . ARG A 1 99  ? 4.054   -5.831  -3.591  1.00 23.20 ? 117 ARG A C   1 
ATOM   782  O  O   . ARG A 1 99  ? 4.415   -5.524  -2.448  1.00 21.04 ? 117 ARG A O   1 
ATOM   783  C  CB  . ARG A 1 99  ? 3.262   -4.129  -5.159  1.00 23.07 ? 117 ARG A CB  1 
ATOM   784  C  CG  . ARG A 1 99  ? 4.027   -3.011  -4.499  1.00 22.78 ? 117 ARG A CG  1 
ATOM   785  C  CD  . ARG A 1 99  ? 4.325   -1.902  -5.530  1.00 23.88 ? 117 ARG A CD  1 
ATOM   786  N  NE  . ARG A 1 99  ? 4.977   -0.794  -4.832  1.00 23.85 ? 117 ARG A NE  1 
ATOM   787  C  CZ  . ARG A 1 99  ? 5.470   0.278   -5.422  1.00 23.57 ? 117 ARG A CZ  1 
ATOM   788  N  NH1 . ARG A 1 99  ? 5.456   0.372   -6.734  1.00 25.67 ? 117 ARG A NH1 1 
ATOM   789  N  NH2 . ARG A 1 99  ? 5.992   1.258   -4.700  1.00 23.05 ? 117 ARG A NH2 1 
ATOM   790  N  N   . ASP A 1 100 ? 4.666   -6.725  -4.355  1.00 24.54 ? 118 ASP A N   1 
ATOM   791  C  CA  . ASP A 1 100 ? 6.015   -7.219  -4.042  1.00 24.47 ? 118 ASP A CA  1 
ATOM   792  C  C   . ASP A 1 100 ? 6.853   -6.980  -5.332  1.00 25.76 ? 118 ASP A C   1 
ATOM   793  O  O   . ASP A 1 100 ? 6.534   -6.074  -6.151  1.00 25.75 ? 118 ASP A O   1 
ATOM   794  C  CB  . ASP A 1 100 ? 5.992   -8.669  -3.533  1.00 24.84 ? 118 ASP A CB  1 
ATOM   795  C  CG  . ASP A 1 100 ? 5.390   -9.630  -4.500  1.00 25.41 ? 118 ASP A CG  1 
ATOM   796  O  OD1 . ASP A 1 100 ? 5.254   -9.317  -5.701  1.00 23.15 ? 118 ASP A OD1 1 
ATOM   797  O  OD2 . ASP A 1 100 ? 5.052   -10.742 -4.053  1.00 26.71 ? 118 ASP A OD2 1 
ATOM   798  N  N   . LYS A 1 101 ? 7.920   -7.728  -5.534  1.00 25.39 ? 119 LYS A N   1 
ATOM   799  C  CA  . LYS A 1 101 ? 8.742   -7.516  -6.727  1.00 27.08 ? 119 LYS A CA  1 
ATOM   800  C  C   . LYS A 1 101 ? 8.161   -8.242  -7.928  1.00 26.22 ? 119 LYS A C   1 
ATOM   801  O  O   . LYS A 1 101 ? 8.684   -8.103  -9.042  1.00 27.31 ? 119 LYS A O   1 
ATOM   802  C  CB  . LYS A 1 101 ? 10.180  -8.046  -6.496  1.00 29.13 ? 119 LYS A CB  1 
ATOM   803  C  CG  . LYS A 1 101 ? 10.951  -7.352  -5.380  1.00 29.97 ? 119 LYS A CG  1 
ATOM   804  C  CD  . LYS A 1 101 ? 11.201  -5.915  -5.717  1.00 30.46 ? 119 LYS A CD  1 
ATOM   805  N  N   . HIS A 1 102 ? 7.098   -9.034  -7.732  1.00 24.66 ? 120 HIS A N   1 
ATOM   806  C  CA  A HIS A 1 102 ? 6.542   -9.810  -8.836  0.50 24.23 ? 120 HIS A CA  1 
ATOM   807  C  CA  B HIS A 1 102 ? 6.535   -9.821  -8.829  0.50 24.33 ? 120 HIS A CA  1 
ATOM   808  C  C   . HIS A 1 102 ? 5.126   -9.426  -9.246  1.00 24.29 ? 120 HIS A C   1 
ATOM   809  O  O   . HIS A 1 102 ? 4.787   -9.520  -10.444 1.00 24.09 ? 120 HIS A O   1 
ATOM   810  C  CB  A HIS A 1 102 ? 6.603   -11.305 -8.514  0.50 23.51 ? 120 HIS A CB  1 
ATOM   811  C  CB  B HIS A 1 102 ? 6.595   -11.321 -8.494  0.50 23.85 ? 120 HIS A CB  1 
ATOM   812  C  CG  A HIS A 1 102 ? 6.688   -12.170 -9.731  0.50 23.53 ? 120 HIS A CG  1 
ATOM   813  C  CG  B HIS A 1 102 ? 7.981   -11.893 -8.526  0.50 23.68 ? 120 HIS A CG  1 
ATOM   814  N  ND1 A HIS A 1 102 ? 5.581   -12.717 -10.344 0.50 22.82 ? 120 HIS A ND1 1 
ATOM   815  N  ND1 B HIS A 1 102 ? 8.834   -11.854 -7.443  0.50 24.14 ? 120 HIS A ND1 1 
ATOM   816  C  CD2 A HIS A 1 102 ? 7.758   -12.575 -10.456 0.50 22.77 ? 120 HIS A CD2 1 
ATOM   817  C  CD2 B HIS A 1 102 ? 8.664   -12.513 -9.515  0.50 23.77 ? 120 HIS A CD2 1 
ATOM   818  C  CE1 A HIS A 1 102 ? 5.970   -13.422 -11.392 0.50 23.35 ? 120 HIS A CE1 1 
ATOM   819  C  CE1 B HIS A 1 102 ? 9.981   -12.427 -7.760  0.50 23.24 ? 120 HIS A CE1 1 
ATOM   820  N  NE2 A HIS A 1 102 ? 7.285   -13.346 -11.485 0.50 22.42 ? 120 HIS A NE2 1 
ATOM   821  N  NE2 B HIS A 1 102 ? 9.905   -12.834 -9.014  0.50 24.25 ? 120 HIS A NE2 1 
ATOM   822  N  N   . ASP A 1 103 ? 4.300   -8.989  -8.290  1.00 23.90 ? 121 ASP A N   1 
ATOM   823  C  CA  . ASP A 1 103 ? 2.906   -8.635  -8.611  1.00 24.11 ? 121 ASP A CA  1 
ATOM   824  C  C   . ASP A 1 103 ? 2.304   -7.523  -7.790  1.00 25.77 ? 121 ASP A C   1 
ATOM   825  O  O   . ASP A 1 103 ? 2.852   -7.122  -6.754  1.00 26.60 ? 121 ASP A O   1 
ATOM   826  C  CB  . ASP A 1 103 ? 2.028   -9.858  -8.394  1.00 24.73 ? 121 ASP A CB  1 
ATOM   827  C  CG  . ASP A 1 103 ? 2.432   -11.026 -9.280  1.00 26.06 ? 121 ASP A CG  1 
ATOM   828  O  OD1 . ASP A 1 103 ? 1.986   -11.095 -10.438 1.00 26.42 ? 121 ASP A OD1 1 
ATOM   829  O  OD2 . ASP A 1 103 ? 3.192   -11.889 -8.794  1.00 26.95 ? 121 ASP A OD2 1 
ATOM   830  N  N   . TYR A 1 104 ? 1.162   -7.039  -8.269  1.00 24.36 ? 122 TYR A N   1 
ATOM   831  C  CA  . TYR A 1 104 ? 0.349   -6.090  -7.549  1.00 24.91 ? 122 TYR A CA  1 
ATOM   832  C  C   . TYR A 1 104 ? -0.960  -6.842  -7.277  1.00 24.14 ? 122 TYR A C   1 
ATOM   833  O  O   . TYR A 1 104 ? -1.361  -7.718  -8.047  1.00 23.33 ? 122 TYR A O   1 
ATOM   834  C  CB  . TYR A 1 104 ? -0.004  -4.846  -8.378  1.00 26.06 ? 122 TYR A CB  1 
ATOM   835  C  CG  . TYR A 1 104 ? 1.113   -4.003  -8.921  1.00 26.08 ? 122 TYR A CG  1 
ATOM   836  C  CD1 . TYR A 1 104 ? 1.675   -4.297  -10.148 1.00 27.23 ? 122 TYR A CD1 1 
ATOM   837  C  CD2 . TYR A 1 104 ? 1.545   -2.849  -8.259  1.00 27.19 ? 122 TYR A CD2 1 
ATOM   838  C  CE1 . TYR A 1 104 ? 2.658   -3.515  -10.682 1.00 26.77 ? 122 TYR A CE1 1 
ATOM   839  C  CE2 . TYR A 1 104 ? 2.564   -2.066  -8.790  1.00 26.33 ? 122 TYR A CE2 1 
ATOM   840  C  CZ  . TYR A 1 104 ? 3.097   -2.411  -10.013 1.00 26.94 ? 122 TYR A CZ  1 
ATOM   841  O  OH  . TYR A 1 104 ? 4.102   -1.668  -10.620 1.00 27.37 ? 122 TYR A OH  1 
ATOM   842  N  N   . GLU A 1 105 ? -1.584  -6.554  -6.148  1.00 24.49 ? 123 GLU A N   1 
ATOM   843  C  CA  . GLU A 1 105 ? -2.906  -7.075  -5.829  1.00 25.74 ? 123 GLU A CA  1 
ATOM   844  C  C   . GLU A 1 105 ? -3.769  -5.859  -5.499  1.00 22.71 ? 123 GLU A C   1 
ATOM   845  O  O   . GLU A 1 105 ? -3.413  -5.082  -4.650  1.00 20.33 ? 123 GLU A O   1 
ATOM   846  C  CB  . GLU A 1 105 ? -2.885  -8.030  -4.636  1.00 28.77 ? 123 GLU A CB  1 
ATOM   847  C  CG  . GLU A 1 105 ? -1.986  -9.249  -4.896  1.00 31.69 ? 123 GLU A CG  1 
ATOM   848  C  CD  . GLU A 1 105 ? -2.223  -10.441 -3.979  1.00 34.40 ? 123 GLU A CD  1 
ATOM   849  O  OE1 . GLU A 1 105 ? -3.167  -10.396 -3.141  1.00 38.96 ? 123 GLU A OE1 1 
ATOM   850  O  OE2 . GLU A 1 105 ? -1.479  -11.464 -4.149  1.00 38.38 ? 123 GLU A OE2 1 
ATOM   851  N  N   . VAL A 1 106 ? -4.899  -5.731  -6.151  1.00 20.50 ? 124 VAL A N   1 
ATOM   852  C  CA  . VAL A 1 106 ? -5.779  -4.595  -5.981  1.00 23.28 ? 124 VAL A CA  1 
ATOM   853  C  C   . VAL A 1 106 ? -7.131  -5.042  -5.426  1.00 22.15 ? 124 VAL A C   1 
ATOM   854  O  O   . VAL A 1 106 ? -7.704  -6.005  -5.932  1.00 21.35 ? 124 VAL A O   1 
ATOM   855  C  CB  . VAL A 1 106 ? -5.980  -3.957  -7.370  1.00 24.44 ? 124 VAL A CB  1 
ATOM   856  C  CG1 . VAL A 1 106 ? -7.177  -3.087  -7.379  1.00 25.37 ? 124 VAL A CG1 1 
ATOM   857  C  CG2 . VAL A 1 106 ? -4.673  -3.246  -7.808  1.00 24.22 ? 124 VAL A CG2 1 
ATOM   858  N  N   . LYS A 1 107 ? -7.652  -4.346  -4.412  1.00 22.60 ? 125 LYS A N   1 
ATOM   859  C  CA  . LYS A 1 107 ? -8.977  -4.666  -3.881  1.00 22.03 ? 125 LYS A CA  1 
ATOM   860  C  C   . LYS A 1 107 ? -9.919  -3.487  -4.044  1.00 21.12 ? 125 LYS A C   1 
ATOM   861  O  O   . LYS A 1 107 ? -9.626  -2.399  -3.591  1.00 20.88 ? 125 LYS A O   1 
ATOM   862  C  CB  . LYS A 1 107 ? -8.926  -5.133  -2.434  1.00 25.34 ? 125 LYS A CB  1 
ATOM   863  C  CG  . LYS A 1 107 ? -8.417  -6.616  -2.272  1.00 28.25 ? 125 LYS A CG  1 
ATOM   864  N  N   . LEU A 1 108 ? -11.069 -3.731  -4.674  1.00 19.63 ? 126 LEU A N   1 
ATOM   865  C  CA  . LEU A 1 108 ? -12.024 -2.675  -5.000  1.00 19.49 ? 126 LEU A CA  1 
ATOM   866  C  C   . LEU A 1 108 ? -13.221 -2.695  -4.050  1.00 22.03 ? 126 LEU A C   1 
ATOM   867  O  O   . LEU A 1 108 ? -13.568 -3.762  -3.502  1.00 23.90 ? 126 LEU A O   1 
ATOM   868  C  CB  . LEU A 1 108 ? -12.506 -2.808  -6.452  1.00 19.26 ? 126 LEU A CB  1 
ATOM   869  C  CG  . LEU A 1 108 ? -11.435 -2.890  -7.572  1.00 18.34 ? 126 LEU A CG  1 
ATOM   870  C  CD1 . LEU A 1 108 ? -12.082 -2.995  -8.931  1.00 19.35 ? 126 LEU A CD1 1 
ATOM   871  C  CD2 . LEU A 1 108 ? -10.521 -1.690  -7.505  1.00 18.54 ? 126 LEU A CD2 1 
ATOM   872  N  N   . SER A 1 109 ? -13.902 -1.545  -3.967  1.00 22.89 ? 127 SER A N   1 
ATOM   873  C  CA  . SER A 1 109 ? -15.059 -1.365  -3.077  1.00 24.62 ? 127 SER A CA  1 
ATOM   874  C  C   . SER A 1 109 ? -16.182 -2.319  -3.384  1.00 25.92 ? 127 SER A C   1 
ATOM   875  O  O   . SER A 1 109 ? -16.989 -2.605  -2.515  1.00 29.56 ? 127 SER A O   1 
ATOM   876  C  CB  . SER A 1 109 ? -15.596 0.078   -3.133  1.00 24.68 ? 127 SER A CB  1 
ATOM   877  O  OG  . SER A 1 109 ? -15.866 0.479   -4.472  1.00 25.06 ? 127 SER A OG  1 
ATOM   878  N  N   . ASN A 1 110 ? -16.265 -2.784  -4.634  1.00 25.63 ? 128 ASN A N   1 
ATOM   879  C  CA  . ASN A 1 110 ? -17.298 -3.703  -5.051  1.00 26.10 ? 128 ASN A CA  1 
ATOM   880  C  C   . ASN A 1 110 ? -16.987 -5.192  -4.789  1.00 26.22 ? 128 ASN A C   1 
ATOM   881  O  O   . ASN A 1 110 ? -17.728 -6.052  -5.251  1.00 23.75 ? 128 ASN A O   1 
ATOM   882  C  CB  . ASN A 1 110 ? -17.639 -3.482  -6.526  1.00 25.09 ? 128 ASN A CB  1 
ATOM   883  C  CG  . ASN A 1 110 ? -16.509 -3.876  -7.458  1.00 25.44 ? 128 ASN A CG  1 
ATOM   884  O  OD1 . ASN A 1 110 ? -15.431 -4.302  -7.017  1.00 24.44 ? 128 ASN A OD1 1 
ATOM   885  N  ND2 . ASN A 1 110 ? -16.759 -3.764  -8.769  1.00 25.26 ? 128 ASN A ND2 1 
ATOM   886  N  N   . GLY A 1 111 ? -15.938 -5.466  -4.008  1.00 26.61 ? 129 GLY A N   1 
ATOM   887  C  CA  . GLY A 1 111 ? -15.548 -6.837  -3.668  1.00 27.62 ? 129 GLY A CA  1 
ATOM   888  C  C   . GLY A 1 111 ? -14.599 -7.558  -4.626  1.00 28.14 ? 129 GLY A C   1 
ATOM   889  O  O   . GLY A 1 111 ? -14.099 -8.643  -4.326  1.00 27.95 ? 129 GLY A O   1 
ATOM   890  N  N   . TRP A 1 112 ? -14.377 -6.993  -5.803  1.00 27.80 ? 130 TRP A N   1 
ATOM   891  C  CA  . TRP A 1 112 ? -13.458 -7.613  -6.747  1.00 27.38 ? 130 TRP A CA  1 
ATOM   892  C  C   . TRP A 1 112 ? -11.991 -7.397  -6.379  1.00 24.07 ? 130 TRP A C   1 
ATOM   893  O  O   . TRP A 1 112 ? -11.583 -6.284  -5.995  1.00 21.96 ? 130 TRP A O   1 
ATOM   894  C  CB  . TRP A 1 112 ? -13.754 -7.133  -8.179  1.00 30.00 ? 130 TRP A CB  1 
ATOM   895  C  CG  . TRP A 1 112 ? -14.966 -7.784  -8.689  1.00 30.82 ? 130 TRP A CG  1 
ATOM   896  C  CD1 . TRP A 1 112 ? -16.245 -7.317  -8.620  1.00 31.23 ? 130 TRP A CD1 1 
ATOM   897  C  CD2 . TRP A 1 112 ? -15.049 -9.090  -9.272  1.00 31.48 ? 130 TRP A CD2 1 
ATOM   898  N  NE1 . TRP A 1 112 ? -17.116 -8.235  -9.164  1.00 31.67 ? 130 TRP A NE1 1 
ATOM   899  C  CE2 . TRP A 1 112 ? -16.401 -9.332  -9.567  1.00 31.90 ? 130 TRP A CE2 1 
ATOM   900  C  CE3 . TRP A 1 112 ? -14.104 -10.066 -9.589  1.00 31.64 ? 130 TRP A CE3 1 
ATOM   901  C  CZ2 . TRP A 1 112 ? -16.839 -10.525 -10.157 1.00 31.64 ? 130 TRP A CZ2 1 
ATOM   902  C  CZ3 . TRP A 1 112 ? -14.531 -11.240 -10.179 1.00 31.48 ? 130 TRP A CZ3 1 
ATOM   903  C  CH2 . TRP A 1 112 ? -15.889 -11.460 -10.464 1.00 31.17 ? 130 TRP A CH2 1 
ATOM   904  N  N   . GLU A 1 113 ? -11.213 -8.479  -6.513  1.00 21.34 ? 131 GLU A N   1 
ATOM   905  C  CA  . GLU A 1 113 ? -9.780  -8.487  -6.286  1.00 23.43 ? 131 GLU A CA  1 
ATOM   906  C  C   . GLU A 1 113 ? -9.057  -8.876  -7.582  1.00 22.11 ? 131 GLU A C   1 
ATOM   907  O  O   . GLU A 1 113 ? -9.412  -9.833  -8.223  1.00 19.99 ? 131 GLU A O   1 
ATOM   908  C  CB  . GLU A 1 113 ? -9.423  -9.501  -5.211  1.00 25.87 ? 131 GLU A CB  1 
ATOM   909  C  CG  . GLU A 1 113 ? -10.112 -9.222  -3.908  1.00 28.31 ? 131 GLU A CG  1 
ATOM   910  C  CD  . GLU A 1 113 ? -9.700  -10.197 -2.808  1.00 31.19 ? 131 GLU A CD  1 
ATOM   911  O  OE1 . GLU A 1 113 ? -8.480  -10.411 -2.633  1.00 35.30 ? 131 GLU A OE1 1 
ATOM   912  O  OE2 . GLU A 1 113 ? -10.583 -10.720 -2.114  1.00 30.86 ? 131 GLU A OE2 1 
ATOM   913  N  N   . ILE A 1 114 ? -8.042  -8.116  -7.952  1.00 21.27 ? 132 ILE A N   1 
ATOM   914  C  CA  . ILE A 1 114 ? -7.347  -8.333  -9.188  1.00 19.65 ? 132 ILE A CA  1 
ATOM   915  C  C   . ILE A 1 114 ? -5.820  -8.337  -8.947  1.00 21.22 ? 132 ILE A C   1 
ATOM   916  O  O   . ILE A 1 114 ? -5.268  -7.438  -8.267  1.00 20.98 ? 132 ILE A O   1 
ATOM   917  C  CB  . ILE A 1 114 ? -7.678  -7.199  -10.208 1.00 20.85 ? 132 ILE A CB  1 
ATOM   918  C  CG1 . ILE A 1 114 ? -9.203  -6.988  -10.344 1.00 21.58 ? 132 ILE A CG1 1 
ATOM   919  C  CG2 . ILE A 1 114 ? -7.008  -7.496  -11.571 1.00 17.89 ? 132 ILE A CG2 1 
ATOM   920  C  CD1 . ILE A 1 114 ? -9.586  -5.585  -10.731 1.00 24.21 ? 132 ILE A CD1 1 
ATOM   921  N  N   . LYS A 1 115 ? -5.166  -9.355  -9.514  1.00 21.31 ? 133 LYS A N   1 
ATOM   922  C  CA  . LYS A 1 115 ? -3.736  -9.524  -9.462  1.00 22.35 ? 133 LYS A CA  1 
ATOM   923  C  C   . LYS A 1 115 ? -3.127  -9.206  -10.827 1.00 20.91 ? 133 LYS A C   1 
ATOM   924  O  O   . LYS A 1 115 ? -3.524  -9.778  -11.848 1.00 18.29 ? 133 LYS A O   1 
ATOM   925  C  CB  . LYS A 1 115 ? -3.386  -10.967 -9.113  1.00 23.78 ? 133 LYS A CB  1 
ATOM   926  C  CG  . LYS A 1 115 ? -1.898  -11.202 -8.873  1.00 25.78 ? 133 LYS A CG  1 
ATOM   927  C  CD  . LYS A 1 115 ? -1.625  -12.718 -8.709  1.00 26.80 ? 133 LYS A CD  1 
ATOM   928  C  CE  . LYS A 1 115 ? -0.195  -13.009 -8.232  1.00 28.39 ? 133 LYS A CE  1 
ATOM   929  N  NZ  . LYS A 1 115 ? 0.115   -14.502 -8.275  1.00 27.73 ? 133 LYS A NZ  1 
ATOM   930  N  N   . PHE A 1 116 ? -2.133  -8.335  -10.830 1.00 19.53 ? 134 PHE A N   1 
ATOM   931  C  CA  . PHE A 1 116 ? -1.417  -7.963  -12.040 1.00 20.99 ? 134 PHE A CA  1 
ATOM   932  C  C   . PHE A 1 116 ? 0.050   -8.308  -11.817 1.00 21.36 ? 134 PHE A C   1 
ATOM   933  O  O   . PHE A 1 116 ? 0.541   -8.118  -10.696 1.00 21.53 ? 134 PHE A O   1 
ATOM   934  C  CB  . PHE A 1 116 ? -1.422  -6.449  -12.229 1.00 21.45 ? 134 PHE A CB  1 
ATOM   935  C  CG  . PHE A 1 116 ? -2.774  -5.805  -12.375 1.00 21.71 ? 134 PHE A CG  1 
ATOM   936  C  CD1 . PHE A 1 116 ? -3.502  -5.363  -11.244 1.00 22.15 ? 134 PHE A CD1 1 
ATOM   937  C  CD2 . PHE A 1 116 ? -3.276  -5.526  -13.624 1.00 22.32 ? 134 PHE A CD2 1 
ATOM   938  C  CE1 . PHE A 1 116 ? -4.728  -4.713  -11.403 1.00 22.18 ? 134 PHE A CE1 1 
ATOM   939  C  CE2 . PHE A 1 116 ? -4.519  -4.871  -13.780 1.00 21.80 ? 134 PHE A CE2 1 
ATOM   940  C  CZ  . PHE A 1 116 ? -5.233  -4.471  -12.670 1.00 22.17 ? 134 PHE A CZ  1 
ATOM   941  N  N   . ASP A 1 117 ? 0.762   -8.748  -12.859 1.00 20.87 ? 135 ASP A N   1 
ATOM   942  C  CA  . ASP A 1 117 ? 2.226   -8.926  -12.746 1.00 20.57 ? 135 ASP A CA  1 
ATOM   943  C  C   . ASP A 1 117 ? 2.848   -7.548  -12.986 1.00 22.59 ? 135 ASP A C   1 
ATOM   944  O  O   . ASP A 1 117 ? 2.134   -6.577  -13.184 1.00 22.57 ? 135 ASP A O   1 
ATOM   945  C  CB  . ASP A 1 117 ? 2.783   -10.010 -13.682 1.00 20.01 ? 135 ASP A CB  1 
ATOM   946  C  CG  . ASP A 1 117 ? 2.612   -9.690  -15.152 1.00 19.51 ? 135 ASP A CG  1 
ATOM   947  O  OD1 . ASP A 1 117 ? 2.356   -8.509  -15.480 1.00 21.42 ? 135 ASP A OD1 1 
ATOM   948  O  OD2 . ASP A 1 117 ? 2.768   -10.619 -15.989 1.00 20.44 ? 135 ASP A OD2 1 
HETATM 949  N  N   . MSE A 1 118 ? 4.180   -7.463  -13.008 1.00 23.16 ? 136 MSE A N   1 
HETATM 950  C  CA  . MSE A 1 118 ? 4.859   -6.148  -13.136 1.00 23.60 ? 136 MSE A CA  1 
HETATM 951  C  C   . MSE A 1 118 ? 4.656   -5.466  -14.482 1.00 21.55 ? 136 MSE A C   1 
HETATM 952  O  O   . MSE A 1 118 ? 4.875   -4.249  -14.636 1.00 22.12 ? 136 MSE A O   1 
HETATM 953  C  CB  . MSE A 1 118 ? 6.353   -6.300  -12.852 1.00 24.37 ? 136 MSE A CB  1 
HETATM 954  C  CG  . MSE A 1 118 ? 6.709   -6.552  -11.394 1.00 24.79 ? 136 MSE A CG  1 
HETATM 955  SE SE  . MSE A 1 118 ? 6.272   -5.037  -10.284 0.75 25.28 ? 136 MSE A SE  1 
HETATM 956  C  CE  . MSE A 1 118 ? 4.834   -5.725  -9.213  1.00 25.15 ? 136 MSE A CE  1 
ATOM   957  N  N   . GLN A 1 119 ? 4.227   -6.254  -15.453 1.00 20.05 ? 137 GLN A N   1 
ATOM   958  C  CA  A GLN A 1 119 ? 3.936   -5.735  -16.785 0.50 19.65 ? 137 GLN A CA  1 
ATOM   959  C  CA  B GLN A 1 119 ? 3.950   -5.786  -16.793 0.50 19.77 ? 137 GLN A CA  1 
ATOM   960  C  C   . GLN A 1 119 ? 2.448   -5.491  -16.950 1.00 19.66 ? 137 GLN A C   1 
ATOM   961  O  O   . GLN A 1 119 ? 1.968   -5.172  -18.038 1.00 20.11 ? 137 GLN A O   1 
ATOM   962  C  CB  A GLN A 1 119 ? 4.479   -6.680  -17.859 0.50 19.00 ? 137 GLN A CB  1 
ATOM   963  C  CB  B GLN A 1 119 ? 4.440   -6.841  -17.802 0.50 19.19 ? 137 GLN A CB  1 
ATOM   964  C  CG  A GLN A 1 119 ? 5.986   -6.764  -17.814 0.50 19.17 ? 137 GLN A CG  1 
ATOM   965  C  CG  B GLN A 1 119 ? 5.973   -7.085  -17.767 0.50 19.56 ? 137 GLN A CG  1 
ATOM   966  C  CD  A GLN A 1 119 ? 6.664   -5.415  -18.060 0.50 19.12 ? 137 GLN A CD  1 
ATOM   967  C  CD  B GLN A 1 119 ? 6.493   -7.913  -16.585 0.50 19.25 ? 137 GLN A CD  1 
ATOM   968  O  OE1 A GLN A 1 119 ? 6.357   -4.693  -19.033 0.50 15.72 ? 137 GLN A OE1 1 
ATOM   969  O  OE1 B GLN A 1 119 ? 5.788   -8.773  -16.045 0.50 20.31 ? 137 GLN A OE1 1 
ATOM   970  N  NE2 A GLN A 1 119 ? 7.610   -5.077  -17.182 0.50 19.64 ? 137 GLN A NE2 1 
ATOM   971  N  NE2 B GLN A 1 119 ? 7.767   -7.700  -16.229 0.50 18.01 ? 137 GLN A NE2 1 
ATOM   972  N  N   . PHE A 1 120 ? 1.712   -5.637  -15.854 1.00 18.50 ? 138 PHE A N   1 
ATOM   973  C  CA  . PHE A 1 120 ? 0.280   -5.380  -15.851 1.00 19.80 ? 138 PHE A CA  1 
ATOM   974  C  C   . PHE A 1 120 ? -0.582  -6.356  -16.615 1.00 19.93 ? 138 PHE A C   1 
ATOM   975  O  O   . PHE A 1 120 ? -1.689  -6.034  -17.011 1.00 19.37 ? 138 PHE A O   1 
ATOM   976  C  CB  . PHE A 1 120 ? 0.007   -3.938  -16.261 1.00 21.71 ? 138 PHE A CB  1 
ATOM   977  C  CG  . PHE A 1 120 ? 0.784   -2.954  -15.453 1.00 21.38 ? 138 PHE A CG  1 
ATOM   978  C  CD1 . PHE A 1 120 ? 0.513   -2.787  -14.126 1.00 22.29 ? 138 PHE A CD1 1 
ATOM   979  C  CD2 . PHE A 1 120 ? 1.783   -2.200  -16.021 1.00 23.00 ? 138 PHE A CD2 1 
ATOM   980  C  CE1 . PHE A 1 120 ? 1.221   -1.891  -13.387 1.00 23.13 ? 138 PHE A CE1 1 
ATOM   981  C  CE2 . PHE A 1 120 ? 2.518   -1.317  -15.269 1.00 22.72 ? 138 PHE A CE2 1 
ATOM   982  C  CZ  . PHE A 1 120 ? 2.222   -1.163  -13.951 1.00 23.20 ? 138 PHE A CZ  1 
ATOM   983  N  N   . ASN A 1 121 ? -0.086  -7.571  -16.791 1.00 18.67 ? 139 ASN A N   1 
ATOM   984  C  CA  . ASN A 1 121 ? -0.947  -8.648  -17.264 1.00 18.16 ? 139 ASN A CA  1 
ATOM   985  C  C   . ASN A 1 121 ? -1.840  -9.051  -16.095 1.00 18.34 ? 139 ASN A C   1 
ATOM   986  O  O   . ASN A 1 121 ? -1.343  -9.175  -14.991 1.00 17.11 ? 139 ASN A O   1 
ATOM   987  C  CB  . ASN A 1 121 ? -0.100  -9.832  -17.676 1.00 17.92 ? 139 ASN A CB  1 
ATOM   988  C  CG  . ASN A 1 121 ? 0.763   -9.523  -18.852 1.00 18.07 ? 139 ASN A CG  1 
ATOM   989  O  OD1 . ASN A 1 121 ? 0.262   -9.263  -19.955 1.00 17.93 ? 139 ASN A OD1 1 
ATOM   990  N  ND2 . ASN A 1 121 ? 2.079   -9.594  -18.650 1.00 17.21 ? 139 ASN A ND2 1 
ATOM   991  N  N   . VAL A 1 122 ? -3.140  -9.200  -16.328 1.00 17.52 ? 140 VAL A N   1 
ATOM   992  C  CA  . VAL A 1 122 ? -4.038  -9.662  -15.282 1.00 17.12 ? 140 VAL A CA  1 
ATOM   993  C  C   . VAL A 1 122 ? -3.804  -11.169 -15.096 1.00 17.20 ? 140 VAL A C   1 
ATOM   994  O  O   . VAL A 1 122 ? -3.898  -11.949 -16.038 1.00 13.98 ? 140 VAL A O   1 
ATOM   995  C  CB  . VAL A 1 122 ? -5.500  -9.320  -15.628 1.00 17.81 ? 140 VAL A CB  1 
ATOM   996  C  CG1 . VAL A 1 122 ? -6.485  -9.984  -14.644 1.00 18.60 ? 140 VAL A CG1 1 
ATOM   997  C  CG2 . VAL A 1 122 ? -5.661  -7.780  -15.599 1.00 19.49 ? 140 VAL A CG2 1 
ATOM   998  N  N   . ILE A 1 123 ? -3.411  -11.555 -13.887 1.00 17.87 ? 141 ILE A N   1 
ATOM   999  C  CA  . ILE A 1 123 ? -3.132  -12.952 -13.567 1.00 21.07 ? 141 ILE A CA  1 
ATOM   1000 C  C   . ILE A 1 123 ? -4.345  -13.666 -12.970 1.00 22.46 ? 141 ILE A C   1 
ATOM   1001 O  O   . ILE A 1 123 ? -4.642  -14.799 -13.328 1.00 23.52 ? 141 ILE A O   1 
ATOM   1002 C  CB  . ILE A 1 123 ? -1.953  -13.067 -12.588 1.00 22.75 ? 141 ILE A CB  1 
ATOM   1003 C  CG1 . ILE A 1 123 ? -0.732  -12.336 -13.137 1.00 23.34 ? 141 ILE A CG1 1 
ATOM   1004 C  CG2 . ILE A 1 123 ? -1.607  -14.523 -12.336 1.00 22.86 ? 141 ILE A CG2 1 
ATOM   1005 C  CD1 . ILE A 1 123 ? -0.298  -12.803 -14.512 1.00 22.03 ? 141 ILE A CD1 1 
ATOM   1006 N  N   . ASP A 1 124 ? -5.051  -13.013 -12.068 1.00 24.99 ? 142 ASP A N   1 
ATOM   1007 C  CA  . ASP A 1 124 ? -6.217  -13.612 -11.418 1.00 27.22 ? 142 ASP A CA  1 
ATOM   1008 C  C   . ASP A 1 124 ? -7.210  -12.521 -11.119 1.00 27.26 ? 142 ASP A C   1 
ATOM   1009 O  O   . ASP A 1 124 ? -6.819  -11.383 -10.878 1.00 25.15 ? 142 ASP A O   1 
ATOM   1010 C  CB  . ASP A 1 124 ? -5.822  -14.288 -10.103 1.00 31.01 ? 142 ASP A CB  1 
ATOM   1011 C  CG  . ASP A 1 124 ? -5.236  -15.686 -10.292 1.00 34.75 ? 142 ASP A CG  1 
ATOM   1012 O  OD1 . ASP A 1 124 ? -5.789  -16.498 -11.097 1.00 34.85 ? 142 ASP A OD1 1 
ATOM   1013 O  OD2 . ASP A 1 124 ? -4.236  -15.983 -9.579  1.00 37.99 ? 142 ASP A OD2 1 
ATOM   1014 N  N   . ILE A 1 125 ? -8.492  -12.868 -11.164 1.00 27.74 ? 143 ILE A N   1 
ATOM   1015 C  CA  . ILE A 1 125 ? -9.571  -11.948 -10.838 1.00 30.30 ? 143 ILE A CA  1 
ATOM   1016 C  C   . ILE A 1 125 ? -10.519 -12.766 -9.959  1.00 32.12 ? 143 ILE A C   1 
ATOM   1017 O  O   . ILE A 1 125 ? -10.953 -13.848 -10.371 1.00 32.91 ? 143 ILE A O   1 
ATOM   1018 C  CB  . ILE A 1 125 ? -10.265 -11.438 -12.091 1.00 31.04 ? 143 ILE A CB  1 
ATOM   1019 C  CG1 . ILE A 1 125 ? -9.275  -10.674 -12.956 1.00 30.85 ? 143 ILE A CG1 1 
ATOM   1020 C  CG2 . ILE A 1 125 ? -11.424 -10.527 -11.726 1.00 32.44 ? 143 ILE A CG2 1 
ATOM   1021 N  N   . ASP A 1 126 ? -10.850 -12.249 -8.781  1.00 33.25 ? 144 ASP A N   1 
ATOM   1022 C  CA  . ASP A 1 126 ? -11.617 -13.006 -7.787  1.00 34.39 ? 144 ASP A CA  1 
ATOM   1023 C  C   . ASP A 1 126 ? -12.542 -12.094 -6.991  1.00 34.56 ? 144 ASP A C   1 
ATOM   1024 O  O   . ASP A 1 126 ? -12.296 -10.902 -6.838  1.00 30.60 ? 144 ASP A O   1 
ATOM   1025 C  CB  . ASP A 1 126 ? -10.597 -13.684 -6.851  1.00 36.32 ? 144 ASP A CB  1 
ATOM   1026 C  CG  . ASP A 1 126 ? -11.204 -14.725 -5.935  1.00 38.84 ? 144 ASP A CG  1 
ATOM   1027 O  OD1 . ASP A 1 126 ? -11.959 -15.614 -6.420  1.00 38.92 ? 144 ASP A OD1 1 
ATOM   1028 O  OD2 . ASP A 1 126 ? -10.866 -14.675 -4.718  1.00 41.81 ? 144 ASP A OD2 1 
ATOM   1029 N  N   . ASN A 1 127 ? -13.604 -12.674 -6.452  1.00 36.61 ? 145 ASN A N   1 
ATOM   1030 C  CA  . ASN A 1 127 ? -14.590 -11.912 -5.711  1.00 38.75 ? 145 ASN A CA  1 
ATOM   1031 C  C   . ASN A 1 127 ? -14.935 -12.610 -4.405  1.00 39.32 ? 145 ASN A C   1 
ATOM   1032 O  O   . ASN A 1 127 ? -14.955 -12.013 -3.317  1.00 39.98 ? 145 ASN A O   1 
ATOM   1033 C  CB  . ASN A 1 127 ? -15.821 -11.769 -6.598  1.00 40.78 ? 145 ASN A CB  1 
ATOM   1034 C  CG  . ASN A 1 127 ? -16.892 -10.922 -5.983  1.00 42.41 ? 145 ASN A CG  1 
ATOM   1035 O  OD1 . ASN A 1 127 ? -16.630 -10.081 -5.120  1.00 44.14 ? 145 ASN A OD1 1 
ATOM   1036 N  ND2 . ASN A 1 127 ? -18.130 -11.133 -6.430  1.00 43.60 ? 145 ASN A ND2 1 
ATOM   1037 O  OXT . ASN A 1 127 ? -15.192 -13.806 -4.426  1.00 39.97 ? 145 ASN A OXT 1 
HETATM 1038 AS AS  . CAC B 2 .   ? -6.807  -1.648  10.907  1.00 23.44 ? 1   CAC A AS  1 
HETATM 1039 O  O1  . CAC B 2 .   ? -8.154  -1.888  9.808   1.00 22.48 ? 1   CAC A O1  1 
HETATM 1040 O  O2  . CAC B 2 .   ? -5.372  -1.263  9.971   1.00 26.09 ? 1   CAC A O2  1 
HETATM 1041 C  C1  . CAC B 2 .   ? -7.090  -0.143  12.154  1.00 23.55 ? 1   CAC A C1  1 
HETATM 1042 C  C2  . CAC B 2 .   ? -6.500  -3.337  11.834  1.00 20.57 ? 1   CAC A C2  1 
HETATM 1043 O  O   . HOH C 3 .   ? -6.518  0.104   6.731   1.00 12.53 ? 146 HOH A O   1 
HETATM 1044 O  O   . HOH C 3 .   ? -5.784  10.236  10.238  1.00 14.96 ? 147 HOH A O   1 
HETATM 1045 O  O   . HOH C 3 .   ? -4.100  11.380  -5.604  1.00 15.98 ? 148 HOH A O   1 
HETATM 1046 O  O   . HOH C 3 .   ? 3.153   4.848   -6.475  1.00 25.87 ? 149 HOH A O   1 
HETATM 1047 O  O   . HOH C 3 .   ? -2.182  12.071  -3.850  1.00 17.38 ? 150 HOH A O   1 
HETATM 1048 O  O   . HOH C 3 .   ? 15.684  -0.079  6.370   1.00 19.28 ? 151 HOH A O   1 
HETATM 1049 O  O   . HOH C 3 .   ? 9.266   -8.341  13.242  1.00 22.40 ? 152 HOH A O   1 
HETATM 1050 O  O   . HOH C 3 .   ? 1.119   5.296   19.233  1.00 22.75 ? 153 HOH A O   1 
HETATM 1051 O  O   . HOH C 3 .   ? 4.627   5.231   16.869  1.00 21.55 ? 154 HOH A O   1 
HETATM 1052 O  O   . HOH C 3 .   ? -6.451  8.265   4.591   1.00 15.97 ? 155 HOH A O   1 
HETATM 1053 O  O   . HOH C 3 .   ? 14.579  6.792   1.557   1.00 16.99 ? 156 HOH A O   1 
HETATM 1054 O  O   . HOH C 3 .   ? -12.250 5.765   9.977   1.00 19.78 ? 157 HOH A O   1 
HETATM 1055 O  O   . HOH C 3 .   ? 8.964   11.969  13.915  1.00 24.76 ? 158 HOH A O   1 
HETATM 1056 O  O   . HOH C 3 .   ? -4.651  -5.819  -2.021  1.00 27.14 ? 159 HOH A O   1 
HETATM 1057 O  O   . HOH C 3 .   ? -2.186  -10.131 -20.588 1.00 19.02 ? 160 HOH A O   1 
HETATM 1058 O  O   . HOH C 3 .   ? 7.066   4.935   -0.807  1.00 15.78 ? 161 HOH A O   1 
HETATM 1059 O  O   . HOH C 3 .   ? -3.710  12.492  -1.562  1.00 20.86 ? 162 HOH A O   1 
HETATM 1060 O  O   . HOH C 3 .   ? -4.393  13.634  3.828   1.00 27.06 ? 163 HOH A O   1 
HETATM 1061 O  O   . HOH C 3 .   ? 9.920   -7.464  7.182   1.00 31.86 ? 164 HOH A O   1 
HETATM 1062 O  O   . HOH C 3 .   ? 16.626  -11.926 4.375   1.00 23.27 ? 165 HOH A O   1 
HETATM 1063 O  O   . HOH C 3 .   ? 4.297   -10.404 15.139  1.00 31.04 ? 166 HOH A O   1 
HETATM 1064 O  O   . HOH C 3 .   ? 14.643  5.122   -0.731  1.00 22.57 ? 167 HOH A O   1 
HETATM 1065 O  O   . HOH C 3 .   ? 8.216   9.282   -1.780  1.00 21.66 ? 168 HOH A O   1 
HETATM 1066 O  O   . HOH C 3 .   ? 15.225  8.513   7.795   1.00 27.69 ? 169 HOH A O   1 
HETATM 1067 O  O   . HOH C 3 .   ? 6.007   -9.648  -12.760 1.00 23.08 ? 170 HOH A O   1 
HETATM 1068 O  O   . HOH C 3 .   ? 5.982   12.357  6.841   1.00 23.05 ? 171 HOH A O   1 
HETATM 1069 O  O   A HOH C 3 .   ? 8.288   5.902   20.198  0.50 9.26  ? 172 HOH A O   1 
HETATM 1070 O  O   B HOH C 3 .   ? 9.745   5.335   19.631  0.50 15.45 ? 172 HOH A O   1 
HETATM 1071 O  O   . HOH C 3 .   ? 8.994   -9.990  -4.203  1.00 40.90 ? 173 HOH A O   1 
HETATM 1072 O  O   . HOH C 3 .   ? 5.654   -4.893  7.785   1.00 24.16 ? 174 HOH A O   1 
HETATM 1073 O  O   . HOH C 3 .   ? 0.923   12.616  12.396  1.00 24.09 ? 175 HOH A O   1 
HETATM 1074 O  O   A HOH C 3 .   ? 12.205  12.234  -0.587  0.50 8.21  ? 176 HOH A O   1 
HETATM 1075 O  O   B HOH C 3 .   ? 12.247  10.733  -1.532  0.50 16.53 ? 176 HOH A O   1 
HETATM 1076 O  O   . HOH C 3 .   ? 5.492   -2.228  -12.867 1.00 22.05 ? 177 HOH A O   1 
HETATM 1077 O  O   . HOH C 3 .   ? 14.685  11.058  9.128   1.00 32.24 ? 178 HOH A O   1 
HETATM 1078 O  O   . HOH C 3 .   ? 16.592  -5.075  5.094   1.00 35.85 ? 179 HOH A O   1 
HETATM 1079 O  O   . HOH C 3 .   ? 0.697   -6.708  -20.662 1.00 27.96 ? 180 HOH A O   1 
HETATM 1080 O  O   . HOH C 3 .   ? -4.382  -9.481  2.488   1.00 41.32 ? 181 HOH A O   1 
HETATM 1081 O  O   . HOH C 3 .   ? -4.337  12.913  -7.832  1.00 25.94 ? 182 HOH A O   1 
HETATM 1082 O  O   . HOH C 3 .   ? 5.890   10.496  -2.647  1.00 27.14 ? 183 HOH A O   1 
HETATM 1083 O  O   . HOH C 3 .   ? 1.513   2.054   -15.724 1.00 26.97 ? 184 HOH A O   1 
HETATM 1084 O  O   . HOH C 3 .   ? 12.292  -4.956  2.581   1.00 28.44 ? 185 HOH A O   1 
HETATM 1085 O  O   . HOH C 3 .   ? 15.697  -11.018 11.849  1.00 26.95 ? 186 HOH A O   1 
HETATM 1086 O  O   . HOH C 3 .   ? 6.209   -1.820  -8.750  1.00 31.64 ? 187 HOH A O   1 
HETATM 1087 O  O   . HOH C 3 .   ? 5.470   -2.670  -16.734 1.00 31.26 ? 188 HOH A O   1 
HETATM 1088 O  O   . HOH C 3 .   ? 8.238   13.595  8.037   1.00 24.83 ? 189 HOH A O   1 
HETATM 1089 O  O   . HOH C 3 .   ? 1.698   17.933  1.734   1.00 31.09 ? 190 HOH A O   1 
HETATM 1090 O  O   . HOH C 3 .   ? 12.386  -4.928  14.531  1.00 37.63 ? 191 HOH A O   1 
HETATM 1091 O  O   . HOH C 3 .   ? 4.073   1.441   17.480  1.00 23.39 ? 192 HOH A O   1 
HETATM 1092 O  O   . HOH C 3 .   ? -6.653  11.332  -4.717  1.00 24.78 ? 193 HOH A O   1 
HETATM 1093 O  O   . HOH C 3 .   ? 2.950   -13.206 -12.079 1.00 29.81 ? 194 HOH A O   1 
HETATM 1094 O  O   . HOH C 3 .   ? 5.425   -6.911  -0.384  1.00 28.61 ? 195 HOH A O   1 
HETATM 1095 O  O   A HOH C 3 .   ? 16.732  6.884   6.811   0.50 10.57 ? 196 HOH A O   1 
HETATM 1096 O  O   B HOH C 3 .   ? 16.149  8.545   5.608   0.50 18.57 ? 196 HOH A O   1 
HETATM 1097 O  O   . HOH C 3 .   ? 12.483  7.120   18.391  1.00 40.40 ? 197 HOH A O   1 
HETATM 1098 O  O   . HOH C 3 .   ? 7.633   6.601   -2.806  1.00 20.66 ? 198 HOH A O   1 
HETATM 1099 O  O   . HOH C 3 .   ? -9.531  3.751   -12.200 1.00 35.62 ? 199 HOH A O   1 
HETATM 1100 O  O   . HOH C 3 .   ? 7.031   -3.775  20.753  1.00 39.26 ? 200 HOH A O   1 
HETATM 1101 O  O   . HOH C 3 .   ? 8.691   -6.984  20.096  1.00 32.13 ? 201 HOH A O   1 
HETATM 1102 O  O   . HOH C 3 .   ? 12.770  -1.185  -3.113  1.00 31.08 ? 202 HOH A O   1 
HETATM 1103 O  O   . HOH C 3 .   ? -15.302 -9.458  -12.862 1.00 44.23 ? 203 HOH A O   1 
HETATM 1104 O  O   . HOH C 3 .   ? -8.407  -12.480 1.371   1.00 25.31 ? 204 HOH A O   1 
HETATM 1105 O  O   . HOH C 3 .   ? 3.552   3.702   19.124  1.00 33.19 ? 205 HOH A O   1 
HETATM 1106 O  O   . HOH C 3 .   ? 7.323   -4.697  3.067   1.00 36.52 ? 206 HOH A O   1 
HETATM 1107 O  O   . HOH C 3 .   ? 15.116  12.736  6.017   1.00 31.01 ? 207 HOH A O   1 
HETATM 1108 O  O   A HOH C 3 .   ? -13.889 8.209   4.148   0.50 14.09 ? 208 HOH A O   1 
HETATM 1109 O  O   B HOH C 3 .   ? -15.052 7.100   3.584   0.50 20.46 ? 208 HOH A O   1 
HETATM 1110 O  O   . HOH C 3 .   ? -13.101 2.408   -10.843 1.00 33.25 ? 209 HOH A O   1 
HETATM 1111 O  O   . HOH C 3 .   ? 2.332   18.709  4.268   1.00 44.86 ? 210 HOH A O   1 
HETATM 1112 O  O   . HOH C 3 .   ? -11.851 -3.129  9.643   1.00 21.89 ? 211 HOH A O   1 
HETATM 1113 O  O   . HOH C 3 .   ? -0.904  14.075  -4.906  1.00 28.25 ? 212 HOH A O   1 
HETATM 1114 O  O   . HOH C 3 .   ? -10.507 4.517   -6.467  1.00 37.08 ? 213 HOH A O   1 
HETATM 1115 O  O   . HOH C 3 .   ? -2.800  10.953  -10.572 1.00 42.68 ? 214 HOH A O   1 
HETATM 1116 O  O   . HOH C 3 .   ? -14.310 4.418   10.724  1.00 32.93 ? 215 HOH A O   1 
HETATM 1117 O  O   . HOH C 3 .   ? 6.756   3.818   -5.681  1.00 31.23 ? 216 HOH A O   1 
HETATM 1118 O  O   . HOH C 3 .   ? -6.810  16.498  3.556   1.00 33.62 ? 217 HOH A O   1 
HETATM 1119 O  O   . HOH C 3 .   ? 1.886   5.151   -14.066 1.00 34.69 ? 218 HOH A O   1 
HETATM 1120 O  O   . HOH C 3 .   ? -9.001  8.094   -4.014  1.00 29.83 ? 219 HOH A O   1 
HETATM 1121 O  O   . HOH C 3 .   ? 11.257  13.505  3.925   1.00 35.93 ? 220 HOH A O   1 
HETATM 1122 O  O   . HOH C 3 .   ? 0.355   12.511  7.899   1.00 28.43 ? 221 HOH A O   1 
HETATM 1123 O  O   . HOH C 3 .   ? 9.635   -8.188  4.707   1.00 42.09 ? 222 HOH A O   1 
HETATM 1124 O  O   . HOH C 3 .   ? -18.838 -0.183  -4.452  1.00 35.45 ? 223 HOH A O   1 
HETATM 1125 O  O   . HOH C 3 .   ? -7.836  11.575  8.963   1.00 26.76 ? 224 HOH A O   1 
HETATM 1126 O  O   . HOH C 3 .   ? 13.068  13.548  5.259   1.00 33.93 ? 225 HOH A O   1 
HETATM 1127 O  O   . HOH C 3 .   ? 0.989   -5.400  11.563  1.00 30.46 ? 226 HOH A O   1 
HETATM 1128 O  O   . HOH C 3 .   ? -13.934 -1.117  4.425   1.00 31.95 ? 227 HOH A O   1 
HETATM 1129 O  O   . HOH C 3 .   ? 12.719  -12.446 3.689   1.00 48.56 ? 228 HOH A O   1 
HETATM 1130 O  O   A HOH C 3 .   ? -11.426 8.596   6.934   0.50 19.19 ? 229 HOH A O   1 
HETATM 1131 O  O   B HOH C 3 .   ? -12.377 7.181   7.178   0.50 8.47  ? 229 HOH A O   1 
HETATM 1132 O  O   . HOH C 3 .   ? 6.341   -2.642  18.529  1.00 26.95 ? 230 HOH A O   1 
HETATM 1133 O  O   . HOH C 3 .   ? -7.289  -11.662 -7.254  1.00 40.27 ? 231 HOH A O   1 
HETATM 1134 O  O   . HOH C 3 .   ? -8.741  -9.516  -18.319 1.00 46.98 ? 232 HOH A O   1 
HETATM 1135 O  O   . HOH C 3 .   ? -10.265 -11.107 0.552   1.00 35.24 ? 233 HOH A O   1 
HETATM 1136 O  O   . HOH C 3 .   ? -5.299  10.859  1.494   1.00 27.87 ? 234 HOH A O   1 
HETATM 1137 O  O   . HOH C 3 .   ? 7.804   -9.985  10.598  1.00 37.67 ? 235 HOH A O   1 
HETATM 1138 O  O   . HOH C 3 .   ? 4.015   -1.347  -18.644 1.00 35.88 ? 236 HOH A O   1 
HETATM 1139 O  O   . HOH C 3 .   ? -8.260  9.177   -0.668  1.00 45.15 ? 237 HOH A O   1 
HETATM 1140 O  O   . HOH C 3 .   ? 4.429   9.215   -4.549  1.00 40.13 ? 238 HOH A O   1 
HETATM 1141 O  O   . HOH C 3 .   ? 10.337  10.243  -3.123  1.00 31.03 ? 239 HOH A O   1 
HETATM 1142 O  O   . HOH C 3 .   ? 2.761   -4.958  15.530  1.00 41.25 ? 240 HOH A O   1 
HETATM 1143 O  O   . HOH C 3 .   ? 1.669   -4.960  6.747   1.00 38.44 ? 241 HOH A O   1 
HETATM 1144 O  O   . HOH C 3 .   ? 0.180   -3.055  10.627  1.00 30.50 ? 242 HOH A O   1 
HETATM 1145 O  O   . HOH C 3 .   ? -4.351  -0.293  -18.778 1.00 36.44 ? 243 HOH A O   1 
HETATM 1146 O  O   . HOH C 3 .   ? -9.650  -3.777  -20.390 1.00 37.83 ? 244 HOH A O   1 
HETATM 1147 O  O   A HOH C 3 .   ? -18.277 0.516   -11.747 0.50 16.96 ? 245 HOH A O   1 
HETATM 1148 O  O   B HOH C 3 .   ? -18.181 -1.217  -11.207 0.50 17.63 ? 245 HOH A O   1 
HETATM 1149 O  O   . HOH C 3 .   ? 7.249   -3.619  -6.886  1.00 35.04 ? 246 HOH A O   1 
HETATM 1150 O  O   . HOH C 3 .   ? -13.425 -4.931  -0.717  1.00 26.29 ? 247 HOH A O   1 
HETATM 1151 O  O   . HOH C 3 .   ? -18.911 -1.981  -9.247  1.00 37.87 ? 248 HOH A O   1 
HETATM 1152 O  O   . HOH C 3 .   ? -20.374 -6.711  -6.159  1.00 47.11 ? 249 HOH A O   1 
HETATM 1153 O  O   . HOH C 3 .   ? -3.323  -16.699 -14.395 1.00 34.31 ? 250 HOH A O   1 
HETATM 1154 O  O   . HOH C 3 .   ? 10.515  -14.149 9.439   1.00 34.60 ? 251 HOH A O   1 
HETATM 1155 O  O   . HOH C 3 .   ? 5.103   -7.012  19.777  1.00 34.95 ? 252 HOH A O   1 
HETATM 1156 O  O   . HOH C 3 .   ? 13.895  -6.684  16.394  1.00 36.39 ? 253 HOH A O   1 
HETATM 1157 O  O   . HOH C 3 .   ? 14.432  -10.466 14.140  1.00 32.38 ? 254 HOH A O   1 
HETATM 1158 O  O   . HOH C 3 .   ? 15.355  -9.227  16.212  1.00 33.39 ? 255 HOH A O   1 
HETATM 1159 O  O   . HOH C 3 .   ? 14.349  -7.242  19.080  1.00 40.07 ? 256 HOH A O   1 
HETATM 1160 O  O   . HOH C 3 .   ? 13.373  9.377   16.949  1.00 32.22 ? 257 HOH A O   1 
HETATM 1161 O  O   . HOH C 3 .   ? 11.802  13.846  9.659   1.00 32.14 ? 258 HOH A O   1 
HETATM 1162 O  O   . HOH C 3 .   ? 6.484   13.051  -3.601  1.00 37.80 ? 259 HOH A O   1 
HETATM 1163 O  O   . HOH C 3 .   ? 15.799  -7.479  9.458   1.00 37.56 ? 260 HOH A O   1 
HETATM 1164 O  O   A HOH C 3 .   ? 1.087   9.542   -10.014 0.50 26.72 ? 261 HOH A O   1 
HETATM 1165 O  O   B HOH C 3 .   ? -0.056  8.281   -11.037 0.50 20.02 ? 261 HOH A O   1 
HETATM 1166 O  O   A HOH C 3 .   ? -13.628 7.880   -0.952  0.50 19.16 ? 262 HOH A O   1 
HETATM 1167 O  O   B HOH C 3 .   ? -12.966 8.042   0.525   0.50 19.85 ? 262 HOH A O   1 
HETATM 1168 O  O   . HOH C 3 .   ? 5.043   3.423   -8.007  1.00 38.95 ? 263 HOH A O   1 
HETATM 1169 O  O   . HOH C 3 .   ? 10.012  -6.140  -9.779  1.00 31.26 ? 264 HOH A O   1 
HETATM 1170 O  O   . HOH C 3 .   ? 8.955   -8.919  -12.243 1.00 34.01 ? 265 HOH A O   1 
HETATM 1171 O  O   . HOH C 3 .   ? 8.250   -12.217 -5.167  1.00 45.20 ? 266 HOH A O   1 
HETATM 1172 O  O   . HOH C 3 .   ? -7.475  -11.933 -0.826  1.00 42.43 ? 267 HOH A O   1 
HETATM 1173 O  O   . HOH C 3 .   ? 10.373  -12.267 19.638  1.00 34.30 ? 268 HOH A O   1 
HETATM 1174 O  O   . HOH C 3 .   ? 6.075   -13.485 -4.384  1.00 40.42 ? 269 HOH A O   1 
HETATM 1175 O  O   . HOH C 3 .   ? 14.347  3.985   18.911  1.00 40.50 ? 270 HOH A O   1 
HETATM 1176 O  O   . HOH C 3 .   ? -9.335  -15.434 -12.953 1.00 48.00 ? 271 HOH A O   1 
HETATM 1177 O  O   . HOH C 3 .   ? 2.040   14.643  7.156   1.00 46.80 ? 272 HOH A O   1 
HETATM 1178 O  O   . HOH C 3 .   ? 17.634  -9.794  2.769   1.00 50.83 ? 273 HOH A O   1 
HETATM 1179 O  O   . HOH C 3 .   ? 11.855  1.302   19.633  1.00 42.29 ? 274 HOH A O   1 
HETATM 1180 O  O   . HOH C 3 .   ? -11.686 -16.500 -9.988  1.00 46.86 ? 275 HOH A O   1 
HETATM 1181 O  O   . HOH C 3 .   ? -6.998  12.123  14.701  1.00 39.35 ? 276 HOH A O   1 
HETATM 1182 O  O   . HOH C 3 .   ? -9.714  10.723  13.340  1.00 47.94 ? 277 HOH A O   1 
HETATM 1183 O  O   . HOH C 3 .   ? 4.213   13.272  8.276   1.00 33.06 ? 278 HOH A O   1 
# 
